data_7FVT
#
_entry.id   7FVT
#
_cell.length_a   92.938
_cell.length_b   92.938
_cell.length_c   407.651
_cell.angle_alpha   90.000
_cell.angle_beta   90.000
_cell.angle_gamma   120.000
#
_symmetry.space_group_name_H-M   'P 61'
#
loop_
_entity.id
_entity.type
_entity.pdbx_description
1 polymer 'DNA gyrase subunit B,DNA gyrase subunit A Chimera'
2 polymer "DNA (5'-D(*AP*GP*CP*CP*GP*TP*AP*GP*GP*GP*CP*CP*CP*TP*AP*CP*GP*GP*CP*T)-3')"
3 non-polymer 'MANGANESE (II) ION'
4 non-polymer 'CHLORIDE ION'
5 non-polymer 6-{(5R)-5-[2-({[(2R)-4-chloro-2,3-dihydro-1H-inden-2-yl]methyl}amino)ethyl]-2-oxo-1,3-oxazolidin-3-yl}-2H-pyrido[3,2-b][1,4]oxazin-3(4H)-one
6 water water
#
loop_
_entity_poly.entity_id
_entity_poly.type
_entity_poly.pdbx_seq_one_letter_code
_entity_poly.pdbx_strand_id
1 'polypeptide(L)'
;MDVASLPGKLADCSSKSPEECEIFLVEGDSAGGSTKSGRDSRTQAILPLRGKILNVEKARLDRILNNNEIRQMITAFGTG
IGGDFDLAKARYHKIVIMTDADVDGAHIRTLLLTFFYRFMRPLIEAGYVYIAQPPTGYKGLGEMNADQLWETTMNPEHRA
LLQVKLEDAIEADQTFEMLMGDVVENRRQFIEDNAVYANLDFAELPQSRINERNITSEMRESFLDYAMSVIVARALPDVR
DGLKPVHRRILYGLNEQGMTPDKSYKKSARIVGDVMGKYHPHGDSSIYEAMVRMAQDFSYRYPLVDGQGNFGSMDGDGAA
AMRFTEARMTKITLELLRDINKDTIDFIDNYDGNEREPSVLPARFPNLLANGASGIAVGMATNIPPHNLTELINGVLSLS
KNPDISIAELMEDIEGPDFPTAGLILGKSGIRRAYETGRGSIQMRSRAVIEERGGGRQRIVVTEIPFQVNKARMIEKIAE
LVRDKKIDGITDLRDETSLRTGVRVVIDVRKDANASVILNNLYKQTPLQTSFGVNMIALVNGRPKLINLKEALVHYLEHQ
KTVVRRRTQYNLRKAKDRAHILEGLRIALDHIDEIISTIRESDTDKVAMESLQQRFKLSEKQAQAILDMRLRRLTGLERD
KIEAEYNELLNYISELETILADEEVLLQLVRDELTEIRDRFGDDRRTEIQLG
;
A,B
2 'polydeoxyribonucleotide' (DA)(DG)(DC)(DC)(DG)(DT)(DA)(DG)(DG)(DG)(DC)(DC)(DC)(DT)(DA)(DC)(DG)(DG)(DC)(DT) C,D
#
# COMPACT_ATOMS: atom_id res chain seq x y z
N LYS A 9 -16.14 21.29 -4.71
CA LYS A 9 -16.78 22.07 -3.67
C LYS A 9 -15.89 23.24 -3.32
N LEU A 10 -16.40 24.45 -3.54
CA LEU A 10 -15.59 25.65 -3.45
C LEU A 10 -15.22 25.95 -2.00
N ALA A 11 -13.96 26.34 -1.80
CA ALA A 11 -13.50 26.97 -0.56
C ALA A 11 -13.31 28.44 -0.90
N ASP A 12 -14.37 29.23 -0.69
CA ASP A 12 -14.36 30.60 -1.15
C ASP A 12 -13.44 31.46 -0.28
N CYS A 13 -13.18 32.67 -0.75
CA CYS A 13 -12.47 33.68 0.03
C CYS A 13 -13.48 34.68 0.58
N SER A 14 -13.11 35.33 1.69
CA SER A 14 -14.07 36.18 2.39
C SER A 14 -14.34 37.47 1.63
N SER A 15 -13.35 38.03 0.94
CA SER A 15 -13.56 39.26 0.19
C SER A 15 -14.49 39.03 -0.99
N LYS A 16 -15.26 40.07 -1.32
CA LYS A 16 -16.22 40.05 -2.42
C LYS A 16 -15.95 41.17 -3.43
N SER A 17 -14.71 41.64 -3.50
CA SER A 17 -14.29 42.51 -4.58
C SER A 17 -13.59 41.66 -5.63
N PRO A 18 -14.23 41.35 -6.77
CA PRO A 18 -13.62 40.41 -7.71
C PRO A 18 -12.28 40.86 -8.22
N GLU A 19 -12.02 42.18 -8.22
CA GLU A 19 -10.77 42.72 -8.76
C GLU A 19 -9.55 42.18 -8.02
N GLU A 20 -9.68 41.89 -6.73
CA GLU A 20 -8.56 41.43 -5.93
C GLU A 20 -8.64 39.96 -5.53
N CYS A 21 -9.61 39.20 -6.05
CA CYS A 21 -9.83 37.82 -5.63
C CYS A 21 -9.33 36.83 -6.67
N GLU A 22 -8.67 35.77 -6.20
CA GLU A 22 -8.10 34.75 -7.05
C GLU A 22 -8.73 33.41 -6.71
N ILE A 23 -9.01 32.61 -7.74
CA ILE A 23 -9.49 31.25 -7.55
C ILE A 23 -8.48 30.31 -8.18
N PHE A 24 -8.00 29.35 -7.41
CA PHE A 24 -7.04 28.37 -7.89
C PHE A 24 -7.77 27.07 -8.20
N LEU A 25 -7.47 26.49 -9.36
CA LEU A 25 -7.99 25.18 -9.74
C LEU A 25 -6.89 24.14 -9.51
N VAL A 26 -7.17 23.16 -8.66
CA VAL A 26 -6.22 22.10 -8.32
C VAL A 26 -6.88 20.75 -8.64
N GLU A 27 -6.06 19.70 -8.67
CA GLU A 27 -6.51 18.43 -9.25
C GLU A 27 -7.54 17.70 -8.38
N GLY A 28 -7.51 17.93 -7.07
CA GLY A 28 -8.40 17.21 -6.18
C GLY A 28 -8.14 17.59 -4.74
N ASP A 29 -8.68 16.80 -3.82
CA ASP A 29 -8.67 17.19 -2.41
C ASP A 29 -7.33 16.94 -1.74
N SER A 30 -6.60 15.90 -2.15
CA SER A 30 -5.23 15.76 -1.69
C SER A 30 -4.46 17.04 -1.97
N ALA A 31 -4.54 17.53 -3.20
CA ALA A 31 -3.90 18.78 -3.58
C ALA A 31 -4.59 19.97 -2.93
N GLY A 32 -5.91 19.90 -2.78
CA GLY A 32 -6.65 21.01 -2.20
C GLY A 32 -6.32 21.29 -0.74
N GLY A 33 -5.97 20.24 0.02
CA GLY A 33 -5.73 20.43 1.44
C GLY A 33 -4.46 21.22 1.70
N SER A 34 -3.40 20.95 0.93
CA SER A 34 -2.18 21.74 1.04
C SER A 34 -2.44 23.18 0.62
N THR A 35 -3.30 23.36 -0.39
CA THR A 35 -3.59 24.68 -0.92
C THR A 35 -4.41 25.51 0.05
N LYS A 36 -5.40 24.88 0.71
CA LYS A 36 -6.21 25.58 1.69
C LYS A 36 -5.38 26.01 2.89
N SER A 37 -4.50 25.14 3.36
CA SER A 37 -3.70 25.48 4.54
C SER A 37 -2.73 26.62 4.24
N GLY A 38 -2.32 26.77 2.98
CA GLY A 38 -1.28 27.74 2.66
C GLY A 38 -1.79 29.05 2.11
N ARG A 39 -3.06 29.12 1.73
CA ARG A 39 -3.55 30.27 1.02
C ARG A 39 -3.68 31.48 1.95
N ASP A 40 -3.98 32.62 1.34
CA ASP A 40 -4.49 33.79 2.05
C ASP A 40 -6.00 33.79 1.85
N SER A 41 -6.74 33.35 2.86
CA SER A 41 -8.17 33.12 2.66
C SER A 41 -8.96 34.39 2.44
N ARG A 42 -8.36 35.56 2.62
CA ARG A 42 -9.10 36.79 2.34
C ARG A 42 -9.39 36.91 0.85
N THR A 43 -8.41 36.58 0.01
CA THR A 43 -8.48 36.90 -1.41
C THR A 43 -8.37 35.70 -2.33
N GLN A 44 -8.18 34.50 -1.79
CA GLN A 44 -7.80 33.33 -2.59
C GLN A 44 -8.78 32.19 -2.33
N ALA A 45 -9.66 31.93 -3.29
CA ALA A 45 -10.57 30.80 -3.23
C ALA A 45 -9.94 29.56 -3.89
N ILE A 46 -10.45 28.39 -3.52
CA ILE A 46 -9.92 27.13 -4.05
C ILE A 46 -11.05 26.25 -4.53
N LEU A 47 -10.90 25.71 -5.74
CA LEU A 47 -11.82 24.72 -6.28
C LEU A 47 -11.02 23.48 -6.62
N PRO A 48 -11.03 22.46 -5.76
CA PRO A 48 -10.46 21.17 -6.15
C PRO A 48 -11.39 20.50 -7.16
N LEU A 49 -10.79 19.98 -8.24
CA LEU A 49 -11.58 19.28 -9.23
C LEU A 49 -11.53 17.78 -8.95
N ARG A 50 -11.58 16.94 -9.98
CA ARG A 50 -11.59 15.48 -9.83
C ARG A 50 -10.78 14.81 -10.93
N GLY A 51 -9.53 15.28 -11.10
CA GLY A 51 -8.64 14.66 -12.07
C GLY A 51 -8.95 15.12 -13.47
N LYS A 52 -8.78 14.22 -14.44
CA LYS A 52 -9.06 14.50 -15.84
C LYS A 52 -10.47 15.08 -16.00
N ILE A 53 -10.58 16.28 -16.61
CA ILE A 53 -11.89 16.84 -16.90
C ILE A 53 -12.29 16.46 -18.31
N LEU A 54 -13.59 16.58 -18.59
CA LEU A 54 -14.15 16.34 -19.92
C LEU A 54 -13.43 17.16 -21.00
N ASN A 55 -13.12 16.50 -22.11
CA ASN A 55 -12.56 17.17 -23.29
C ASN A 55 -13.73 17.74 -24.09
N VAL A 56 -14.00 19.04 -23.91
CA VAL A 56 -15.15 19.64 -24.55
C VAL A 56 -15.01 19.73 -26.05
N GLU A 57 -13.79 19.59 -26.57
CA GLU A 57 -13.61 19.60 -28.03
C GLU A 57 -14.18 18.34 -28.66
N LYS A 58 -14.26 17.24 -27.90
CA LYS A 58 -14.75 15.94 -28.39
C LYS A 58 -16.17 15.62 -27.95
N ALA A 59 -16.72 16.36 -27.00
CA ALA A 59 -17.94 15.96 -26.31
C ALA A 59 -19.19 16.60 -26.92
N ARG A 60 -20.28 15.84 -26.86
CA ARG A 60 -21.60 16.34 -27.21
C ARG A 60 -22.03 17.44 -26.25
N LEU A 61 -22.83 18.39 -26.75
CA LEU A 61 -23.02 19.65 -26.01
C LEU A 61 -23.86 19.48 -24.76
N ASP A 62 -24.95 18.70 -24.85
CA ASP A 62 -25.77 18.45 -23.67
C ASP A 62 -24.93 17.83 -22.55
N ARG A 63 -23.95 17.00 -22.91
CA ARG A 63 -23.17 16.26 -21.93
C ARG A 63 -22.23 17.19 -21.17
N ILE A 64 -21.61 18.14 -21.87
CA ILE A 64 -20.77 19.16 -21.24
C ILE A 64 -21.55 19.90 -20.17
N LEU A 65 -22.75 20.38 -20.51
CA LEU A 65 -23.53 21.19 -19.60
C LEU A 65 -24.03 20.41 -18.39
N ASN A 66 -24.12 19.08 -18.48
CA ASN A 66 -24.47 18.23 -17.35
C ASN A 66 -23.24 17.78 -16.55
N ASN A 67 -22.04 18.02 -17.04
CA ASN A 67 -20.84 17.53 -16.38
C ASN A 67 -20.66 18.21 -15.03
N ASN A 68 -20.58 17.41 -13.98
CA ASN A 68 -20.52 17.96 -12.62
C ASN A 68 -19.37 18.95 -12.46
N GLU A 69 -18.18 18.60 -12.96
CA GLU A 69 -17.02 19.47 -12.81
C GLU A 69 -17.18 20.75 -13.62
N ILE A 70 -17.62 20.63 -14.87
CA ILE A 70 -17.88 21.80 -15.71
C ILE A 70 -18.82 22.76 -14.98
N ARG A 71 -19.86 22.20 -14.37
CA ARG A 71 -20.88 23.03 -13.73
C ARG A 71 -20.35 23.75 -12.50
N GLN A 72 -19.39 23.15 -11.79
CA GLN A 72 -18.89 23.79 -10.58
C GLN A 72 -17.97 24.96 -10.89
N MET A 73 -17.32 24.95 -12.06
CA MET A 73 -16.48 26.08 -12.45
C MET A 73 -17.34 27.23 -12.96
N ILE A 74 -18.32 26.92 -13.81
CA ILE A 74 -19.27 27.93 -14.27
C ILE A 74 -19.91 28.64 -13.08
N THR A 75 -20.50 27.86 -12.16
CA THR A 75 -21.07 28.45 -10.94
C THR A 75 -20.03 29.28 -10.22
N ALA A 76 -18.82 28.73 -10.06
CA ALA A 76 -17.78 29.44 -9.32
C ALA A 76 -17.42 30.76 -10.01
N PHE A 77 -17.31 30.74 -11.33
CA PHE A 77 -16.88 31.94 -12.04
C PHE A 77 -17.99 32.99 -12.13
N GLY A 78 -19.25 32.59 -12.04
CA GLY A 78 -20.36 33.52 -12.04
C GLY A 78 -20.67 34.15 -13.37
N THR A 79 -19.94 33.79 -14.43
CA THR A 79 -20.03 34.47 -15.73
C THR A 79 -21.09 33.92 -16.67
N GLY A 80 -21.42 32.63 -16.59
CA GLY A 80 -22.20 32.01 -17.65
C GLY A 80 -21.31 31.62 -18.82
N ILE A 81 -21.93 31.09 -19.87
CA ILE A 81 -21.17 30.41 -20.91
C ILE A 81 -21.73 30.71 -22.29
N GLY A 82 -20.86 30.67 -23.29
CA GLY A 82 -21.28 30.82 -24.67
C GLY A 82 -21.84 32.21 -24.94
N GLY A 83 -23.06 32.25 -25.48
CA GLY A 83 -23.66 33.54 -25.77
C GLY A 83 -23.85 34.40 -24.54
N ASP A 84 -24.17 33.79 -23.40
CA ASP A 84 -24.55 34.50 -22.19
C ASP A 84 -23.36 34.92 -21.33
N PHE A 85 -22.15 34.91 -21.87
CA PHE A 85 -20.98 35.27 -21.06
C PHE A 85 -21.03 36.74 -20.70
N ASP A 86 -21.07 37.03 -19.40
CA ASP A 86 -21.04 38.39 -18.87
C ASP A 86 -19.77 38.56 -18.06
N LEU A 87 -18.75 39.16 -18.67
CA LEU A 87 -17.47 39.33 -17.98
C LEU A 87 -17.58 40.27 -16.78
N ALA A 88 -18.58 41.16 -16.77
CA ALA A 88 -18.77 42.03 -15.62
C ALA A 88 -19.24 41.27 -14.38
N LYS A 89 -19.64 40.01 -14.52
CA LYS A 89 -20.10 39.20 -13.39
C LYS A 89 -19.06 38.20 -12.93
N ALA A 90 -17.85 38.23 -13.47
CA ALA A 90 -16.82 37.31 -13.00
C ALA A 90 -16.54 37.56 -11.53
N ARG A 91 -16.43 36.49 -10.76
CA ARG A 91 -16.22 36.67 -9.33
C ARG A 91 -14.75 36.77 -8.96
N TYR A 92 -13.84 36.46 -9.88
CA TYR A 92 -12.41 36.54 -9.64
C TYR A 92 -11.74 37.12 -10.87
N HIS A 93 -10.75 37.98 -10.68
CA HIS A 93 -10.02 38.52 -11.80
C HIS A 93 -8.75 37.74 -12.12
N LYS A 94 -8.45 36.69 -11.36
CA LYS A 94 -7.39 35.74 -11.70
C LYS A 94 -7.94 34.34 -11.55
N ILE A 95 -8.08 33.62 -12.67
CA ILE A 95 -8.35 32.19 -12.66
C ILE A 95 -7.01 31.49 -12.85
N VAL A 96 -6.60 30.71 -11.86
CA VAL A 96 -5.25 30.19 -11.77
C VAL A 96 -5.33 28.68 -11.86
N ILE A 97 -4.87 28.13 -12.98
CA ILE A 97 -4.73 26.70 -13.14
C ILE A 97 -3.50 26.28 -12.36
N MET A 98 -3.66 25.36 -11.43
CA MET A 98 -2.56 24.93 -10.58
C MET A 98 -2.63 23.42 -10.45
N THR A 99 -2.41 22.73 -11.58
CA THR A 99 -2.39 21.28 -11.55
C THR A 99 -1.02 20.81 -11.06
N ASP A 100 -0.86 19.49 -10.97
CA ASP A 100 0.36 18.93 -10.42
C ASP A 100 1.51 19.08 -11.43
N ALA A 101 2.74 19.09 -10.92
CA ALA A 101 3.92 19.23 -11.77
C ALA A 101 4.37 17.86 -12.31
N ASP A 102 3.47 17.23 -13.04
CA ASP A 102 3.76 16.01 -13.78
C ASP A 102 2.99 16.05 -15.09
N VAL A 103 3.21 15.06 -15.96
CA VAL A 103 2.65 15.12 -17.32
C VAL A 103 1.13 15.04 -17.30
N ASP A 104 0.53 14.34 -16.33
CA ASP A 104 -0.92 14.33 -16.24
C ASP A 104 -1.46 15.70 -15.85
N GLY A 105 -0.76 16.42 -14.95
CA GLY A 105 -1.13 17.80 -14.69
C GLY A 105 -0.97 18.70 -15.90
N ALA A 106 -0.02 18.39 -16.78
CA ALA A 106 0.03 19.10 -18.06
C ALA A 106 -1.22 18.80 -18.87
N HIS A 107 -1.60 17.53 -18.97
CA HIS A 107 -2.80 17.18 -19.74
C HIS A 107 -4.04 17.89 -19.19
N ILE A 108 -4.21 17.85 -17.87
CA ILE A 108 -5.39 18.48 -17.26
C ILE A 108 -5.42 19.96 -17.58
N ARG A 109 -4.24 20.59 -17.63
CA ARG A 109 -4.18 21.98 -18.03
C ARG A 109 -4.67 22.18 -19.47
N THR A 110 -4.28 21.29 -20.38
CA THR A 110 -4.76 21.45 -21.77
C THR A 110 -6.26 21.23 -21.87
N LEU A 111 -6.82 20.36 -21.02
CA LEU A 111 -8.27 20.19 -21.02
C LEU A 111 -8.97 21.40 -20.43
N LEU A 112 -8.39 21.98 -19.37
CA LEU A 112 -8.97 23.18 -18.78
C LEU A 112 -8.92 24.34 -19.76
N LEU A 113 -7.81 24.49 -20.49
CA LEU A 113 -7.71 25.59 -21.45
C LEU A 113 -8.68 25.39 -22.62
N THR A 114 -8.86 24.14 -23.06
CA THR A 114 -9.82 23.86 -24.12
C THR A 114 -11.21 24.32 -23.73
N PHE A 115 -11.57 24.11 -22.46
CA PHE A 115 -12.87 24.53 -21.98
C PHE A 115 -12.96 26.06 -21.89
N PHE A 116 -11.95 26.71 -21.28
CA PHE A 116 -11.96 28.18 -21.24
C PHE A 116 -12.04 28.76 -22.64
N TYR A 117 -11.31 28.20 -23.59
CA TYR A 117 -11.27 28.81 -24.92
C TYR A 117 -12.57 28.61 -25.65
N ARG A 118 -13.19 27.43 -25.51
CA ARG A 118 -14.38 27.14 -26.29
C ARG A 118 -15.65 27.66 -25.64
N PHE A 119 -15.60 28.03 -24.36
CA PHE A 119 -16.82 28.40 -23.67
C PHE A 119 -16.71 29.69 -22.87
N MET A 120 -15.51 30.14 -22.53
CA MET A 120 -15.30 31.35 -21.77
C MET A 120 -14.20 32.17 -22.41
N ARG A 121 -14.21 32.21 -23.74
CA ARG A 121 -13.13 32.86 -24.48
C ARG A 121 -12.84 34.29 -24.04
N PRO A 122 -13.83 35.12 -23.68
CA PRO A 122 -13.49 36.47 -23.20
C PRO A 122 -12.69 36.48 -21.91
N LEU A 123 -12.86 35.48 -21.03
CA LEU A 123 -12.03 35.35 -19.84
C LEU A 123 -10.54 35.39 -20.20
N ILE A 124 -10.16 34.63 -21.22
CA ILE A 124 -8.78 34.62 -21.69
C ILE A 124 -8.40 35.98 -22.26
N GLU A 125 -9.19 36.48 -23.21
CA GLU A 125 -8.85 37.73 -23.90
C GLU A 125 -8.72 38.89 -22.91
N ALA A 126 -9.55 38.89 -21.87
CA ALA A 126 -9.47 39.90 -20.82
C ALA A 126 -8.27 39.72 -19.90
N GLY A 127 -7.42 38.72 -20.13
CA GLY A 127 -6.23 38.55 -19.31
C GLY A 127 -6.49 37.92 -17.97
N TYR A 128 -7.55 37.12 -17.83
CA TYR A 128 -7.95 36.61 -16.54
C TYR A 128 -7.40 35.21 -16.23
N VAL A 129 -6.89 34.48 -17.22
CA VAL A 129 -6.45 33.11 -16.99
C VAL A 129 -4.95 33.09 -16.76
N TYR A 130 -4.53 32.44 -15.68
CA TYR A 130 -3.14 32.32 -15.32
C TYR A 130 -2.81 30.85 -15.13
N ILE A 131 -1.51 30.55 -15.23
CA ILE A 131 -0.97 29.22 -15.06
C ILE A 131 0.02 29.30 -13.91
N ALA A 132 -0.27 28.60 -12.81
CA ALA A 132 0.68 28.57 -11.72
C ALA A 132 1.84 27.62 -12.02
N GLN A 133 2.94 27.81 -11.32
CA GLN A 133 4.19 27.10 -11.57
C GLN A 133 4.72 26.47 -10.28
N PRO A 134 4.06 25.41 -9.79
CA PRO A 134 4.57 24.72 -8.61
C PRO A 134 5.81 23.92 -8.97
N PRO A 135 6.73 23.72 -8.02
CA PRO A 135 8.05 23.20 -8.38
C PRO A 135 8.02 21.71 -8.74
N THR A 136 9.03 21.30 -9.52
CA THR A 136 9.09 19.91 -9.90
C THR A 136 9.69 19.09 -8.76
N GLY A 137 9.55 17.78 -8.84
CA GLY A 137 10.02 16.92 -7.77
C GLY A 137 9.00 16.58 -6.70
N TYR A 138 7.74 16.98 -6.88
CA TYR A 138 6.64 16.52 -6.04
C TYR A 138 5.59 15.88 -6.93
N LYS A 139 5.05 14.74 -6.48
CA LYS A 139 4.06 14.02 -7.29
C LYS A 139 2.80 14.86 -7.46
N GLY A 140 2.27 15.40 -6.37
CA GLY A 140 1.22 16.39 -6.42
C GLY A 140 1.44 17.43 -5.33
N LEU A 141 0.53 18.41 -5.29
CA LEU A 141 0.61 19.44 -4.27
C LEU A 141 0.44 18.85 -2.87
N GLY A 142 -0.38 17.80 -2.73
CA GLY A 142 -0.53 17.10 -1.45
C GLY A 142 0.77 16.59 -0.86
N GLU A 143 1.81 16.44 -1.69
CA GLU A 143 3.13 16.07 -1.19
C GLU A 143 3.88 17.26 -0.62
N MET A 144 3.49 18.48 -0.97
CA MET A 144 4.13 19.67 -0.47
C MET A 144 3.52 20.06 0.86
N ASN A 145 4.34 20.63 1.73
CA ASN A 145 3.85 21.29 2.94
C ASN A 145 3.23 22.63 2.56
N ALA A 146 2.30 23.08 3.40
CA ALA A 146 1.50 24.26 3.07
C ALA A 146 2.37 25.49 2.86
N ASP A 147 3.31 25.73 3.78
CA ASP A 147 4.15 26.92 3.66
C ASP A 147 5.05 26.86 2.42
N GLN A 148 5.42 25.65 1.97
CA GLN A 148 6.19 25.53 0.73
C GLN A 148 5.32 25.88 -0.49
N LEU A 149 4.07 25.42 -0.51
CA LEU A 149 3.18 25.78 -1.60
C LEU A 149 2.90 27.27 -1.61
N TRP A 150 2.86 27.89 -0.43
CA TRP A 150 2.66 29.32 -0.35
C TRP A 150 3.87 30.07 -0.91
N GLU A 151 5.05 29.78 -0.39
CA GLU A 151 6.21 30.59 -0.76
C GLU A 151 6.62 30.38 -2.21
N THR A 152 6.43 29.18 -2.76
CA THR A 152 6.91 28.94 -4.11
C THR A 152 5.89 29.32 -5.17
N THR A 153 4.60 29.09 -4.93
CA THR A 153 3.59 29.07 -5.98
C THR A 153 2.43 30.03 -5.80
N MET A 154 2.10 30.43 -4.56
CA MET A 154 0.87 31.18 -4.31
C MET A 154 1.10 32.55 -3.74
N ASN A 155 2.20 32.78 -3.05
CA ASN A 155 2.44 34.08 -2.44
C ASN A 155 2.60 35.13 -3.53
N PRO A 156 1.75 36.15 -3.58
CA PRO A 156 1.90 37.17 -4.64
C PRO A 156 3.25 37.88 -4.62
N GLU A 157 3.95 37.87 -3.49
CA GLU A 157 5.24 38.55 -3.36
C GLU A 157 6.38 37.82 -4.07
N HIS A 158 6.28 36.51 -4.26
CA HIS A 158 7.36 35.74 -4.87
C HIS A 158 6.96 34.92 -6.09
N ARG A 159 5.68 34.62 -6.27
CA ARG A 159 5.28 33.64 -7.28
C ARG A 159 5.62 34.13 -8.68
N ALA A 160 5.56 33.20 -9.62
CA ALA A 160 5.76 33.48 -11.03
C ALA A 160 4.57 32.86 -11.75
N LEU A 161 3.43 33.53 -11.66
CA LEU A 161 2.29 33.16 -12.48
C LEU A 161 2.51 33.62 -13.92
N LEU A 162 2.15 32.77 -14.88
CA LEU A 162 2.12 33.14 -16.28
C LEU A 162 0.70 33.53 -16.65
N GLN A 163 0.55 34.69 -17.31
CA GLN A 163 -0.75 35.12 -17.79
C GLN A 163 -0.96 34.58 -19.20
N VAL A 164 -2.10 33.91 -19.41
CA VAL A 164 -2.40 33.34 -20.72
C VAL A 164 -2.83 34.44 -21.66
N LYS A 165 -2.26 34.46 -22.85
CA LYS A 165 -2.60 35.46 -23.85
C LYS A 165 -3.04 34.78 -25.14
N LEU A 166 -4.00 35.41 -25.82
CA LEU A 166 -4.52 34.97 -27.10
C LEU A 166 -4.04 35.97 -28.14
N GLU A 167 -3.05 35.57 -28.93
CA GLU A 167 -2.53 36.43 -29.99
C GLU A 167 -3.29 36.20 -31.30
N ASP A 168 -3.19 35.00 -31.85
CA ASP A 168 -3.80 34.67 -33.14
C ASP A 168 -5.04 33.82 -32.87
N ALA A 169 -6.21 34.40 -33.08
CA ALA A 169 -7.46 33.68 -32.86
C ALA A 169 -7.64 32.55 -33.86
N ILE A 170 -7.15 32.73 -35.10
CA ILE A 170 -7.27 31.67 -36.09
C ILE A 170 -6.30 30.54 -35.79
N GLU A 171 -5.08 30.87 -35.37
CA GLU A 171 -4.12 29.83 -35.04
C GLU A 171 -4.54 29.08 -33.78
N ALA A 172 -5.09 29.79 -32.81
CA ALA A 172 -5.62 29.15 -31.60
C ALA A 172 -6.76 28.19 -31.94
N ASP A 173 -7.73 28.65 -32.73
CA ASP A 173 -8.76 27.80 -33.32
C ASP A 173 -8.16 26.49 -33.84
N GLN A 174 -7.36 26.61 -34.90
CA GLN A 174 -6.76 25.42 -35.52
C GLN A 174 -6.01 24.58 -34.49
N THR A 175 -5.25 25.22 -33.60
CA THR A 175 -4.49 24.48 -32.61
C THR A 175 -5.39 23.61 -31.76
N PHE A 176 -6.45 24.20 -31.19
CA PHE A 176 -7.35 23.46 -30.33
C PHE A 176 -7.99 22.28 -31.06
N GLU A 177 -8.37 22.47 -32.34
CA GLU A 177 -8.99 21.38 -33.07
C GLU A 177 -8.00 20.29 -33.43
N MET A 178 -6.74 20.63 -33.71
CA MET A 178 -5.76 19.60 -34.06
C MET A 178 -5.33 18.80 -32.84
N LEU A 179 -5.08 19.46 -31.71
CA LEU A 179 -4.62 18.76 -30.53
C LEU A 179 -5.75 18.03 -29.81
N MET A 180 -6.92 18.66 -29.72
CA MET A 180 -7.98 18.16 -28.85
C MET A 180 -9.17 17.58 -29.60
N GLY A 181 -9.21 17.72 -30.92
CA GLY A 181 -10.32 17.26 -31.70
C GLY A 181 -10.22 15.77 -31.99
N ASP A 182 -11.20 15.27 -32.72
CA ASP A 182 -11.33 13.83 -32.88
C ASP A 182 -10.60 13.28 -34.11
N VAL A 183 -9.95 14.11 -34.91
CA VAL A 183 -9.17 13.61 -36.04
C VAL A 183 -7.78 13.20 -35.54
N VAL A 184 -7.63 11.92 -35.21
CA VAL A 184 -6.41 11.38 -34.63
C VAL A 184 -5.21 11.68 -35.52
N GLU A 185 -5.36 11.52 -36.84
CA GLU A 185 -4.22 11.58 -37.74
C GLU A 185 -3.55 12.95 -37.74
N ASN A 186 -4.30 14.02 -37.43
CA ASN A 186 -3.68 15.34 -37.33
C ASN A 186 -2.91 15.48 -36.03
N ARG A 187 -3.46 14.93 -34.95
CA ARG A 187 -2.72 14.83 -33.70
C ARG A 187 -1.47 13.97 -33.88
N ARG A 188 -1.59 12.86 -34.60
CA ARG A 188 -0.45 11.96 -34.80
C ARG A 188 0.64 12.63 -35.62
N GLN A 189 0.26 13.39 -36.65
CA GLN A 189 1.26 14.06 -37.46
C GLN A 189 1.94 15.20 -36.70
N PHE A 190 1.22 15.88 -35.82
CA PHE A 190 1.84 16.85 -34.92
C PHE A 190 2.92 16.19 -34.06
N ILE A 191 2.61 15.05 -33.43
CA ILE A 191 3.59 14.40 -32.55
C ILE A 191 4.86 14.02 -33.32
N GLU A 192 4.69 13.45 -34.51
CA GLU A 192 5.86 12.98 -35.26
C GLU A 192 6.74 14.14 -35.74
N ASP A 193 6.14 15.25 -36.18
CA ASP A 193 6.92 16.41 -36.59
C ASP A 193 7.60 17.12 -35.42
N ASN A 194 7.08 17.01 -34.20
CA ASN A 194 7.64 17.75 -33.08
C ASN A 194 8.25 16.86 -31.99
N ALA A 195 8.25 15.54 -32.16
CA ALA A 195 8.78 14.65 -31.14
C ALA A 195 10.29 14.86 -30.95
N VAL A 196 10.72 14.96 -29.69
CA VAL A 196 12.13 15.11 -29.33
C VAL A 196 12.45 14.08 -28.25
N TYR A 197 13.22 13.06 -28.61
CA TYR A 197 13.55 11.96 -27.71
C TYR A 197 14.90 12.15 -27.00
N ASN A 211 6.43 35.22 -16.42
CA ASN A 211 6.24 36.01 -17.63
C ASN A 211 4.84 35.83 -18.21
N GLU A 212 4.66 36.23 -19.47
CA GLU A 212 3.42 36.04 -20.20
C GLU A 212 3.56 34.82 -21.12
N ARG A 213 2.40 34.22 -21.47
CA ARG A 213 2.42 32.92 -22.14
C ARG A 213 1.35 32.87 -23.22
N ASN A 214 1.77 32.61 -24.46
CA ASN A 214 0.86 32.49 -25.59
C ASN A 214 0.11 31.16 -25.51
N ILE A 215 -1.21 31.21 -25.71
CA ILE A 215 -2.03 30.03 -25.48
C ILE A 215 -1.73 28.93 -26.51
N THR A 216 -1.54 29.31 -27.78
CA THR A 216 -1.13 28.35 -28.81
C THR A 216 0.12 27.58 -28.38
N SER A 217 1.14 28.32 -27.95
CA SER A 217 2.41 27.73 -27.57
C SER A 217 2.25 26.85 -26.34
N GLU A 218 1.54 27.35 -25.33
CA GLU A 218 1.35 26.55 -24.12
C GLU A 218 0.60 25.27 -24.42
N MET A 219 -0.45 25.35 -25.26
CA MET A 219 -1.18 24.15 -25.65
C MET A 219 -0.27 23.15 -26.35
N ARG A 220 0.55 23.64 -27.30
CA ARG A 220 1.44 22.75 -28.03
C ARG A 220 2.44 22.06 -27.09
N GLU A 221 3.18 22.84 -26.31
CA GLU A 221 4.23 22.26 -25.48
C GLU A 221 3.65 21.37 -24.38
N SER A 222 2.50 21.74 -23.83
CA SER A 222 1.96 20.90 -22.76
C SER A 222 1.33 19.63 -23.30
N PHE A 223 0.67 19.67 -24.46
CA PHE A 223 0.08 18.45 -25.00
C PHE A 223 1.15 17.50 -25.52
N LEU A 224 2.17 18.05 -26.18
CA LEU A 224 3.31 17.25 -26.61
C LEU A 224 4.02 16.61 -25.42
N ASP A 225 4.22 17.38 -24.35
CA ASP A 225 4.81 16.83 -23.13
C ASP A 225 3.99 15.64 -22.62
N TYR A 226 2.66 15.77 -22.62
CA TYR A 226 1.82 14.65 -22.22
C TYR A 226 1.89 13.52 -23.24
N ALA A 227 1.72 13.84 -24.53
CA ALA A 227 1.57 12.81 -25.55
C ALA A 227 2.82 11.95 -25.65
N MET A 228 4.00 12.57 -25.60
CA MET A 228 5.25 11.84 -25.72
C MET A 228 5.48 10.92 -24.53
N SER A 229 5.12 11.38 -23.33
CA SER A 229 5.27 10.56 -22.13
C SER A 229 4.38 9.31 -22.21
N VAL A 230 3.14 9.46 -22.66
CA VAL A 230 2.24 8.32 -22.80
C VAL A 230 2.78 7.35 -23.84
N ILE A 231 3.41 7.88 -24.89
CA ILE A 231 3.88 7.04 -25.98
C ILE A 231 5.12 6.25 -25.56
N VAL A 232 6.12 6.90 -24.94
CA VAL A 232 7.37 6.20 -24.66
C VAL A 232 7.50 5.71 -23.22
N ALA A 233 6.63 6.13 -22.32
CA ALA A 233 6.76 5.72 -20.92
C ALA A 233 5.41 5.41 -20.28
N ARG A 234 4.49 4.80 -21.03
CA ARG A 234 3.25 4.39 -20.39
C ARG A 234 2.51 3.31 -21.18
N ALA A 235 2.04 3.63 -22.38
CA ALA A 235 1.01 2.81 -23.02
C ALA A 235 1.55 1.77 -24.00
N LEU A 236 2.80 1.93 -24.47
CA LEU A 236 3.32 1.05 -25.51
C LEU A 236 4.47 0.18 -24.98
N PRO A 237 4.59 -1.05 -25.45
CA PRO A 237 5.65 -1.93 -24.97
C PRO A 237 6.92 -1.81 -25.78
N ASP A 238 8.02 -2.17 -25.15
CA ASP A 238 9.30 -2.15 -25.83
C ASP A 238 9.43 -3.40 -26.69
N VAL A 239 9.98 -3.24 -27.89
CA VAL A 239 10.06 -4.39 -28.78
C VAL A 239 10.94 -5.50 -28.19
N ARG A 240 11.88 -5.15 -27.30
CA ARG A 240 12.89 -6.10 -26.82
C ARG A 240 12.37 -7.06 -25.73
N ASP A 241 11.69 -6.53 -24.71
CA ASP A 241 11.16 -7.39 -23.66
C ASP A 241 9.65 -7.44 -23.63
N GLY A 242 8.99 -6.71 -24.53
CA GLY A 242 7.53 -6.72 -24.65
C GLY A 242 6.80 -6.10 -23.50
N LEU A 243 7.47 -5.29 -22.67
CA LEU A 243 6.88 -4.78 -21.45
C LEU A 243 6.58 -3.28 -21.54
N LYS A 244 5.54 -2.86 -20.84
CA LYS A 244 5.27 -1.47 -20.51
C LYS A 244 6.01 -1.13 -19.24
N PRO A 245 6.28 0.15 -18.99
CA PRO A 245 6.98 0.53 -17.76
C PRO A 245 6.34 0.02 -16.47
N VAL A 246 5.01 0.01 -16.35
CA VAL A 246 4.47 -0.44 -15.08
C VAL A 246 4.73 -1.92 -14.89
N HIS A 247 4.67 -2.72 -15.97
CA HIS A 247 4.95 -4.15 -15.84
C HIS A 247 6.43 -4.39 -15.62
N ARG A 248 7.29 -3.65 -16.30
CA ARG A 248 8.72 -3.86 -16.10
C ARG A 248 9.10 -3.57 -14.66
N ARG A 249 8.49 -2.55 -14.05
CA ARG A 249 8.82 -2.12 -12.69
C ARG A 249 8.24 -3.07 -11.64
N ILE A 250 7.04 -3.63 -11.90
CA ILE A 250 6.50 -4.67 -11.02
C ILE A 250 7.43 -5.87 -11.01
N LEU A 251 7.78 -6.37 -12.21
CA LEU A 251 8.63 -7.55 -12.32
C LEU A 251 10.03 -7.30 -11.74
N TYR A 252 10.59 -6.11 -11.96
CA TYR A 252 11.86 -5.78 -11.31
C TYR A 252 11.71 -5.65 -9.81
N GLY A 253 10.54 -5.17 -9.35
CA GLY A 253 10.33 -5.04 -7.92
C GLY A 253 10.26 -6.40 -7.25
N LEU A 254 9.57 -7.35 -7.87
CA LEU A 254 9.50 -8.71 -7.34
C LEU A 254 10.88 -9.33 -7.28
N ASN A 255 11.73 -9.02 -8.24
CA ASN A 255 13.07 -9.59 -8.27
C ASN A 255 13.97 -8.90 -7.24
N GLU A 256 13.79 -7.58 -7.05
CA GLU A 256 14.56 -6.87 -6.04
C GLU A 256 14.30 -7.43 -4.64
N GLN A 257 13.05 -7.82 -4.37
CA GLN A 257 12.68 -8.39 -3.08
C GLN A 257 12.90 -9.90 -3.00
N GLY A 258 13.51 -10.51 -4.02
CA GLY A 258 13.65 -11.96 -4.03
C GLY A 258 12.32 -12.69 -3.89
N MET A 259 11.33 -12.31 -4.70
CA MET A 259 10.01 -12.93 -4.64
C MET A 259 9.88 -13.97 -5.76
N THR A 260 10.68 -15.01 -5.59
CA THR A 260 10.90 -16.05 -6.58
C THR A 260 9.92 -17.19 -6.38
N PRO A 261 9.79 -18.10 -7.35
CA PRO A 261 8.81 -19.20 -7.19
C PRO A 261 9.09 -20.09 -5.99
N ASP A 262 10.36 -20.29 -5.64
CA ASP A 262 10.72 -21.18 -4.54
C ASP A 262 10.45 -20.57 -3.16
N LYS A 263 10.14 -19.28 -3.09
CA LYS A 263 9.82 -18.63 -1.83
C LYS A 263 8.31 -18.47 -1.69
N SER A 264 7.89 -18.22 -0.45
CA SER A 264 6.48 -18.07 -0.14
C SER A 264 5.91 -16.81 -0.80
N TYR A 265 4.58 -16.81 -0.98
CA TYR A 265 3.89 -15.65 -1.54
C TYR A 265 4.06 -14.43 -0.65
N LYS A 266 3.99 -13.26 -1.27
CA LYS A 266 4.14 -11.98 -0.58
C LYS A 266 2.87 -11.15 -0.73
N LYS A 267 2.51 -10.45 0.33
CA LYS A 267 1.28 -9.66 0.34
C LYS A 267 1.30 -8.61 -0.77
N SER A 268 0.22 -8.59 -1.56
CA SER A 268 0.17 -7.68 -2.71
C SER A 268 0.30 -6.22 -2.29
N ALA A 269 -0.20 -5.86 -1.11
CA ALA A 269 -0.05 -4.50 -0.62
C ALA A 269 1.41 -4.11 -0.45
N ARG A 270 2.20 -4.99 0.20
CA ARG A 270 3.65 -4.75 0.29
C ARG A 270 4.26 -4.53 -1.10
N ILE A 271 3.91 -5.40 -2.05
CA ILE A 271 4.51 -5.31 -3.38
C ILE A 271 4.16 -3.98 -4.04
N VAL A 272 2.87 -3.64 -4.06
CA VAL A 272 2.42 -2.40 -4.69
C VAL A 272 3.09 -1.20 -4.04
N GLY A 273 3.08 -1.16 -2.70
CA GLY A 273 3.70 -0.05 -2.00
C GLY A 273 5.18 0.06 -2.29
N ASP A 274 5.86 -1.09 -2.35
CA ASP A 274 7.26 -1.16 -2.76
C ASP A 274 7.46 -0.54 -4.15
N VAL A 275 6.71 -1.02 -5.14
CA VAL A 275 6.93 -0.55 -6.51
C VAL A 275 6.60 0.93 -6.66
N MET A 276 5.56 1.40 -5.96
CA MET A 276 5.14 2.78 -6.11
C MET A 276 6.21 3.75 -5.60
N GLY A 277 6.76 3.46 -4.41
CA GLY A 277 7.72 4.39 -3.83
C GLY A 277 9.08 4.38 -4.50
N LYS A 278 9.50 3.21 -5.00
CA LYS A 278 10.83 3.07 -5.58
C LYS A 278 10.88 3.44 -7.06
N TYR A 279 9.86 3.08 -7.83
CA TYR A 279 9.98 3.10 -9.30
C TYR A 279 8.79 3.69 -10.04
N HIS A 280 7.54 3.57 -9.55
CA HIS A 280 6.36 3.91 -10.35
C HIS A 280 5.50 4.93 -9.61
N PRO A 281 5.73 6.23 -9.87
CA PRO A 281 5.01 7.27 -9.09
C PRO A 281 3.60 7.55 -9.63
N HIS A 282 2.71 6.60 -9.41
CA HIS A 282 1.33 6.66 -9.92
C HIS A 282 0.40 5.99 -8.92
N GLY A 283 -0.88 5.87 -9.29
CA GLY A 283 -1.89 5.39 -8.37
C GLY A 283 -1.78 3.90 -8.15
N ASP A 284 -2.22 3.46 -6.97
CA ASP A 284 -2.07 2.06 -6.60
C ASP A 284 -2.95 1.17 -7.46
N SER A 285 -4.14 1.63 -7.86
CA SER A 285 -4.98 0.82 -8.72
C SER A 285 -4.31 0.53 -10.07
N SER A 286 -3.46 1.42 -10.58
CA SER A 286 -2.79 1.12 -11.85
C SER A 286 -1.74 0.04 -11.67
N ILE A 287 -0.98 0.12 -10.58
CA ILE A 287 0.03 -0.90 -10.32
C ILE A 287 -0.63 -2.23 -10.00
N TYR A 288 -1.52 -2.24 -9.01
CA TYR A 288 -2.13 -3.50 -8.60
C TYR A 288 -2.87 -4.17 -9.76
N GLU A 289 -3.68 -3.40 -10.49
CA GLU A 289 -4.46 -4.02 -11.55
C GLU A 289 -3.59 -4.47 -12.73
N ALA A 290 -2.42 -3.85 -12.93
CA ALA A 290 -1.50 -4.37 -13.95
C ALA A 290 -0.81 -5.64 -13.47
N MET A 291 -0.49 -5.71 -12.17
CA MET A 291 0.02 -6.97 -11.63
C MET A 291 -1.03 -8.07 -11.73
N VAL A 292 -2.28 -7.72 -11.49
CA VAL A 292 -3.37 -8.70 -11.52
C VAL A 292 -3.46 -9.36 -12.90
N ARG A 293 -3.52 -8.54 -13.95
CA ARG A 293 -3.61 -9.07 -15.31
C ARG A 293 -2.50 -10.07 -15.59
N MET A 294 -1.29 -9.77 -15.09
CA MET A 294 -0.15 -10.66 -15.30
C MET A 294 -0.31 -12.00 -14.61
N ALA A 295 -1.28 -12.16 -13.69
CA ALA A 295 -1.51 -13.44 -13.01
C ALA A 295 -2.69 -14.22 -13.57
N GLN A 296 -3.44 -13.65 -14.52
CA GLN A 296 -4.68 -14.25 -15.01
C GLN A 296 -4.42 -15.15 -16.21
N ASP A 297 -4.73 -16.44 -16.07
CA ASP A 297 -4.45 -17.35 -17.18
C ASP A 297 -5.41 -17.21 -18.34
N PHE A 298 -6.46 -16.39 -18.22
CA PHE A 298 -7.26 -16.02 -19.39
C PHE A 298 -6.81 -14.70 -20.02
N SER A 299 -5.88 -13.98 -19.39
CA SER A 299 -5.33 -12.76 -19.97
C SER A 299 -3.95 -12.97 -20.54
N TYR A 300 -3.09 -13.71 -19.85
CA TYR A 300 -1.70 -13.87 -20.26
C TYR A 300 -1.50 -15.28 -20.79
N ARG A 301 -1.03 -15.37 -22.04
CA ARG A 301 -0.72 -16.65 -22.66
C ARG A 301 0.31 -17.40 -21.84
N TYR A 302 1.27 -16.68 -21.26
CA TYR A 302 2.29 -17.22 -20.35
C TYR A 302 2.34 -16.29 -19.13
N PRO A 303 1.57 -16.60 -18.09
CA PRO A 303 1.44 -15.64 -16.97
C PRO A 303 2.78 -15.34 -16.33
N LEU A 304 2.97 -14.07 -16.00
CA LEU A 304 4.21 -13.59 -15.43
C LEU A 304 4.16 -13.50 -13.91
N VAL A 305 2.97 -13.48 -13.32
CA VAL A 305 2.82 -13.40 -11.88
C VAL A 305 1.99 -14.59 -11.41
N ASP A 306 2.40 -15.17 -10.29
CA ASP A 306 1.70 -16.29 -9.64
C ASP A 306 0.93 -15.70 -8.47
N GLY A 307 -0.40 -15.65 -8.60
CA GLY A 307 -1.25 -15.06 -7.58
C GLY A 307 -1.88 -16.10 -6.67
N GLN A 308 -1.92 -15.77 -5.39
CA GLN A 308 -2.64 -16.53 -4.38
C GLN A 308 -3.89 -15.75 -4.02
N GLY A 309 -5.07 -16.31 -4.32
CA GLY A 309 -6.34 -15.70 -3.93
C GLY A 309 -7.19 -15.28 -5.12
N ASN A 310 -8.17 -14.42 -4.84
CA ASN A 310 -9.12 -13.99 -5.87
C ASN A 310 -8.44 -12.98 -6.80
N PHE A 311 -8.10 -13.42 -8.01
CA PHE A 311 -7.42 -12.60 -9.02
C PHE A 311 -8.32 -12.32 -10.23
N GLY A 312 -9.64 -12.34 -10.04
CA GLY A 312 -10.59 -11.97 -11.08
C GLY A 312 -10.96 -13.15 -11.97
N SER A 313 -12.00 -12.95 -12.77
CA SER A 313 -12.55 -14.03 -13.58
C SER A 313 -12.83 -13.53 -15.00
N MET A 314 -13.11 -14.50 -15.89
CA MET A 314 -13.58 -14.23 -17.24
C MET A 314 -14.94 -13.54 -17.28
N ASP A 315 -15.63 -13.40 -16.15
CA ASP A 315 -16.91 -12.71 -16.11
C ASP A 315 -16.78 -11.23 -15.80
N GLY A 316 -15.56 -10.68 -15.80
CA GLY A 316 -15.36 -9.29 -15.51
C GLY A 316 -15.25 -8.93 -14.04
N ASP A 317 -15.36 -9.90 -13.14
CA ASP A 317 -15.12 -9.63 -11.72
C ASP A 317 -13.69 -9.17 -11.54
N GLY A 318 -13.52 -8.07 -10.83
CA GLY A 318 -12.17 -7.64 -10.45
C GLY A 318 -11.54 -8.63 -9.50
N ALA A 319 -10.25 -8.44 -9.27
CA ALA A 319 -9.57 -9.18 -8.23
C ALA A 319 -10.09 -8.74 -6.86
N ALA A 320 -9.77 -9.54 -5.83
CA ALA A 320 -9.94 -9.09 -4.45
C ALA A 320 -9.04 -7.90 -4.18
N ALA A 321 -9.44 -7.06 -3.23
CA ALA A 321 -8.62 -5.92 -2.81
C ALA A 321 -7.21 -6.37 -2.46
N MET A 322 -6.23 -5.50 -2.71
CA MET A 322 -4.84 -5.91 -2.61
C MET A 322 -4.43 -6.26 -1.19
N ARG A 323 -5.21 -5.84 -0.16
CA ARG A 323 -4.89 -6.28 1.19
C ARG A 323 -5.12 -7.79 1.38
N PHE A 324 -5.85 -8.44 0.48
CA PHE A 324 -6.15 -9.86 0.68
C PHE A 324 -5.24 -10.79 -0.09
N THR A 325 -4.83 -10.40 -1.29
CA THR A 325 -4.15 -11.30 -2.20
C THR A 325 -2.65 -11.29 -1.97
N GLU A 326 -1.99 -12.31 -2.51
CA GLU A 326 -0.54 -12.44 -2.42
C GLU A 326 0.01 -12.85 -3.78
N ALA A 327 1.31 -12.60 -3.99
CA ALA A 327 1.88 -12.89 -5.30
C ALA A 327 3.36 -13.22 -5.16
N ARG A 328 3.86 -13.88 -6.20
CA ARG A 328 5.30 -14.02 -6.44
C ARG A 328 5.48 -14.17 -7.95
N MET A 329 6.74 -14.30 -8.38
CA MET A 329 7.06 -14.56 -9.79
C MET A 329 6.61 -15.95 -10.22
N THR A 330 6.16 -16.07 -11.47
CA THR A 330 6.06 -17.42 -12.02
C THR A 330 7.45 -17.92 -12.41
N LYS A 331 7.54 -19.20 -12.75
CA LYS A 331 8.85 -19.73 -13.12
C LYS A 331 9.34 -19.12 -14.42
N ILE A 332 8.42 -18.83 -15.36
CA ILE A 332 8.84 -18.25 -16.64
C ILE A 332 9.38 -16.84 -16.44
N THR A 333 8.94 -16.13 -15.40
CA THR A 333 9.39 -14.76 -15.20
C THR A 333 10.86 -14.71 -14.84
N LEU A 334 11.37 -15.75 -14.17
CA LEU A 334 12.81 -15.93 -13.98
C LEU A 334 13.56 -15.84 -15.31
N GLU A 335 12.97 -16.33 -16.40
CA GLU A 335 13.62 -16.19 -17.70
C GLU A 335 13.59 -14.77 -18.21
N LEU A 336 12.61 -13.96 -17.78
CA LEU A 336 12.64 -12.55 -18.14
C LEU A 336 13.78 -11.84 -17.44
N LEU A 337 14.04 -12.20 -16.19
CA LEU A 337 15.00 -11.51 -15.35
C LEU A 337 16.39 -12.14 -15.38
N ARG A 338 16.53 -13.34 -15.91
CA ARG A 338 17.79 -14.07 -15.83
CA ARG A 338 17.80 -14.07 -15.82
C ARG A 338 18.94 -13.21 -16.34
N ASP A 339 19.98 -13.06 -15.50
CA ASP A 339 21.21 -12.33 -15.83
C ASP A 339 21.01 -10.82 -15.83
N ILE A 340 20.01 -10.29 -15.14
CA ILE A 340 19.83 -8.85 -15.11
C ILE A 340 20.96 -8.17 -14.31
N ASN A 341 21.54 -8.85 -13.34
CA ASN A 341 22.69 -8.32 -12.60
C ASN A 341 24.03 -8.77 -13.16
N LYS A 342 24.06 -9.20 -14.43
CA LYS A 342 25.33 -9.52 -15.09
C LYS A 342 25.67 -8.50 -16.18
N ASP A 343 25.32 -7.23 -15.93
CA ASP A 343 25.60 -6.12 -16.84
C ASP A 343 25.14 -6.43 -18.27
N THR A 344 23.94 -6.98 -18.38
CA THR A 344 23.37 -7.34 -19.67
C THR A 344 22.46 -6.26 -20.25
N ILE A 345 21.90 -5.40 -19.40
CA ILE A 345 20.99 -4.34 -19.81
C ILE A 345 21.40 -3.07 -19.11
N ASP A 346 21.12 -1.91 -19.73
CA ASP A 346 21.46 -0.62 -19.10
C ASP A 346 20.45 -0.25 -18.03
N PHE A 347 20.95 0.04 -16.83
CA PHE A 347 20.15 0.64 -15.78
C PHE A 347 20.13 2.16 -15.92
N ILE A 348 19.06 2.77 -15.41
CA ILE A 348 18.86 4.22 -15.45
C ILE A 348 18.46 4.70 -14.08
N ASP A 349 18.55 6.02 -13.90
CA ASP A 349 18.01 6.65 -12.72
C ASP A 349 16.49 6.53 -12.69
N ASN A 350 15.95 6.41 -11.48
CA ASN A 350 14.50 6.38 -11.30
C ASN A 350 13.97 7.81 -11.23
N TYR A 351 12.67 7.93 -10.97
CA TYR A 351 11.98 9.21 -11.17
C TYR A 351 12.48 10.31 -10.25
N ASP A 352 13.13 9.96 -9.13
CA ASP A 352 13.59 10.95 -8.17
C ASP A 352 15.08 10.83 -7.85
N GLY A 353 15.84 10.11 -8.68
CA GLY A 353 17.29 10.03 -8.47
C GLY A 353 17.73 9.36 -7.18
N ASN A 354 16.87 8.58 -6.56
CA ASN A 354 17.22 7.82 -5.36
C ASN A 354 17.32 6.32 -5.60
N GLU A 355 17.01 5.84 -6.80
CA GLU A 355 17.03 4.41 -7.10
C GLU A 355 17.48 4.22 -8.55
N ARG A 356 17.92 3.00 -8.86
CA ARG A 356 18.22 2.59 -10.22
C ARG A 356 17.21 1.54 -10.66
N GLU A 357 16.91 1.55 -11.95
CA GLU A 357 15.89 0.67 -12.50
C GLU A 357 16.33 0.27 -13.89
N PRO A 358 15.84 -0.87 -14.39
CA PRO A 358 16.26 -1.32 -15.73
C PRO A 358 15.53 -0.56 -16.83
N SER A 359 16.28 -0.12 -17.84
CA SER A 359 15.62 0.39 -19.04
C SER A 359 14.87 -0.73 -19.74
N VAL A 360 15.32 -1.97 -19.57
CA VAL A 360 14.74 -3.07 -20.31
C VAL A 360 15.18 -4.36 -19.62
N LEU A 361 14.39 -5.43 -19.73
CA LEU A 361 14.74 -6.70 -19.11
C LEU A 361 15.51 -7.57 -20.09
N PRO A 362 16.34 -8.50 -19.58
CA PRO A 362 17.04 -9.41 -20.51
C PRO A 362 16.10 -10.18 -21.41
N ALA A 363 14.96 -10.62 -20.91
CA ALA A 363 13.88 -11.22 -21.70
C ALA A 363 14.40 -12.39 -22.53
N ARG A 364 14.70 -13.48 -21.83
CA ARG A 364 15.33 -14.60 -22.54
C ARG A 364 14.32 -15.49 -23.26
N PHE A 365 13.05 -15.10 -23.35
CA PHE A 365 12.14 -15.65 -24.34
C PHE A 365 11.43 -14.48 -25.00
N PRO A 366 10.90 -14.66 -26.25
CA PRO A 366 10.30 -13.53 -26.99
C PRO A 366 8.97 -13.03 -26.43
N ASN A 367 9.04 -12.26 -25.34
CA ASN A 367 7.83 -11.98 -24.57
C ASN A 367 6.84 -11.08 -25.30
N LEU A 368 7.30 -10.17 -26.17
CA LEU A 368 6.35 -9.29 -26.85
C LEU A 368 5.34 -10.11 -27.66
N LEU A 369 5.82 -11.02 -28.50
CA LEU A 369 4.90 -11.86 -29.27
C LEU A 369 4.22 -12.94 -28.42
N ALA A 370 4.92 -13.50 -27.43
CA ALA A 370 4.33 -14.60 -26.67
C ALA A 370 3.10 -14.12 -25.91
N ASN A 371 3.18 -12.95 -25.29
CA ASN A 371 2.11 -12.48 -24.44
C ASN A 371 1.27 -11.39 -25.08
N GLY A 372 1.79 -10.74 -26.14
CA GLY A 372 1.02 -9.73 -26.83
C GLY A 372 0.98 -8.44 -26.04
N ALA A 373 0.14 -7.51 -26.48
CA ALA A 373 -0.03 -6.23 -25.80
C ALA A 373 -1.27 -5.54 -26.35
N SER A 374 -1.82 -4.64 -25.53
CA SER A 374 -2.81 -3.69 -26.01
C SER A 374 -2.64 -2.41 -25.21
N GLY A 375 -2.56 -1.29 -25.90
CA GLY A 375 -2.39 -0.03 -25.19
C GLY A 375 -2.94 1.13 -25.98
N ILE A 376 -3.72 1.99 -25.32
CA ILE A 376 -4.24 3.19 -25.94
C ILE A 376 -3.30 4.33 -25.58
N ALA A 377 -2.54 4.83 -26.58
CA ALA A 377 -1.61 5.91 -26.32
C ALA A 377 -2.23 7.25 -26.70
N VAL A 378 -1.43 8.14 -27.28
CA VAL A 378 -1.93 9.41 -27.79
C VAL A 378 -1.53 9.50 -29.26
N GLY A 379 -2.49 9.76 -30.13
CA GLY A 379 -2.23 9.78 -31.55
C GLY A 379 -2.01 8.42 -32.17
N MET A 380 -2.00 7.35 -31.38
CA MET A 380 -1.74 6.01 -31.88
C MET A 380 -2.13 5.03 -30.79
N ALA A 381 -2.27 3.77 -31.19
CA ALA A 381 -2.54 2.70 -30.24
C ALA A 381 -1.80 1.45 -30.71
N THR A 382 -1.88 0.38 -29.93
CA THR A 382 -1.22 -0.84 -30.32
C THR A 382 -2.09 -2.02 -29.91
N ASN A 383 -2.01 -3.10 -30.69
CA ASN A 383 -2.84 -4.28 -30.44
C ASN A 383 -2.09 -5.48 -31.00
N ILE A 384 -1.39 -6.20 -30.14
CA ILE A 384 -0.53 -7.31 -30.52
C ILE A 384 -1.12 -8.58 -29.92
N PRO A 385 -1.48 -9.58 -30.71
CA PRO A 385 -2.05 -10.82 -30.14
C PRO A 385 -0.96 -11.75 -29.61
N PRO A 386 -1.28 -12.60 -28.64
CA PRO A 386 -0.28 -13.54 -28.11
C PRO A 386 -0.05 -14.73 -29.03
N HIS A 387 1.06 -15.41 -28.80
CA HIS A 387 1.54 -16.44 -29.70
C HIS A 387 2.02 -17.63 -28.89
N ASN A 388 2.13 -18.78 -29.57
CA ASN A 388 2.64 -19.99 -28.97
C ASN A 388 4.16 -19.94 -28.87
N LEU A 389 4.68 -20.27 -27.68
CA LEU A 389 6.10 -20.07 -27.39
C LEU A 389 6.99 -21.05 -28.14
N THR A 390 6.55 -22.30 -28.31
CA THR A 390 7.30 -23.22 -29.16
C THR A 390 7.42 -22.68 -30.58
N GLU A 391 6.34 -22.14 -31.13
CA GLU A 391 6.39 -21.63 -32.50
C GLU A 391 7.30 -20.41 -32.59
N LEU A 392 7.18 -19.49 -31.63
CA LEU A 392 8.01 -18.28 -31.65
C LEU A 392 9.48 -18.62 -31.65
N ILE A 393 9.91 -19.50 -30.73
CA ILE A 393 11.33 -19.79 -30.64
C ILE A 393 11.79 -20.56 -31.87
N ASN A 394 10.95 -21.47 -32.36
CA ASN A 394 11.25 -22.10 -33.64
C ASN A 394 11.42 -21.05 -34.72
N GLY A 395 10.57 -20.02 -34.72
CA GLY A 395 10.72 -18.93 -35.66
C GLY A 395 12.04 -18.18 -35.48
N VAL A 396 12.39 -17.86 -34.23
CA VAL A 396 13.67 -17.17 -33.99
C VAL A 396 14.83 -18.04 -34.42
N LEU A 397 14.75 -19.34 -34.12
CA LEU A 397 15.79 -20.25 -34.56
C LEU A 397 15.99 -20.19 -36.07
N SER A 398 14.90 -20.17 -36.83
CA SER A 398 15.03 -20.15 -38.30
C SER A 398 15.61 -18.85 -38.79
N LEU A 399 15.19 -17.73 -38.18
CA LEU A 399 15.76 -16.43 -38.52
C LEU A 399 17.26 -16.38 -38.27
N SER A 400 17.70 -16.97 -37.15
CA SER A 400 19.11 -16.94 -36.80
C SER A 400 19.96 -17.74 -37.78
N LYS A 401 19.40 -18.71 -38.48
CA LYS A 401 20.13 -19.50 -39.48
C LYS A 401 19.94 -18.96 -40.88
N ASN A 402 19.17 -17.87 -41.05
CA ASN A 402 18.90 -17.35 -42.39
C ASN A 402 18.39 -15.92 -42.28
N PRO A 403 19.26 -14.92 -42.34
CA PRO A 403 18.81 -13.53 -42.17
C PRO A 403 17.78 -13.10 -43.21
N ASP A 404 17.87 -13.64 -44.44
CA ASP A 404 16.97 -13.29 -45.55
C ASP A 404 15.70 -14.14 -45.59
N ILE A 405 15.31 -14.76 -44.48
CA ILE A 405 14.08 -15.55 -44.46
C ILE A 405 12.87 -14.66 -44.73
N SER A 406 11.90 -15.18 -45.48
CA SER A 406 10.71 -14.40 -45.81
C SER A 406 9.61 -14.62 -44.77
N ILE A 407 8.63 -13.72 -44.77
CA ILE A 407 7.54 -13.83 -43.82
C ILE A 407 6.82 -15.17 -43.97
N ALA A 408 6.56 -15.57 -45.23
CA ALA A 408 5.90 -16.85 -45.48
C ALA A 408 6.70 -18.02 -44.89
N GLU A 409 8.04 -18.00 -45.05
CA GLU A 409 8.85 -19.04 -44.43
C GLU A 409 8.68 -19.01 -42.92
N LEU A 410 8.63 -17.80 -42.34
CA LEU A 410 8.44 -17.67 -40.90
C LEU A 410 7.11 -18.24 -40.47
N MET A 411 6.07 -18.09 -41.30
CA MET A 411 4.77 -18.64 -40.92
C MET A 411 4.72 -20.15 -40.95
N GLU A 412 5.73 -20.82 -41.53
CA GLU A 412 5.81 -22.27 -41.38
C GLU A 412 6.16 -22.66 -39.94
N ASP A 413 6.86 -21.79 -39.22
CA ASP A 413 7.05 -21.98 -37.79
C ASP A 413 5.87 -21.44 -36.98
N ILE A 414 5.46 -20.22 -37.27
CA ILE A 414 4.49 -19.49 -36.47
C ILE A 414 3.20 -19.47 -37.27
N GLU A 415 2.25 -20.33 -36.89
CA GLU A 415 1.02 -20.48 -37.66
C GLU A 415 0.13 -19.26 -37.58
N GLY A 416 0.18 -18.53 -36.47
CA GLY A 416 -0.74 -17.45 -36.19
C GLY A 416 -0.83 -17.24 -34.69
N PRO A 417 -1.76 -16.38 -34.24
CA PRO A 417 -1.92 -16.19 -32.79
C PRO A 417 -2.30 -17.48 -32.08
N ASP A 418 -2.08 -17.47 -30.78
CA ASP A 418 -2.42 -18.59 -29.91
C ASP A 418 -2.91 -17.93 -28.63
N PHE A 419 -4.22 -17.86 -28.50
CA PHE A 419 -4.79 -17.11 -27.38
C PHE A 419 -4.83 -17.99 -26.14
N PRO A 420 -4.63 -17.41 -24.96
CA PRO A 420 -4.76 -18.18 -23.73
C PRO A 420 -6.11 -18.85 -23.60
N THR A 421 -7.14 -18.24 -24.19
CA THR A 421 -8.52 -18.72 -24.10
C THR A 421 -8.91 -19.66 -25.23
N ALA A 422 -7.92 -20.12 -26.02
CA ALA A 422 -8.09 -21.12 -27.08
C ALA A 422 -8.99 -20.61 -28.20
N GLY A 423 -10.07 -21.32 -28.45
CA GLY A 423 -10.99 -20.94 -29.52
C GLY A 423 -10.48 -21.30 -30.90
N LEU A 424 -11.08 -20.64 -31.91
CA LEU A 424 -10.81 -20.87 -33.31
C LEU A 424 -10.51 -19.56 -34.02
N ILE A 425 -9.63 -19.62 -35.02
CA ILE A 425 -9.43 -18.52 -35.96
C ILE A 425 -9.95 -18.95 -37.32
N LEU A 426 -10.65 -18.04 -37.99
CA LEU A 426 -11.30 -18.27 -39.28
C LEU A 426 -10.38 -17.81 -40.40
N GLY A 427 -9.71 -18.75 -41.05
CA GLY A 427 -8.92 -18.42 -42.23
C GLY A 427 -7.57 -17.84 -41.85
N LYS A 428 -6.74 -17.64 -42.89
CA LYS A 428 -5.36 -17.21 -42.69
C LYS A 428 -5.00 -15.87 -43.33
N SER A 429 -5.83 -15.30 -44.19
CA SER A 429 -5.37 -14.09 -44.88
C SER A 429 -5.24 -12.90 -43.94
N GLY A 430 -6.06 -12.84 -42.88
CA GLY A 430 -5.89 -11.77 -41.89
C GLY A 430 -4.59 -11.91 -41.11
N ILE A 431 -4.24 -13.15 -40.73
CA ILE A 431 -2.97 -13.41 -40.08
C ILE A 431 -1.82 -12.96 -40.99
N ARG A 432 -1.89 -13.37 -42.25
CA ARG A 432 -0.80 -13.11 -43.19
C ARG A 432 -0.62 -11.62 -43.43
N ARG A 433 -1.73 -10.89 -43.55
CA ARG A 433 -1.62 -9.45 -43.71
C ARG A 433 -1.03 -8.81 -42.46
N ALA A 434 -1.48 -9.21 -41.29
CA ALA A 434 -0.91 -8.68 -40.05
C ALA A 434 0.59 -8.98 -39.94
N TYR A 435 1.02 -10.18 -40.32
CA TYR A 435 2.44 -10.48 -40.22
C TYR A 435 3.27 -9.78 -41.30
N GLU A 436 2.68 -9.48 -42.46
CA GLU A 436 3.48 -8.87 -43.52
C GLU A 436 3.52 -7.35 -43.41
N THR A 437 2.52 -6.75 -42.79
CA THR A 437 2.41 -5.31 -42.74
C THR A 437 2.32 -4.77 -41.33
N GLY A 438 1.99 -5.61 -40.35
CA GLY A 438 1.72 -5.16 -39.01
C GLY A 438 0.26 -4.89 -38.72
N ARG A 439 -0.58 -4.79 -39.76
CA ARG A 439 -2.00 -4.54 -39.53
C ARG A 439 -2.83 -5.61 -40.22
N GLY A 440 -3.92 -6.03 -39.56
CA GLY A 440 -4.79 -7.04 -40.13
C GLY A 440 -5.93 -7.36 -39.18
N SER A 441 -7.03 -7.87 -39.75
CA SER A 441 -8.22 -8.22 -38.99
C SER A 441 -8.34 -9.74 -38.92
N ILE A 442 -8.54 -10.26 -37.70
CA ILE A 442 -8.50 -11.69 -37.42
C ILE A 442 -9.83 -12.10 -36.81
N GLN A 443 -10.62 -12.86 -37.56
CA GLN A 443 -11.91 -13.32 -37.08
C GLN A 443 -11.73 -14.48 -36.12
N MET A 444 -12.27 -14.33 -34.91
CA MET A 444 -12.19 -15.34 -33.87
C MET A 444 -13.56 -15.89 -33.60
N ARG A 445 -13.62 -17.18 -33.21
CA ARG A 445 -14.88 -17.80 -32.86
C ARG A 445 -14.74 -18.61 -31.59
N SER A 446 -15.85 -18.71 -30.87
CA SER A 446 -15.96 -19.67 -29.79
C SER A 446 -15.77 -21.08 -30.31
N ARG A 447 -15.39 -22.00 -29.42
CA ARG A 447 -15.55 -23.42 -29.70
C ARG A 447 -16.94 -23.82 -29.26
N ALA A 448 -17.79 -24.15 -30.23
CA ALA A 448 -19.19 -24.47 -29.98
C ALA A 448 -19.54 -25.74 -30.74
N VAL A 449 -20.33 -26.60 -30.08
CA VAL A 449 -20.80 -27.82 -30.71
C VAL A 449 -22.30 -27.92 -30.50
N ILE A 450 -22.97 -28.57 -31.43
CA ILE A 450 -24.38 -28.89 -31.30
C ILE A 450 -24.49 -30.35 -30.89
N GLU A 451 -25.35 -30.63 -29.91
CA GLU A 451 -25.43 -31.95 -29.35
C GLU A 451 -26.84 -32.21 -28.86
N GLU A 452 -27.17 -33.49 -28.71
CA GLU A 452 -28.50 -33.88 -28.30
C GLU A 452 -28.64 -33.87 -26.78
N ARG A 453 -29.84 -33.52 -26.31
CA ARG A 453 -30.12 -33.47 -24.89
C ARG A 453 -31.30 -34.34 -24.49
N GLY A 454 -31.82 -35.14 -25.41
CA GLY A 454 -32.89 -36.06 -25.11
C GLY A 454 -34.22 -35.60 -25.68
N GLY A 455 -35.14 -36.56 -25.79
CA GLY A 455 -36.51 -36.25 -26.21
C GLY A 455 -36.62 -35.56 -27.54
N GLY A 456 -35.66 -35.77 -28.45
CA GLY A 456 -35.68 -35.09 -29.73
C GLY A 456 -35.16 -33.68 -29.73
N ARG A 457 -34.65 -33.19 -28.61
CA ARG A 457 -34.20 -31.81 -28.51
C ARG A 457 -32.68 -31.72 -28.61
N GLN A 458 -32.19 -30.51 -28.85
CA GLN A 458 -30.76 -30.26 -28.96
C GLN A 458 -30.40 -29.02 -28.16
N ARG A 459 -29.08 -28.82 -28.01
CA ARG A 459 -28.52 -27.63 -27.41
C ARG A 459 -27.21 -27.27 -28.09
N ILE A 460 -26.86 -26.00 -28.00
CA ILE A 460 -25.53 -25.53 -28.38
C ILE A 460 -24.71 -25.40 -27.11
N VAL A 461 -23.49 -25.90 -27.13
CA VAL A 461 -22.64 -25.94 -25.95
C VAL A 461 -21.34 -25.25 -26.31
N VAL A 462 -21.07 -24.12 -25.66
CA VAL A 462 -19.86 -23.33 -25.87
C VAL A 462 -18.89 -23.71 -24.77
N THR A 463 -17.67 -24.15 -25.15
CA THR A 463 -16.62 -24.46 -24.18
C THR A 463 -15.39 -23.57 -24.27
N GLU A 464 -15.25 -22.72 -25.28
CA GLU A 464 -14.15 -21.77 -25.36
C GLU A 464 -14.74 -20.49 -25.93
N ILE A 465 -14.28 -19.32 -25.49
CA ILE A 465 -14.82 -18.10 -26.08
C ILE A 465 -13.67 -17.25 -26.61
N PRO A 466 -13.92 -16.21 -27.42
CA PRO A 466 -12.80 -15.46 -27.98
C PRO A 466 -12.04 -14.72 -26.90
N PHE A 467 -10.79 -14.39 -27.26
CA PHE A 467 -9.87 -13.63 -26.41
C PHE A 467 -10.49 -12.31 -26.00
N GLN A 468 -10.40 -11.99 -24.71
CA GLN A 468 -10.81 -10.69 -24.17
C GLN A 468 -12.31 -10.45 -24.24
N VAL A 469 -13.11 -11.49 -24.44
CA VAL A 469 -14.57 -11.41 -24.35
C VAL A 469 -15.02 -11.77 -22.94
N ASN A 470 -15.83 -10.90 -22.36
CA ASN A 470 -16.42 -11.14 -21.06
C ASN A 470 -17.54 -12.17 -21.18
N LYS A 471 -17.43 -13.30 -20.46
CA LYS A 471 -18.40 -14.39 -20.65
C LYS A 471 -19.79 -14.00 -20.15
N ALA A 472 -19.88 -13.47 -18.93
CA ALA A 472 -21.18 -13.04 -18.41
C ALA A 472 -21.84 -12.00 -19.33
N ARG A 473 -21.06 -11.05 -19.81
CA ARG A 473 -21.61 -10.02 -20.69
C ARG A 473 -22.15 -10.64 -21.97
N MET A 474 -21.45 -11.65 -22.49
CA MET A 474 -21.90 -12.28 -23.72
C MET A 474 -23.17 -13.08 -23.49
N ILE A 475 -23.29 -13.69 -22.32
CA ILE A 475 -24.51 -14.42 -22.00
C ILE A 475 -25.67 -13.46 -21.88
N GLU A 476 -25.47 -12.33 -21.19
CA GLU A 476 -26.53 -11.35 -21.04
C GLU A 476 -26.96 -10.80 -22.40
N LYS A 477 -26.00 -10.63 -23.32
CA LYS A 477 -26.34 -10.23 -24.68
C LYS A 477 -27.22 -11.26 -25.38
N ILE A 478 -26.99 -12.55 -25.10
CA ILE A 478 -27.85 -13.59 -25.68
C ILE A 478 -29.23 -13.53 -25.03
N ALA A 479 -29.28 -13.36 -23.70
CA ALA A 479 -30.57 -13.25 -23.01
C ALA A 479 -31.35 -12.01 -23.47
N GLU A 480 -30.64 -10.91 -23.76
CA GLU A 480 -31.33 -9.71 -24.27
C GLU A 480 -31.93 -9.96 -25.64
N LEU A 481 -31.19 -10.62 -26.53
CA LEU A 481 -31.71 -10.96 -27.85
C LEU A 481 -32.93 -11.87 -27.78
N VAL A 482 -32.89 -12.90 -26.93
CA VAL A 482 -34.03 -13.80 -26.81
C VAL A 482 -35.21 -13.08 -26.19
N ARG A 483 -34.96 -12.27 -25.16
CA ARG A 483 -36.02 -11.50 -24.51
C ARG A 483 -36.67 -10.53 -25.50
N ASP A 484 -35.85 -9.77 -26.23
CA ASP A 484 -36.35 -8.80 -27.20
C ASP A 484 -36.74 -9.42 -28.52
N LYS A 485 -36.86 -10.75 -28.60
CA LYS A 485 -37.34 -11.45 -29.78
C LYS A 485 -36.49 -11.17 -31.01
N LYS A 486 -35.22 -10.81 -30.80
CA LYS A 486 -34.27 -10.50 -31.86
C LYS A 486 -33.61 -11.74 -32.43
N ILE A 487 -33.94 -12.91 -31.91
CA ILE A 487 -33.44 -14.18 -32.44
C ILE A 487 -34.40 -15.25 -31.99
N ASP A 488 -34.73 -16.15 -32.91
CA ASP A 488 -35.69 -17.21 -32.64
C ASP A 488 -34.98 -18.53 -32.36
N GLY A 489 -35.69 -19.43 -31.69
CA GLY A 489 -35.26 -20.80 -31.54
C GLY A 489 -34.65 -21.17 -30.21
N ILE A 490 -34.29 -20.19 -29.37
CA ILE A 490 -33.61 -20.45 -28.11
C ILE A 490 -34.63 -20.54 -26.99
N THR A 491 -34.67 -21.68 -26.31
CA THR A 491 -35.59 -21.86 -25.19
C THR A 491 -34.95 -21.55 -23.85
N ASP A 492 -33.64 -21.81 -23.69
CA ASP A 492 -33.00 -21.68 -22.39
C ASP A 492 -31.52 -21.33 -22.57
N LEU A 493 -30.93 -20.75 -21.52
CA LEU A 493 -29.55 -20.28 -21.55
C LEU A 493 -28.96 -20.36 -20.16
N ARG A 494 -27.87 -21.12 -20.00
CA ARG A 494 -27.23 -21.37 -18.70
C ARG A 494 -25.71 -21.38 -18.83
N ASP A 495 -25.03 -20.78 -17.87
CA ASP A 495 -23.60 -20.95 -17.69
C ASP A 495 -23.36 -22.08 -16.69
N GLU A 496 -22.75 -23.17 -17.14
CA GLU A 496 -22.42 -24.30 -16.27
C GLU A 496 -20.93 -24.38 -16.01
N THR A 497 -20.19 -23.29 -16.24
CA THR A 497 -18.77 -23.28 -15.99
C THR A 497 -18.49 -23.68 -14.55
N SER A 498 -17.39 -24.38 -14.33
CA SER A 498 -16.93 -24.71 -13.00
C SER A 498 -15.48 -25.14 -13.10
N LEU A 499 -14.80 -25.15 -11.95
CA LEU A 499 -13.42 -25.62 -11.93
C LEU A 499 -13.32 -27.06 -12.41
N ARG A 500 -14.29 -27.90 -12.04
CA ARG A 500 -14.29 -29.28 -12.52
C ARG A 500 -14.58 -29.33 -14.02
N THR A 501 -15.48 -28.48 -14.51
CA THR A 501 -15.91 -28.53 -15.90
C THR A 501 -15.06 -27.68 -16.82
N GLY A 502 -14.55 -26.56 -16.33
CA GLY A 502 -14.07 -25.55 -17.25
C GLY A 502 -15.26 -24.78 -17.82
N VAL A 503 -14.98 -24.02 -18.87
CA VAL A 503 -15.99 -23.18 -19.48
C VAL A 503 -17.05 -24.05 -20.15
N ARG A 504 -18.31 -23.83 -19.79
CA ARG A 504 -19.40 -24.60 -20.40
C ARG A 504 -20.66 -23.74 -20.37
N VAL A 505 -21.01 -23.17 -21.52
CA VAL A 505 -22.21 -22.37 -21.69
C VAL A 505 -23.19 -23.17 -22.52
N VAL A 506 -24.42 -23.35 -22.01
CA VAL A 506 -25.43 -24.19 -22.64
C VAL A 506 -26.54 -23.28 -23.17
N ILE A 507 -26.86 -23.44 -24.45
CA ILE A 507 -27.99 -22.78 -25.09
C ILE A 507 -28.92 -23.87 -25.62
N ASP A 508 -30.05 -24.05 -24.97
CA ASP A 508 -31.00 -25.07 -25.38
C ASP A 508 -31.87 -24.57 -26.53
N VAL A 509 -32.09 -25.44 -27.50
CA VAL A 509 -32.79 -25.09 -28.72
C VAL A 509 -34.18 -25.70 -28.68
N ARG A 510 -35.16 -24.96 -29.17
CA ARG A 510 -36.52 -25.48 -29.25
C ARG A 510 -36.59 -26.70 -30.17
N LYS A 511 -37.36 -27.70 -29.74
CA LYS A 511 -37.55 -28.92 -30.52
C LYS A 511 -37.87 -28.61 -31.97
N ASP A 512 -37.16 -29.29 -32.89
CA ASP A 512 -37.34 -29.24 -34.34
C ASP A 512 -36.77 -27.96 -34.99
N ALA A 513 -36.33 -26.97 -34.22
CA ALA A 513 -35.66 -25.83 -34.82
C ALA A 513 -34.23 -26.21 -35.21
N ASN A 514 -33.75 -25.61 -36.30
CA ASN A 514 -32.41 -25.89 -36.76
C ASN A 514 -31.42 -25.18 -35.86
N ALA A 515 -30.61 -25.95 -35.13
CA ALA A 515 -29.65 -25.38 -34.18
C ALA A 515 -28.37 -24.90 -34.84
N SER A 516 -28.10 -25.31 -36.09
CA SER A 516 -27.03 -24.69 -36.86
C SER A 516 -27.40 -23.29 -37.33
N VAL A 517 -28.68 -23.03 -37.59
CA VAL A 517 -29.09 -21.68 -37.97
C VAL A 517 -29.03 -20.74 -36.79
N ILE A 518 -29.45 -21.23 -35.61
CA ILE A 518 -29.36 -20.42 -34.41
C ILE A 518 -27.90 -20.08 -34.11
N LEU A 519 -27.00 -21.05 -34.26
CA LEU A 519 -25.60 -20.80 -33.95
C LEU A 519 -25.02 -19.76 -34.90
N ASN A 520 -25.31 -19.90 -36.20
CA ASN A 520 -24.79 -18.93 -37.16
C ASN A 520 -25.37 -17.55 -36.92
N ASN A 521 -26.60 -17.49 -36.44
CA ASN A 521 -27.16 -16.21 -36.05
C ASN A 521 -26.47 -15.66 -34.81
N LEU A 522 -26.14 -16.54 -33.86
CA LEU A 522 -25.41 -16.11 -32.68
C LEU A 522 -24.06 -15.53 -33.06
N TYR A 523 -23.40 -16.16 -34.03
CA TYR A 523 -22.11 -15.66 -34.49
C TYR A 523 -22.25 -14.27 -35.09
N LYS A 524 -23.41 -13.94 -35.67
CA LYS A 524 -23.61 -12.65 -36.30
C LYS A 524 -24.02 -11.56 -35.31
N GLN A 525 -24.61 -11.93 -34.18
CA GLN A 525 -25.29 -10.97 -33.31
C GLN A 525 -24.71 -10.90 -31.92
N THR A 526 -23.72 -11.75 -31.56
CA THR A 526 -23.13 -11.78 -30.22
C THR A 526 -21.61 -11.90 -30.31
N PRO A 527 -20.88 -11.62 -29.23
CA PRO A 527 -19.42 -11.80 -29.26
C PRO A 527 -18.94 -13.23 -29.44
N LEU A 528 -19.84 -14.19 -29.69
CA LEU A 528 -19.39 -15.55 -29.96
C LEU A 528 -18.44 -15.61 -31.15
N GLN A 529 -18.62 -14.70 -32.10
CA GLN A 529 -17.60 -14.32 -33.05
C GLN A 529 -17.15 -12.90 -32.73
N THR A 530 -15.84 -12.66 -32.73
CA THR A 530 -15.27 -11.36 -32.45
C THR A 530 -14.01 -11.20 -33.30
N SER A 531 -13.75 -9.98 -33.76
CA SER A 531 -12.54 -9.72 -34.51
C SER A 531 -11.45 -9.17 -33.60
N PHE A 532 -10.21 -9.47 -33.95
CA PHE A 532 -9.02 -8.94 -33.28
C PHE A 532 -8.31 -8.11 -34.33
N GLY A 533 -8.36 -6.79 -34.18
CA GLY A 533 -7.67 -5.96 -35.12
C GLY A 533 -6.21 -5.81 -34.75
N VAL A 534 -5.33 -6.41 -35.53
CA VAL A 534 -3.90 -6.37 -35.22
C VAL A 534 -3.34 -5.02 -35.65
N ASN A 535 -2.49 -4.46 -34.80
CA ASN A 535 -1.92 -3.14 -34.99
C ASN A 535 -0.62 -3.08 -34.21
N MET A 536 0.47 -3.56 -34.80
CA MET A 536 1.63 -3.99 -34.04
C MET A 536 2.62 -2.83 -33.92
N ILE A 537 2.33 -1.94 -32.97
CA ILE A 537 3.20 -0.81 -32.68
C ILE A 537 3.92 -1.08 -31.37
N ALA A 538 5.24 -0.83 -31.36
CA ALA A 538 6.07 -1.01 -30.17
C ALA A 538 7.25 -0.03 -30.22
N LEU A 539 7.92 0.14 -29.08
CA LEU A 539 9.08 1.02 -29.04
C LEU A 539 10.27 0.29 -29.65
N VAL A 540 10.79 0.83 -30.75
CA VAL A 540 12.05 0.42 -31.36
C VAL A 540 13.01 1.58 -31.17
N ASN A 541 14.14 1.34 -30.50
CA ASN A 541 15.09 2.40 -30.17
CA ASN A 541 15.08 2.41 -30.19
C ASN A 541 14.36 3.59 -29.53
N GLY A 542 13.43 3.29 -28.62
CA GLY A 542 12.77 4.35 -27.88
C GLY A 542 11.75 5.17 -28.65
N ARG A 543 11.37 4.74 -29.85
CA ARG A 543 10.45 5.42 -30.74
C ARG A 543 9.32 4.47 -31.11
N PRO A 544 8.08 4.96 -31.19
CA PRO A 544 6.99 4.08 -31.59
C PRO A 544 7.13 3.68 -33.04
N LYS A 545 6.85 2.42 -33.35
CA LYS A 545 7.00 1.98 -34.74
C LYS A 545 6.05 0.83 -35.05
N LEU A 546 5.33 0.96 -36.16
CA LEU A 546 4.56 -0.15 -36.72
C LEU A 546 5.53 -1.16 -37.30
N ILE A 547 5.57 -2.35 -36.73
CA ILE A 547 6.51 -3.36 -37.17
C ILE A 547 5.75 -4.59 -37.66
N ASN A 548 6.35 -5.30 -38.60
CA ASN A 548 5.75 -6.55 -39.06
C ASN A 548 6.34 -7.70 -38.24
N LEU A 549 6.09 -8.95 -38.64
CA LEU A 549 6.48 -10.09 -37.81
C LEU A 549 7.99 -10.33 -37.82
N LYS A 550 8.63 -10.27 -38.99
CA LYS A 550 10.08 -10.48 -39.03
C LYS A 550 10.83 -9.39 -38.28
N GLU A 551 10.40 -8.13 -38.42
CA GLU A 551 11.08 -7.06 -37.71
C GLU A 551 10.99 -7.25 -36.20
N ALA A 552 9.83 -7.68 -35.70
CA ALA A 552 9.68 -7.97 -34.28
C ALA A 552 10.63 -9.08 -33.84
N LEU A 553 10.78 -10.13 -34.67
CA LEU A 553 11.73 -11.18 -34.34
C LEU A 553 13.20 -10.76 -34.56
N VAL A 554 13.49 -9.89 -35.54
CA VAL A 554 14.85 -9.38 -35.76
C VAL A 554 15.29 -8.49 -34.59
N HIS A 555 14.39 -7.66 -34.08
CA HIS A 555 14.71 -6.86 -32.91
C HIS A 555 14.91 -7.73 -31.68
N TYR A 556 14.11 -8.79 -31.52
CA TYR A 556 14.29 -9.64 -30.35
C TYR A 556 15.60 -10.41 -30.41
N LEU A 557 15.87 -11.04 -31.56
CA LEU A 557 17.10 -11.81 -31.69
C LEU A 557 18.32 -10.92 -31.46
N GLU A 558 18.28 -9.69 -31.96
CA GLU A 558 19.41 -8.80 -31.76
C GLU A 558 19.58 -8.48 -30.28
N HIS A 559 18.48 -8.29 -29.55
CA HIS A 559 18.56 -8.13 -28.10
C HIS A 559 19.25 -9.33 -27.46
N GLN A 560 18.91 -10.54 -27.88
CA GLN A 560 19.47 -11.71 -27.22
C GLN A 560 20.96 -11.85 -27.52
N LYS A 561 21.38 -11.52 -28.73
CA LYS A 561 22.82 -11.50 -29.00
C LYS A 561 23.52 -10.50 -28.09
N THR A 562 22.91 -9.33 -27.88
CA THR A 562 23.51 -8.31 -27.02
C THR A 562 23.58 -8.77 -25.57
N VAL A 563 22.47 -9.30 -25.03
CA VAL A 563 22.46 -9.78 -23.64
C VAL A 563 23.55 -10.82 -23.40
N VAL A 564 23.59 -11.86 -24.24
CA VAL A 564 24.49 -12.98 -23.96
C VAL A 564 25.94 -12.56 -24.20
N ARG A 565 26.18 -11.64 -25.15
CA ARG A 565 27.52 -11.09 -25.32
C ARG A 565 27.96 -10.31 -24.09
N ARG A 566 27.08 -9.50 -23.51
CA ARG A 566 27.45 -8.70 -22.34
C ARG A 566 27.61 -9.56 -21.10
N ARG A 567 26.70 -10.53 -20.90
CA ARG A 567 26.85 -11.49 -19.82
C ARG A 567 28.20 -12.20 -19.89
N THR A 568 28.57 -12.65 -21.10
CA THR A 568 29.90 -13.23 -21.28
C THR A 568 30.98 -12.22 -20.92
N GLN A 569 30.85 -10.96 -21.35
CA GLN A 569 31.87 -9.98 -21.03
C GLN A 569 31.91 -9.68 -19.54
N TYR A 570 30.76 -9.71 -18.87
CA TYR A 570 30.74 -9.47 -17.44
C TYR A 570 31.34 -10.65 -16.70
N ASN A 571 30.95 -11.86 -17.09
CA ASN A 571 31.43 -13.06 -16.43
C ASN A 571 32.94 -13.18 -16.53
N LEU A 572 33.51 -12.73 -17.64
CA LEU A 572 34.93 -12.85 -17.85
C LEU A 572 35.70 -11.84 -16.99
N ARG A 573 35.21 -10.60 -16.89
CA ARG A 573 35.84 -9.61 -16.02
C ARG A 573 35.86 -10.09 -14.57
N LYS A 574 34.71 -10.55 -14.06
CA LYS A 574 34.60 -10.92 -12.66
C LYS A 574 35.45 -12.15 -12.36
N ALA A 575 35.47 -13.11 -13.28
CA ALA A 575 36.30 -14.30 -13.10
C ALA A 575 37.78 -13.92 -13.00
N LYS A 576 38.26 -13.09 -13.94
CA LYS A 576 39.66 -12.65 -13.90
C LYS A 576 40.00 -11.93 -12.60
N ASP A 577 39.11 -11.02 -12.16
CA ASP A 577 39.29 -10.37 -10.87
C ASP A 577 39.41 -11.40 -9.74
N ARG A 578 38.48 -12.36 -9.71
CA ARG A 578 38.50 -13.37 -8.66
C ARG A 578 39.77 -14.22 -8.74
N ALA A 579 40.15 -14.65 -9.96
CA ALA A 579 41.38 -15.39 -10.13
C ALA A 579 42.55 -14.59 -9.60
N HIS A 580 42.55 -13.28 -9.90
CA HIS A 580 43.60 -12.41 -9.41
C HIS A 580 43.65 -12.41 -7.89
N ILE A 581 42.47 -12.39 -7.23
CA ILE A 581 42.44 -12.50 -5.77
C ILE A 581 43.02 -13.84 -5.34
N LEU A 582 42.55 -14.93 -5.98
CA LEU A 582 42.97 -16.27 -5.57
C LEU A 582 44.46 -16.48 -5.76
N GLU A 583 45.06 -15.81 -6.76
CA GLU A 583 46.50 -15.89 -6.91
C GLU A 583 47.23 -15.27 -5.73
N GLY A 584 46.66 -14.21 -5.14
CA GLY A 584 47.23 -13.64 -3.95
C GLY A 584 47.11 -14.55 -2.74
N LEU A 585 45.94 -15.17 -2.56
CA LEU A 585 45.77 -16.13 -1.47
C LEU A 585 46.68 -17.33 -1.65
N ARG A 586 46.94 -17.74 -2.90
CA ARG A 586 47.80 -18.90 -3.10
C ARG A 586 49.24 -18.55 -2.76
N ILE A 587 49.68 -17.35 -3.11
CA ILE A 587 50.98 -16.88 -2.69
C ILE A 587 51.06 -16.84 -1.16
N ALA A 588 50.01 -16.32 -0.52
CA ALA A 588 50.01 -16.26 0.95
C ALA A 588 50.04 -17.66 1.57
N LEU A 589 49.26 -18.61 1.04
CA LEU A 589 49.32 -19.99 1.54
C LEU A 589 50.70 -20.60 1.32
N ASP A 590 51.40 -20.22 0.25
CA ASP A 590 52.70 -20.80 -0.04
C ASP A 590 53.83 -20.15 0.77
N HIS A 591 53.61 -18.97 1.34
CA HIS A 591 54.65 -18.30 2.12
C HIS A 591 54.09 -17.84 3.46
N ILE A 592 53.34 -18.72 4.12
CA ILE A 592 52.51 -18.30 5.24
C ILE A 592 53.36 -17.75 6.39
N ASP A 593 54.52 -18.35 6.62
CA ASP A 593 55.39 -17.84 7.68
C ASP A 593 55.87 -16.43 7.38
N GLU A 594 56.23 -16.16 6.13
CA GLU A 594 56.66 -14.80 5.80
C GLU A 594 55.49 -13.84 5.91
N ILE A 595 54.32 -14.28 5.45
CA ILE A 595 53.10 -13.46 5.54
C ILE A 595 52.85 -13.07 6.99
N ILE A 596 52.90 -14.04 7.91
CA ILE A 596 52.67 -13.73 9.33
C ILE A 596 53.71 -12.74 9.83
N SER A 597 55.00 -13.05 9.62
CA SER A 597 56.08 -12.18 10.09
C SER A 597 55.90 -10.77 9.57
N THR A 598 55.60 -10.62 8.29
CA THR A 598 55.42 -9.30 7.70
C THR A 598 54.32 -8.54 8.43
N ILE A 599 53.14 -9.15 8.55
CA ILE A 599 52.00 -8.48 9.20
C ILE A 599 52.32 -8.16 10.66
N ARG A 600 52.85 -9.14 11.39
CA ARG A 600 53.07 -8.92 12.81
C ARG A 600 54.09 -7.81 13.07
N GLU A 601 54.99 -7.55 12.12
CA GLU A 601 55.98 -6.53 12.32
C GLU A 601 55.60 -5.20 11.69
N SER A 602 54.31 -5.02 11.34
CA SER A 602 53.80 -3.73 10.90
C SER A 602 52.96 -3.11 12.02
N ASP A 603 53.21 -1.84 12.31
CA ASP A 603 52.45 -1.12 13.33
C ASP A 603 50.98 -1.08 13.01
N THR A 604 50.63 -0.90 11.73
CA THR A 604 49.28 -0.62 11.29
C THR A 604 48.90 -1.50 10.11
N ASP A 605 47.59 -1.60 9.88
CA ASP A 605 47.11 -2.31 8.70
C ASP A 605 47.67 -1.72 7.40
N LYS A 606 47.88 -0.40 7.36
CA LYS A 606 48.33 0.26 6.14
C LYS A 606 49.79 -0.06 5.84
N VAL A 607 50.64 0.01 6.87
CA VAL A 607 52.03 -0.44 6.73
C VAL A 607 52.08 -1.91 6.35
N ALA A 608 51.19 -2.72 6.92
CA ALA A 608 51.13 -4.14 6.53
C ALA A 608 50.81 -4.28 5.05
N MET A 609 49.80 -3.55 4.58
CA MET A 609 49.39 -3.63 3.18
C MET A 609 50.49 -3.17 2.24
N GLU A 610 51.20 -2.11 2.60
CA GLU A 610 52.34 -1.67 1.81
C GLU A 610 53.45 -2.74 1.79
N SER A 611 53.77 -3.32 2.95
CA SER A 611 54.85 -4.30 3.02
C SER A 611 54.51 -5.61 2.29
N LEU A 612 53.24 -6.03 2.34
CA LEU A 612 52.84 -7.20 1.57
C LEU A 612 52.95 -6.94 0.07
N GLN A 613 52.51 -5.76 -0.38
CA GLN A 613 52.66 -5.42 -1.78
C GLN A 613 54.12 -5.44 -2.19
N GLN A 614 55.00 -4.99 -1.32
CA GLN A 614 56.42 -4.89 -1.66
C GLN A 614 57.08 -6.26 -1.69
N ARG A 615 56.95 -7.01 -0.59
CA ARG A 615 57.64 -8.29 -0.48
C ARG A 615 57.17 -9.29 -1.53
N PHE A 616 55.86 -9.38 -1.77
CA PHE A 616 55.32 -10.45 -2.58
C PHE A 616 54.78 -9.98 -3.93
N LYS A 617 55.15 -8.78 -4.37
CA LYS A 617 54.74 -8.28 -5.69
C LYS A 617 53.23 -8.30 -5.88
N LEU A 618 52.47 -7.98 -4.84
CA LEU A 618 51.02 -8.03 -4.90
C LEU A 618 50.42 -6.68 -5.25
N SER A 619 49.22 -6.71 -5.84
CA SER A 619 48.41 -5.51 -5.99
C SER A 619 47.73 -5.17 -4.66
N GLU A 620 47.26 -3.92 -4.56
CA GLU A 620 46.55 -3.51 -3.36
C GLU A 620 45.37 -4.43 -3.07
N LYS A 621 44.63 -4.81 -4.11
CA LYS A 621 43.47 -5.66 -3.89
C LYS A 621 43.89 -7.01 -3.34
N GLN A 622 45.03 -7.53 -3.81
CA GLN A 622 45.48 -8.83 -3.31
C GLN A 622 45.92 -8.75 -1.86
N ALA A 623 46.68 -7.70 -1.51
CA ALA A 623 47.15 -7.54 -0.15
C ALA A 623 45.97 -7.43 0.81
N GLN A 624 44.97 -6.61 0.47
CA GLN A 624 43.79 -6.49 1.33
C GLN A 624 43.04 -7.80 1.44
N ALA A 625 43.02 -8.62 0.38
CA ALA A 625 42.39 -9.93 0.50
C ALA A 625 43.17 -10.82 1.46
N ILE A 626 44.50 -10.69 1.45
CA ILE A 626 45.32 -11.45 2.39
C ILE A 626 45.07 -10.96 3.81
N LEU A 627 45.11 -9.64 4.01
CA LEU A 627 44.77 -9.11 5.33
C LEU A 627 43.36 -9.51 5.75
N ASP A 628 42.44 -9.74 4.81
CA ASP A 628 41.08 -10.04 5.25
C ASP A 628 40.83 -11.52 5.50
N MET A 629 41.73 -12.40 5.09
CA MET A 629 41.55 -13.84 5.22
C MET A 629 41.46 -14.26 6.69
N ARG A 630 40.52 -15.16 6.99
CA ARG A 630 40.35 -15.64 8.35
C ARG A 630 41.31 -16.78 8.64
N LEU A 631 41.69 -16.94 9.92
CA LEU A 631 42.64 -18.01 10.23
C LEU A 631 42.08 -19.37 9.85
N ARG A 632 40.75 -19.53 9.90
CA ARG A 632 40.15 -20.80 9.49
C ARG A 632 40.50 -21.16 8.05
N ARG A 633 40.94 -20.19 7.24
CA ARG A 633 41.28 -20.50 5.86
C ARG A 633 42.57 -21.28 5.74
N LEU A 634 43.32 -21.42 6.83
CA LEU A 634 44.60 -22.12 6.82
C LEU A 634 44.49 -23.61 7.12
N THR A 635 43.30 -24.12 7.44
CA THR A 635 43.11 -25.54 7.66
C THR A 635 43.18 -26.29 6.33
N GLY A 636 43.43 -27.59 6.41
CA GLY A 636 43.61 -28.42 5.24
C GLY A 636 42.55 -28.27 4.16
N LEU A 637 41.29 -28.53 4.52
CA LEU A 637 40.23 -28.52 3.52
C LEU A 637 39.97 -27.13 2.98
N GLU A 638 40.29 -26.08 3.76
CA GLU A 638 40.14 -24.72 3.25
C GLU A 638 41.22 -24.35 2.24
N ARG A 639 42.43 -24.88 2.41
CA ARG A 639 43.47 -24.60 1.42
C ARG A 639 43.14 -25.27 0.10
N ASP A 640 42.66 -26.51 0.17
CA ASP A 640 42.21 -27.23 -1.01
C ASP A 640 41.06 -26.52 -1.70
N LYS A 641 40.12 -25.95 -0.92
CA LYS A 641 39.03 -25.19 -1.52
C LYS A 641 39.55 -24.01 -2.33
N ILE A 642 40.55 -23.31 -1.81
CA ILE A 642 41.16 -22.21 -2.54
C ILE A 642 41.79 -22.70 -3.84
N GLU A 643 42.53 -23.81 -3.78
CA GLU A 643 43.13 -24.32 -5.01
C GLU A 643 42.06 -24.76 -6.01
N ALA A 644 41.02 -25.44 -5.53
CA ALA A 644 40.00 -25.96 -6.44
C ALA A 644 39.27 -24.83 -7.15
N GLU A 645 38.86 -23.79 -6.41
CA GLU A 645 38.13 -22.71 -7.04
C GLU A 645 38.97 -22.03 -8.12
N TYR A 646 40.29 -21.94 -7.89
CA TYR A 646 41.18 -21.31 -8.87
C TYR A 646 41.27 -22.14 -10.14
N ASN A 647 41.60 -23.44 -10.01
CA ASN A 647 41.65 -24.31 -11.18
C ASN A 647 40.33 -24.32 -11.94
N GLU A 648 39.20 -24.38 -11.21
CA GLU A 648 37.91 -24.33 -11.88
C GLU A 648 37.73 -23.03 -12.61
N LEU A 649 38.20 -21.93 -12.02
CA LEU A 649 38.02 -20.62 -12.61
C LEU A 649 38.83 -20.46 -13.89
N LEU A 650 40.06 -20.99 -13.91
CA LEU A 650 40.89 -20.91 -15.11
C LEU A 650 40.21 -21.57 -16.30
N ASN A 651 39.55 -22.72 -16.06
CA ASN A 651 38.86 -23.40 -17.15
C ASN A 651 37.65 -22.60 -17.61
N TYR A 652 36.95 -21.98 -16.65
CA TYR A 652 35.79 -21.15 -16.97
C TYR A 652 36.21 -19.94 -17.79
N ILE A 653 37.34 -19.32 -17.42
CA ILE A 653 37.83 -18.17 -18.16
C ILE A 653 38.13 -18.53 -19.60
N SER A 654 38.81 -19.66 -19.82
CA SER A 654 39.13 -20.08 -21.18
C SER A 654 37.87 -20.38 -21.98
N GLU A 655 36.84 -20.95 -21.35
CA GLU A 655 35.58 -21.15 -22.06
C GLU A 655 34.93 -19.81 -22.41
N LEU A 656 34.89 -18.87 -21.47
CA LEU A 656 34.33 -17.56 -21.78
C LEU A 656 35.06 -16.89 -22.94
N GLU A 657 36.39 -16.98 -22.97
CA GLU A 657 37.13 -16.32 -24.04
C GLU A 657 36.90 -16.97 -25.41
N THR A 658 36.66 -18.30 -25.44
CA THR A 658 36.32 -18.97 -26.69
C THR A 658 35.07 -18.37 -27.32
N ILE A 659 34.11 -17.96 -26.50
CA ILE A 659 32.84 -17.46 -26.98
C ILE A 659 32.99 -16.06 -27.58
N LEU A 660 33.68 -15.17 -26.87
CA LEU A 660 33.89 -13.81 -27.37
C LEU A 660 34.79 -13.77 -28.60
N ALA A 661 35.60 -14.79 -28.84
CA ALA A 661 36.53 -14.77 -29.97
C ALA A 661 35.90 -15.19 -31.29
N ASP A 662 34.66 -15.68 -31.29
CA ASP A 662 34.03 -16.18 -32.50
C ASP A 662 32.53 -15.88 -32.44
N GLU A 663 32.09 -14.92 -33.25
CA GLU A 663 30.67 -14.56 -33.27
C GLU A 663 29.77 -15.76 -33.48
N GLU A 664 30.25 -16.77 -34.23
CA GLU A 664 29.42 -17.93 -34.50
C GLU A 664 29.19 -18.75 -33.24
N VAL A 665 30.22 -18.90 -32.40
CA VAL A 665 30.08 -19.64 -31.16
C VAL A 665 29.09 -18.96 -30.23
N LEU A 666 29.14 -17.62 -30.18
CA LEU A 666 28.18 -16.86 -29.39
C LEU A 666 26.78 -16.97 -29.96
N LEU A 667 26.64 -16.90 -31.29
CA LEU A 667 25.32 -17.09 -31.85
C LEU A 667 24.79 -18.48 -31.52
N GLN A 668 25.67 -19.50 -31.56
CA GLN A 668 25.21 -20.85 -31.23
C GLN A 668 24.82 -20.99 -29.77
N LEU A 669 25.47 -20.24 -28.87
CA LEU A 669 25.03 -20.24 -27.48
C LEU A 669 23.67 -19.57 -27.33
N VAL A 670 23.39 -18.53 -28.13
CA VAL A 670 22.05 -17.95 -28.15
C VAL A 670 21.03 -19.02 -28.54
N ARG A 671 21.25 -19.71 -29.66
CA ARG A 671 20.29 -20.75 -30.08
C ARG A 671 20.12 -21.83 -29.00
N ASP A 672 21.21 -22.21 -28.34
CA ASP A 672 21.14 -23.28 -27.37
C ASP A 672 20.29 -22.88 -26.17
N GLU A 673 20.49 -21.67 -25.66
CA GLU A 673 19.71 -21.24 -24.50
C GLU A 673 18.26 -20.99 -24.88
N LEU A 674 17.99 -20.59 -26.13
CA LEU A 674 16.59 -20.50 -26.56
C LEU A 674 15.96 -21.90 -26.68
N THR A 675 16.73 -22.86 -27.21
CA THR A 675 16.25 -24.24 -27.28
C THR A 675 15.98 -24.82 -25.88
N GLU A 676 16.85 -24.53 -24.93
CA GLU A 676 16.59 -24.97 -23.56
C GLU A 676 15.27 -24.40 -23.05
N ILE A 677 15.02 -23.10 -23.29
CA ILE A 677 13.77 -22.50 -22.84
C ILE A 677 12.57 -23.12 -23.56
N ARG A 678 12.72 -23.39 -24.85
CA ARG A 678 11.62 -24.01 -25.59
C ARG A 678 11.25 -25.36 -24.98
N ASP A 679 12.26 -26.15 -24.64
CA ASP A 679 11.99 -27.48 -24.09
C ASP A 679 11.36 -27.41 -22.70
N ARG A 680 11.73 -26.42 -21.91
CA ARG A 680 11.22 -26.35 -20.54
C ARG A 680 9.85 -25.69 -20.46
N PHE A 681 9.57 -24.70 -21.31
CA PHE A 681 8.33 -23.93 -21.21
C PHE A 681 7.43 -24.00 -22.42
N GLY A 682 7.86 -24.62 -23.51
CA GLY A 682 7.00 -24.75 -24.68
C GLY A 682 5.82 -25.63 -24.37
N ASP A 683 4.65 -25.27 -24.91
CA ASP A 683 3.42 -25.99 -24.63
C ASP A 683 2.65 -26.16 -25.94
N ASP A 684 1.53 -26.85 -25.88
CA ASP A 684 0.77 -27.05 -27.10
C ASP A 684 0.01 -25.80 -27.50
N ARG A 685 -0.31 -25.72 -28.79
CA ARG A 685 -1.15 -24.66 -29.29
C ARG A 685 -2.56 -24.88 -28.78
N ARG A 686 -3.26 -23.78 -28.48
CA ARG A 686 -4.63 -23.83 -27.99
C ARG A 686 -5.64 -23.39 -29.03
N THR A 687 -5.37 -22.29 -29.72
CA THR A 687 -6.29 -21.79 -30.73
C THR A 687 -6.14 -22.62 -32.00
N GLU A 688 -7.26 -23.09 -32.54
CA GLU A 688 -7.22 -23.84 -33.79
C GLU A 688 -7.40 -22.87 -34.94
N ILE A 689 -6.53 -22.96 -35.94
CA ILE A 689 -6.62 -22.13 -37.12
C ILE A 689 -7.33 -22.94 -38.19
N GLN A 690 -8.56 -22.55 -38.53
CA GLN A 690 -9.35 -23.27 -39.51
C GLN A 690 -9.30 -22.59 -40.87
N LEU A 691 -9.22 -23.39 -41.91
CA LEU A 691 -9.28 -22.89 -43.27
C LEU A 691 -10.69 -22.40 -43.55
N LYS B 9 -24.92 -8.14 -7.64
CA LYS B 9 -25.17 -8.43 -6.22
C LYS B 9 -25.29 -9.93 -6.01
N LEU B 10 -26.52 -10.43 -6.02
CA LEU B 10 -26.80 -11.84 -5.79
C LEU B 10 -26.46 -12.65 -7.03
N ALA B 11 -25.52 -13.59 -6.90
CA ALA B 11 -25.22 -14.54 -7.98
C ALA B 11 -26.05 -15.79 -7.72
N ASP B 12 -27.23 -15.84 -8.33
CA ASP B 12 -28.14 -16.93 -8.03
C ASP B 12 -27.69 -18.22 -8.72
N CYS B 13 -28.15 -19.35 -8.18
CA CYS B 13 -27.93 -20.64 -8.81
C CYS B 13 -29.04 -20.92 -9.83
N SER B 14 -28.84 -21.97 -10.64
CA SER B 14 -29.78 -22.27 -11.72
C SER B 14 -30.91 -23.20 -11.29
N SER B 15 -30.71 -24.05 -10.30
CA SER B 15 -31.84 -24.82 -9.77
C SER B 15 -32.82 -23.88 -9.08
N LYS B 16 -34.10 -24.05 -9.39
CA LYS B 16 -35.18 -23.33 -8.74
C LYS B 16 -35.93 -24.23 -7.75
N SER B 17 -35.31 -25.34 -7.33
CA SER B 17 -35.91 -26.24 -6.36
C SER B 17 -35.31 -25.97 -5.00
N PRO B 18 -36.04 -25.34 -4.07
CA PRO B 18 -35.40 -24.79 -2.86
C PRO B 18 -34.74 -25.83 -1.97
N GLU B 19 -35.25 -27.06 -1.90
CA GLU B 19 -34.72 -28.00 -0.92
C GLU B 19 -33.31 -28.48 -1.25
N GLU B 20 -32.84 -28.28 -2.49
CA GLU B 20 -31.47 -28.64 -2.84
C GLU B 20 -30.57 -27.42 -2.99
N CYS B 21 -31.09 -26.21 -2.86
CA CYS B 21 -30.33 -24.99 -3.07
C CYS B 21 -29.91 -24.36 -1.75
N GLU B 22 -28.71 -23.79 -1.74
CA GLU B 22 -28.11 -23.15 -0.58
C GLU B 22 -27.69 -21.75 -1.00
N ILE B 23 -27.76 -20.80 -0.06
CA ILE B 23 -27.25 -19.45 -0.32
C ILE B 23 -26.15 -19.14 0.69
N PHE B 24 -24.98 -18.78 0.19
CA PHE B 24 -23.84 -18.47 1.03
C PHE B 24 -23.77 -16.95 1.19
N LEU B 25 -23.66 -16.49 2.43
CA LEU B 25 -23.45 -15.08 2.73
C LEU B 25 -21.97 -14.85 3.04
N VAL B 26 -21.34 -13.92 2.32
CA VAL B 26 -19.94 -13.59 2.51
C VAL B 26 -19.82 -12.08 2.70
N GLU B 27 -18.63 -11.61 3.07
CA GLU B 27 -18.53 -10.25 3.59
C GLU B 27 -18.54 -9.17 2.51
N GLY B 28 -18.32 -9.54 1.26
CA GLY B 28 -18.13 -8.57 0.19
C GLY B 28 -17.62 -9.26 -1.07
N ASP B 29 -17.28 -8.43 -2.08
CA ASP B 29 -16.96 -8.96 -3.41
C ASP B 29 -15.60 -9.65 -3.47
N SER B 30 -14.61 -9.18 -2.70
CA SER B 30 -13.34 -9.88 -2.64
C SER B 30 -13.54 -11.33 -2.24
N ALA B 31 -14.33 -11.56 -1.18
CA ALA B 31 -14.67 -12.91 -0.77
C ALA B 31 -15.59 -13.56 -1.78
N GLY B 32 -16.49 -12.78 -2.37
CA GLY B 32 -17.45 -13.32 -3.30
C GLY B 32 -16.80 -13.91 -4.53
N GLY B 33 -15.76 -13.26 -5.06
CA GLY B 33 -15.12 -13.76 -6.26
C GLY B 33 -14.60 -15.18 -6.09
N SER B 34 -13.86 -15.43 -5.00
CA SER B 34 -13.40 -16.78 -4.71
C SER B 34 -14.58 -17.72 -4.51
N THR B 35 -15.62 -17.25 -3.82
CA THR B 35 -16.78 -18.11 -3.60
C THR B 35 -17.48 -18.42 -4.92
N LYS B 36 -17.63 -17.39 -5.78
CA LYS B 36 -18.29 -17.60 -7.07
C LYS B 36 -17.50 -18.52 -7.98
N SER B 37 -16.16 -18.46 -7.91
CA SER B 37 -15.32 -19.32 -8.76
C SER B 37 -15.25 -20.75 -8.24
N GLY B 38 -15.36 -20.96 -6.94
CA GLY B 38 -15.29 -22.31 -6.40
C GLY B 38 -16.60 -23.06 -6.32
N ARG B 39 -17.74 -22.36 -6.31
CA ARG B 39 -19.03 -22.95 -6.03
C ARG B 39 -19.43 -23.96 -7.09
N ASP B 40 -20.46 -24.76 -6.75
CA ASP B 40 -21.28 -25.47 -7.72
C ASP B 40 -22.46 -24.56 -7.99
N SER B 41 -22.51 -23.96 -9.18
CA SER B 41 -23.49 -22.93 -9.49
C SER B 41 -24.86 -23.51 -9.81
N ARG B 42 -25.01 -24.83 -9.77
CA ARG B 42 -26.33 -25.41 -9.93
C ARG B 42 -27.15 -25.29 -8.66
N THR B 43 -26.51 -25.32 -7.48
CA THR B 43 -27.23 -25.38 -6.20
C THR B 43 -26.77 -24.35 -5.17
N GLN B 44 -25.78 -23.54 -5.48
CA GLN B 44 -25.19 -22.64 -4.50
C GLN B 44 -25.25 -21.22 -5.05
N ALA B 45 -26.08 -20.39 -4.42
CA ALA B 45 -26.13 -18.98 -4.75
C ALA B 45 -25.24 -18.20 -3.78
N ILE B 46 -24.85 -16.99 -4.17
CA ILE B 46 -23.92 -16.22 -3.35
C ILE B 46 -24.40 -14.78 -3.23
N LEU B 47 -24.33 -14.25 -2.01
CA LEU B 47 -24.73 -12.88 -1.72
C LEU B 47 -23.60 -12.22 -0.94
N PRO B 48 -22.74 -11.45 -1.59
CA PRO B 48 -21.79 -10.66 -0.83
C PRO B 48 -22.51 -9.53 -0.14
N LEU B 49 -22.12 -9.28 1.10
CA LEU B 49 -22.65 -8.14 1.83
C LEU B 49 -21.67 -6.99 1.73
N ARG B 50 -21.62 -6.13 2.74
CA ARG B 50 -20.72 -4.98 2.75
C ARG B 50 -20.13 -4.79 4.13
N GLY B 51 -19.55 -5.86 4.69
CA GLY B 51 -18.88 -5.74 5.97
C GLY B 51 -19.82 -5.68 7.16
N LYS B 52 -19.53 -4.82 8.13
CA LYS B 52 -20.33 -4.80 9.35
C LYS B 52 -21.78 -4.50 9.01
N ILE B 53 -22.67 -5.43 9.35
CA ILE B 53 -24.08 -5.25 9.04
C ILE B 53 -24.80 -4.59 10.23
N LEU B 54 -25.93 -3.93 9.93
CA LEU B 54 -26.73 -3.23 10.95
C LEU B 54 -27.08 -4.15 12.11
N ASN B 55 -26.89 -3.64 13.34
CA ASN B 55 -27.34 -4.33 14.56
C ASN B 55 -28.82 -4.01 14.78
N VAL B 56 -29.70 -4.97 14.47
CA VAL B 56 -31.14 -4.72 14.52
C VAL B 56 -31.72 -4.80 15.92
N GLU B 57 -30.91 -5.16 16.92
CA GLU B 57 -31.33 -5.07 18.31
C GLU B 57 -31.22 -3.64 18.81
N LYS B 58 -30.39 -2.83 18.17
CA LYS B 58 -30.18 -1.44 18.55
C LYS B 58 -30.92 -0.46 17.65
N ALA B 59 -31.32 -0.87 16.46
CA ALA B 59 -31.91 0.04 15.48
C ALA B 59 -33.43 -0.10 15.47
N ARG B 60 -34.10 0.97 15.06
CA ARG B 60 -35.55 0.92 14.92
C ARG B 60 -35.92 0.48 13.51
N LEU B 61 -37.18 0.07 13.35
CA LEU B 61 -37.57 -0.67 12.15
C LEU B 61 -37.43 0.19 10.89
N ASP B 62 -37.72 1.49 10.98
CA ASP B 62 -37.60 2.33 9.79
C ASP B 62 -36.17 2.27 9.25
N ARG B 63 -35.18 2.33 10.13
CA ARG B 63 -33.80 2.22 9.66
C ARG B 63 -33.51 0.83 9.09
N ILE B 64 -33.98 -0.21 9.78
CA ILE B 64 -33.73 -1.58 9.33
C ILE B 64 -34.29 -1.77 7.93
N LEU B 65 -35.58 -1.48 7.74
CA LEU B 65 -36.27 -1.79 6.49
C LEU B 65 -35.71 -1.03 5.30
N ASN B 66 -34.97 0.05 5.52
CA ASN B 66 -34.38 0.82 4.43
C ASN B 66 -32.87 0.63 4.33
N ASN B 67 -32.31 -0.36 5.03
CA ASN B 67 -30.89 -0.68 4.95
C ASN B 67 -30.62 -1.59 3.77
N ASN B 68 -29.66 -1.20 2.94
CA ASN B 68 -29.47 -1.87 1.64
C ASN B 68 -29.11 -3.33 1.82
N GLU B 69 -28.29 -3.66 2.82
CA GLU B 69 -27.91 -5.04 3.04
C GLU B 69 -29.08 -5.89 3.50
N ILE B 70 -29.85 -5.39 4.48
CA ILE B 70 -31.00 -6.12 4.98
C ILE B 70 -32.00 -6.39 3.86
N ARG B 71 -32.28 -5.36 3.04
CA ARG B 71 -33.24 -5.54 1.95
C ARG B 71 -32.80 -6.65 1.00
N GLN B 72 -31.51 -6.70 0.67
CA GLN B 72 -31.06 -7.68 -0.30
C GLN B 72 -31.21 -9.09 0.24
N MET B 73 -30.97 -9.28 1.54
CA MET B 73 -31.19 -10.59 2.14
C MET B 73 -32.66 -10.98 2.08
N ILE B 74 -33.56 -10.04 2.42
CA ILE B 74 -34.99 -10.36 2.44
C ILE B 74 -35.46 -10.76 1.05
N THR B 75 -35.10 -9.96 0.04
CA THR B 75 -35.47 -10.28 -1.34
C THR B 75 -34.93 -11.64 -1.73
N ALA B 76 -33.66 -11.91 -1.40
CA ALA B 76 -33.06 -13.18 -1.77
C ALA B 76 -33.73 -14.35 -1.05
N PHE B 77 -34.08 -14.18 0.23
CA PHE B 77 -34.66 -15.31 0.96
C PHE B 77 -36.09 -15.60 0.52
N GLY B 78 -36.88 -14.56 0.23
CA GLY B 78 -38.22 -14.74 -0.30
C GLY B 78 -39.34 -14.92 0.73
N THR B 79 -39.01 -15.17 1.99
CA THR B 79 -40.02 -15.53 3.00
C THR B 79 -40.73 -14.34 3.61
N GLY B 80 -40.28 -13.11 3.39
CA GLY B 80 -40.82 -12.00 4.15
C GLY B 80 -40.25 -12.02 5.55
N ILE B 81 -40.76 -11.09 6.37
CA ILE B 81 -40.21 -10.90 7.71
C ILE B 81 -41.35 -10.75 8.71
N GLY B 82 -41.00 -10.96 9.99
CA GLY B 82 -41.93 -10.72 11.09
C GLY B 82 -43.18 -11.57 10.99
N GLY B 83 -44.31 -10.94 11.27
CA GLY B 83 -45.59 -11.62 11.13
C GLY B 83 -45.93 -12.02 9.71
N ASP B 84 -45.24 -11.46 8.72
CA ASP B 84 -45.43 -11.83 7.33
C ASP B 84 -44.58 -13.02 6.91
N PHE B 85 -43.73 -13.52 7.80
CA PHE B 85 -42.82 -14.60 7.44
C PHE B 85 -43.61 -15.81 6.97
N ASP B 86 -43.06 -16.50 5.97
CA ASP B 86 -43.72 -17.67 5.39
C ASP B 86 -42.62 -18.65 5.02
N LEU B 87 -42.51 -19.73 5.80
CA LEU B 87 -41.46 -20.72 5.55
C LEU B 87 -41.65 -21.39 4.18
N ALA B 88 -42.89 -21.49 3.70
CA ALA B 88 -43.12 -22.19 2.44
C ALA B 88 -42.51 -21.46 1.26
N LYS B 89 -42.27 -20.15 1.37
CA LYS B 89 -41.73 -19.38 0.27
C LYS B 89 -40.21 -19.28 0.29
N ALA B 90 -39.53 -20.05 1.14
CA ALA B 90 -38.07 -20.01 1.17
C ALA B 90 -37.50 -20.41 -0.19
N ARG B 91 -36.60 -19.58 -0.71
CA ARG B 91 -35.94 -19.90 -1.96
C ARG B 91 -34.74 -20.81 -1.77
N TYR B 92 -34.29 -21.00 -0.53
CA TYR B 92 -33.24 -21.95 -0.18
C TYR B 92 -33.62 -22.63 1.13
N HIS B 93 -33.18 -23.87 1.32
CA HIS B 93 -33.35 -24.53 2.61
C HIS B 93 -32.05 -24.60 3.40
N LYS B 94 -30.97 -23.99 2.89
CA LYS B 94 -29.72 -23.80 3.62
C LYS B 94 -29.26 -22.37 3.43
N ILE B 95 -29.26 -21.59 4.51
CA ILE B 95 -28.69 -20.26 4.52
C ILE B 95 -27.38 -20.37 5.30
N VAL B 96 -26.26 -20.24 4.61
CA VAL B 96 -24.95 -20.51 5.17
C VAL B 96 -24.24 -19.20 5.43
N ILE B 97 -23.90 -18.94 6.70
CA ILE B 97 -23.11 -17.78 7.08
C ILE B 97 -21.64 -18.13 6.90
N MET B 98 -20.96 -17.46 5.96
CA MET B 98 -19.57 -17.78 5.62
C MET B 98 -18.75 -16.47 5.70
N THR B 99 -18.58 -15.97 6.92
CA THR B 99 -17.80 -14.77 7.02
C THR B 99 -16.32 -15.14 7.07
N ASP B 100 -15.47 -14.12 7.06
CA ASP B 100 -14.04 -14.37 7.11
C ASP B 100 -13.66 -14.97 8.46
N ALA B 101 -12.55 -15.72 8.47
CA ALA B 101 -12.12 -16.43 9.67
C ALA B 101 -11.23 -15.52 10.53
N ASP B 102 -11.85 -14.48 11.09
CA ASP B 102 -11.18 -13.59 12.03
C ASP B 102 -12.23 -13.01 12.96
N VAL B 103 -11.78 -12.27 13.99
CA VAL B 103 -12.71 -11.82 15.02
C VAL B 103 -13.77 -10.87 14.45
N ASP B 104 -13.45 -10.10 13.40
CA ASP B 104 -14.48 -9.27 12.81
C ASP B 104 -15.46 -10.08 11.98
N GLY B 105 -15.02 -11.21 11.42
CA GLY B 105 -15.95 -12.15 10.84
C GLY B 105 -16.84 -12.81 11.87
N ALA B 106 -16.32 -13.03 13.09
CA ALA B 106 -17.17 -13.49 14.17
C ALA B 106 -18.22 -12.44 14.54
N HIS B 107 -17.82 -11.16 14.52
CA HIS B 107 -18.77 -10.09 14.83
C HIS B 107 -19.88 -10.06 13.81
N ILE B 108 -19.53 -10.08 12.52
CA ILE B 108 -20.54 -10.06 11.46
C ILE B 108 -21.49 -11.24 11.61
N ARG B 109 -20.96 -12.39 12.02
CA ARG B 109 -21.81 -13.54 12.26
C ARG B 109 -22.81 -13.29 13.38
N THR B 110 -22.39 -12.62 14.46
CA THR B 110 -23.35 -12.34 15.53
C THR B 110 -24.42 -11.36 15.06
N LEU B 111 -24.03 -10.40 14.22
CA LEU B 111 -24.98 -9.43 13.66
C LEU B 111 -25.98 -10.12 12.74
N LEU B 112 -25.53 -11.02 11.86
CA LEU B 112 -26.46 -11.71 10.97
C LEU B 112 -27.40 -12.59 11.77
N LEU B 113 -26.86 -13.37 12.72
CA LEU B 113 -27.70 -14.17 13.60
C LEU B 113 -28.75 -13.33 14.30
N THR B 114 -28.36 -12.15 14.80
CA THR B 114 -29.34 -11.29 15.45
C THR B 114 -30.48 -10.96 14.49
N PHE B 115 -30.14 -10.65 13.24
CA PHE B 115 -31.17 -10.31 12.26
C PHE B 115 -32.10 -11.49 12.03
N PHE B 116 -31.53 -12.69 11.82
CA PHE B 116 -32.37 -13.88 11.65
C PHE B 116 -33.19 -14.15 12.89
N TYR B 117 -32.61 -13.94 14.08
CA TYR B 117 -33.37 -14.29 15.27
C TYR B 117 -34.54 -13.35 15.49
N ARG B 118 -34.40 -12.09 15.10
CA ARG B 118 -35.43 -11.11 15.39
C ARG B 118 -36.45 -10.95 14.28
N PHE B 119 -36.11 -11.33 13.04
CA PHE B 119 -37.01 -11.12 11.92
C PHE B 119 -37.42 -12.41 11.22
N MET B 120 -36.67 -13.49 11.41
CA MET B 120 -36.84 -14.72 10.65
C MET B 120 -36.63 -15.92 11.55
N ARG B 121 -37.08 -15.83 12.80
CA ARG B 121 -36.93 -16.92 13.75
C ARG B 121 -37.37 -18.28 13.23
N PRO B 122 -38.55 -18.42 12.58
CA PRO B 122 -38.94 -19.76 12.11
C PRO B 122 -37.93 -20.37 11.14
N LEU B 123 -37.09 -19.56 10.50
CA LEU B 123 -36.04 -20.12 9.65
C LEU B 123 -34.98 -20.84 10.50
N ILE B 124 -34.64 -20.25 11.65
CA ILE B 124 -33.71 -20.93 12.56
C ILE B 124 -34.34 -22.22 13.07
N GLU B 125 -35.62 -22.16 13.46
CA GLU B 125 -36.27 -23.32 14.07
C GLU B 125 -36.50 -24.43 13.05
N ALA B 126 -36.60 -24.07 11.77
CA ALA B 126 -36.64 -25.07 10.73
C ALA B 126 -35.27 -25.68 10.46
N GLY B 127 -34.23 -25.13 11.07
CA GLY B 127 -32.88 -25.63 10.80
C GLY B 127 -32.38 -25.29 9.42
N TYR B 128 -32.77 -24.14 8.89
CA TYR B 128 -32.30 -23.66 7.59
C TYR B 128 -31.05 -22.80 7.69
N VAL B 129 -30.64 -22.41 8.90
CA VAL B 129 -29.49 -21.53 9.08
C VAL B 129 -28.27 -22.37 9.44
N TYR B 130 -27.15 -22.12 8.76
CA TYR B 130 -25.92 -22.87 8.95
C TYR B 130 -24.76 -21.91 9.05
N ILE B 131 -23.65 -22.39 9.61
CA ILE B 131 -22.41 -21.62 9.74
C ILE B 131 -21.31 -22.40 9.04
N ALA B 132 -20.70 -21.80 8.03
CA ALA B 132 -19.58 -22.46 7.38
C ALA B 132 -18.35 -22.31 8.24
N GLN B 133 -17.37 -23.17 8.00
CA GLN B 133 -16.13 -23.20 8.78
C GLN B 133 -14.93 -23.12 7.86
N PRO B 134 -14.65 -21.96 7.27
CA PRO B 134 -13.46 -21.83 6.45
C PRO B 134 -12.21 -21.85 7.33
N PRO B 135 -11.09 -22.34 6.81
CA PRO B 135 -9.91 -22.55 7.67
C PRO B 135 -9.24 -21.24 8.05
N THR B 136 -8.60 -21.26 9.23
CA THR B 136 -7.85 -20.11 9.73
C THR B 136 -6.54 -19.97 8.95
N GLY B 137 -5.89 -18.82 9.12
CA GLY B 137 -4.67 -18.52 8.40
C GLY B 137 -4.83 -17.66 7.17
N TYR B 138 -6.07 -17.31 6.78
CA TYR B 138 -6.33 -16.40 5.66
C TYR B 138 -6.98 -15.13 6.17
N LYS B 139 -6.58 -13.99 5.61
CA LYS B 139 -7.10 -12.71 6.09
C LYS B 139 -8.58 -12.55 5.73
N GLY B 140 -8.96 -13.01 4.54
CA GLY B 140 -10.36 -13.11 4.15
C GLY B 140 -10.45 -14.17 3.09
N LEU B 141 -11.70 -14.51 2.70
CA LEU B 141 -11.85 -15.57 1.71
C LEU B 141 -11.20 -15.19 0.39
N GLY B 142 -11.04 -13.89 0.13
CA GLY B 142 -10.37 -13.40 -1.06
C GLY B 142 -8.88 -13.68 -1.11
N GLU B 143 -8.32 -14.26 -0.04
CA GLU B 143 -6.96 -14.78 -0.08
C GLU B 143 -6.92 -16.25 -0.47
N MET B 144 -8.04 -16.96 -0.42
CA MET B 144 -8.01 -18.36 -0.81
C MET B 144 -8.16 -18.51 -2.32
N ASN B 145 -7.54 -19.55 -2.87
CA ASN B 145 -7.85 -19.91 -4.25
C ASN B 145 -9.24 -20.56 -4.31
N ALA B 146 -9.85 -20.47 -5.50
CA ALA B 146 -11.19 -21.01 -5.69
C ALA B 146 -11.29 -22.48 -5.26
N ASP B 147 -10.31 -23.29 -5.66
CA ASP B 147 -10.41 -24.72 -5.41
C ASP B 147 -10.24 -25.07 -3.93
N GLN B 148 -9.43 -24.30 -3.19
CA GLN B 148 -9.26 -24.65 -1.78
C GLN B 148 -10.46 -24.21 -0.95
N LEU B 149 -11.17 -23.16 -1.38
CA LEU B 149 -12.41 -22.80 -0.72
C LEU B 149 -13.51 -23.83 -1.01
N TRP B 150 -13.53 -24.38 -2.22
CA TRP B 150 -14.46 -25.47 -2.53
C TRP B 150 -14.20 -26.67 -1.64
N GLU B 151 -12.94 -27.12 -1.58
CA GLU B 151 -12.65 -28.42 -0.97
C GLU B 151 -12.72 -28.39 0.55
N THR B 152 -12.38 -27.25 1.18
CA THR B 152 -12.41 -27.13 2.63
C THR B 152 -13.76 -26.72 3.19
N THR B 153 -14.58 -26.03 2.40
CA THR B 153 -15.67 -25.27 2.99
C THR B 153 -17.02 -25.45 2.30
N MET B 154 -17.04 -25.62 0.98
CA MET B 154 -18.29 -25.62 0.22
C MET B 154 -18.67 -26.99 -0.31
N ASN B 155 -17.71 -27.88 -0.49
CA ASN B 155 -17.95 -29.18 -1.06
C ASN B 155 -18.78 -30.02 -0.10
N PRO B 156 -19.97 -30.49 -0.48
CA PRO B 156 -20.78 -31.30 0.44
C PRO B 156 -20.12 -32.59 0.89
N GLU B 157 -19.07 -33.06 0.22
CA GLU B 157 -18.43 -34.30 0.61
C GLU B 157 -17.41 -34.15 1.73
N HIS B 158 -16.83 -32.96 1.90
CA HIS B 158 -15.80 -32.73 2.91
C HIS B 158 -16.12 -31.60 3.87
N ARG B 159 -17.17 -30.81 3.62
CA ARG B 159 -17.43 -29.66 4.48
C ARG B 159 -18.06 -30.09 5.79
N ALA B 160 -17.88 -29.24 6.79
CA ALA B 160 -18.43 -29.38 8.15
C ALA B 160 -19.23 -28.12 8.42
N LEU B 161 -20.43 -28.07 7.86
CA LEU B 161 -21.38 -27.02 8.21
C LEU B 161 -21.92 -27.24 9.61
N LEU B 162 -22.14 -26.15 10.33
CA LEU B 162 -22.78 -26.17 11.64
C LEU B 162 -24.24 -25.74 11.46
N GLN B 163 -25.18 -26.59 11.83
CA GLN B 163 -26.58 -26.24 11.78
C GLN B 163 -26.97 -25.50 13.06
N VAL B 164 -27.41 -24.25 12.91
CA VAL B 164 -27.77 -23.43 14.06
C VAL B 164 -29.01 -24.01 14.71
N LYS B 165 -28.92 -24.31 16.02
CA LYS B 165 -30.01 -24.90 16.77
C LYS B 165 -30.51 -23.93 17.84
N LEU B 166 -31.84 -23.82 17.94
CA LEU B 166 -32.49 -23.01 18.97
C LEU B 166 -33.13 -23.96 19.97
N GLU B 167 -32.63 -23.96 21.22
CA GLU B 167 -33.03 -24.94 22.20
C GLU B 167 -33.82 -24.38 23.37
N ASP B 168 -33.72 -23.07 23.62
CA ASP B 168 -34.51 -22.44 24.68
C ASP B 168 -34.76 -21.00 24.28
N ALA B 169 -36.01 -20.69 23.94
CA ALA B 169 -36.34 -19.36 23.43
C ALA B 169 -36.21 -18.28 24.48
N ILE B 170 -36.40 -18.62 25.76
CA ILE B 170 -36.24 -17.63 26.82
C ILE B 170 -34.77 -17.26 26.97
N GLU B 171 -33.88 -18.26 26.94
CA GLU B 171 -32.45 -17.98 27.07
C GLU B 171 -31.92 -17.22 25.86
N ALA B 172 -32.41 -17.57 24.67
CA ALA B 172 -31.98 -16.89 23.46
C ALA B 172 -32.33 -15.41 23.51
N ASP B 173 -33.62 -15.09 23.75
CA ASP B 173 -34.06 -13.71 23.93
C ASP B 173 -33.11 -12.94 24.84
N GLN B 174 -32.95 -13.40 26.08
CA GLN B 174 -32.10 -12.71 27.04
C GLN B 174 -30.67 -12.59 26.52
N THR B 175 -30.17 -13.62 25.83
CA THR B 175 -28.80 -13.58 25.32
C THR B 175 -28.65 -12.50 24.26
N PHE B 176 -29.56 -12.47 23.27
CA PHE B 176 -29.47 -11.45 22.24
C PHE B 176 -29.63 -10.06 22.84
N GLU B 177 -30.57 -9.89 23.77
CA GLU B 177 -30.73 -8.59 24.41
C GLU B 177 -29.48 -8.20 25.19
N MET B 178 -28.88 -9.14 25.89
CA MET B 178 -27.70 -8.80 26.68
C MET B 178 -26.51 -8.48 25.78
N LEU B 179 -26.21 -9.37 24.82
CA LEU B 179 -25.02 -9.17 23.98
C LEU B 179 -25.17 -7.99 23.01
N MET B 180 -26.36 -7.83 22.41
CA MET B 180 -26.53 -6.89 21.32
C MET B 180 -27.43 -5.70 21.63
N GLY B 181 -28.13 -5.69 22.77
CA GLY B 181 -29.07 -4.63 23.09
C GLY B 181 -28.40 -3.30 23.44
N ASP B 182 -29.23 -2.35 23.88
CA ASP B 182 -28.84 -0.96 24.13
C ASP B 182 -28.01 -0.81 25.41
N VAL B 183 -28.39 -1.49 26.48
CA VAL B 183 -27.76 -1.27 27.77
C VAL B 183 -26.32 -1.78 27.71
N VAL B 184 -25.36 -0.90 28.01
CA VAL B 184 -23.96 -1.30 27.91
C VAL B 184 -23.50 -2.08 29.14
N GLU B 185 -24.06 -1.76 30.32
CA GLU B 185 -23.55 -2.33 31.57
C GLU B 185 -23.74 -3.84 31.64
N ASN B 186 -24.81 -4.37 31.05
CA ASN B 186 -25.00 -5.82 31.05
C ASN B 186 -23.99 -6.50 30.12
N ARG B 187 -23.68 -5.85 29.01
CA ARG B 187 -22.64 -6.36 28.12
C ARG B 187 -21.29 -6.33 28.81
N ARG B 188 -20.93 -5.21 29.43
CA ARG B 188 -19.67 -5.13 30.17
C ARG B 188 -19.60 -6.18 31.26
N GLN B 189 -20.71 -6.44 31.95
CA GLN B 189 -20.71 -7.45 33.00
C GLN B 189 -20.46 -8.84 32.42
N PHE B 190 -21.10 -9.18 31.30
CA PHE B 190 -20.88 -10.49 30.68
C PHE B 190 -19.43 -10.67 30.27
N ILE B 191 -18.81 -9.63 29.71
CA ILE B 191 -17.40 -9.74 29.36
C ILE B 191 -16.57 -9.97 30.61
N GLU B 192 -16.81 -9.15 31.64
CA GLU B 192 -16.02 -9.28 32.86
C GLU B 192 -16.17 -10.68 33.46
N ASP B 193 -17.41 -11.16 33.55
CA ASP B 193 -17.67 -12.46 34.17
C ASP B 193 -17.14 -13.63 33.35
N ASN B 194 -16.83 -13.41 32.07
CA ASN B 194 -16.48 -14.51 31.20
C ASN B 194 -15.16 -14.36 30.49
N ALA B 195 -14.48 -13.22 30.60
CA ALA B 195 -13.22 -13.03 29.90
C ALA B 195 -12.12 -13.84 30.56
N VAL B 196 -11.33 -14.54 29.74
CA VAL B 196 -10.11 -15.20 30.17
C VAL B 196 -8.96 -14.67 29.32
N TYR B 197 -7.95 -14.10 29.98
CA TYR B 197 -6.81 -13.51 29.27
C TYR B 197 -5.61 -14.44 29.27
N ASN B 211 -21.32 -30.90 14.75
CA ASN B 211 -21.76 -30.44 13.44
C ASN B 211 -23.05 -29.63 13.53
N GLU B 212 -23.52 -29.40 14.76
CA GLU B 212 -24.67 -28.56 15.00
C GLU B 212 -24.37 -27.67 16.19
N ARG B 213 -24.80 -26.43 16.12
CA ARG B 213 -24.39 -25.43 17.10
C ARG B 213 -25.62 -24.77 17.70
N ASN B 214 -25.69 -24.76 19.03
CA ASN B 214 -26.76 -24.06 19.72
C ASN B 214 -26.53 -22.56 19.62
N ILE B 215 -27.61 -21.79 19.41
CA ILE B 215 -27.42 -20.41 19.03
C ILE B 215 -26.94 -19.57 20.22
N THR B 216 -27.40 -19.88 21.44
CA THR B 216 -26.96 -19.12 22.60
C THR B 216 -25.46 -19.31 22.85
N SER B 217 -24.98 -20.54 22.73
CA SER B 217 -23.55 -20.81 22.83
C SER B 217 -22.78 -20.12 21.71
N GLU B 218 -23.27 -20.23 20.47
CA GLU B 218 -22.60 -19.58 19.35
C GLU B 218 -22.55 -18.07 19.52
N MET B 219 -23.64 -17.47 20.03
CA MET B 219 -23.64 -16.02 20.20
C MET B 219 -22.70 -15.60 21.32
N ARG B 220 -22.70 -16.33 22.44
CA ARG B 220 -21.82 -15.95 23.54
C ARG B 220 -20.37 -16.16 23.19
N GLU B 221 -20.04 -17.23 22.46
CA GLU B 221 -18.64 -17.49 22.12
C GLU B 221 -18.12 -16.50 21.08
N SER B 222 -18.83 -16.36 19.96
CA SER B 222 -18.34 -15.44 18.93
C SER B 222 -18.33 -14.00 19.42
N PHE B 223 -19.31 -13.60 20.22
CA PHE B 223 -19.31 -12.21 20.65
C PHE B 223 -18.17 -11.96 21.63
N LEU B 224 -17.97 -12.87 22.59
CA LEU B 224 -16.90 -12.69 23.56
C LEU B 224 -15.53 -12.66 22.88
N ASP B 225 -15.35 -13.47 21.83
CA ASP B 225 -14.10 -13.41 21.07
C ASP B 225 -13.89 -12.03 20.47
N TYR B 226 -14.91 -11.52 19.76
CA TYR B 226 -14.86 -10.16 19.24
C TYR B 226 -14.54 -9.17 20.36
N ALA B 227 -15.33 -9.20 21.44
CA ALA B 227 -15.21 -8.16 22.46
C ALA B 227 -13.83 -8.16 23.09
N MET B 228 -13.32 -9.34 23.44
CA MET B 228 -12.00 -9.44 24.05
C MET B 228 -10.91 -8.96 23.12
N SER B 229 -11.04 -9.27 21.83
CA SER B 229 -10.04 -8.82 20.87
C SER B 229 -10.04 -7.31 20.72
N VAL B 230 -11.22 -6.68 20.76
CA VAL B 230 -11.27 -5.24 20.63
C VAL B 230 -10.74 -4.57 21.89
N ILE B 231 -11.09 -5.15 23.04
CA ILE B 231 -10.65 -4.62 24.33
C ILE B 231 -9.13 -4.67 24.46
N VAL B 232 -8.52 -5.82 24.21
CA VAL B 232 -7.09 -5.94 24.51
C VAL B 232 -6.21 -5.90 23.28
N ALA B 233 -6.76 -5.81 22.07
CA ALA B 233 -5.85 -5.77 20.92
C ALA B 233 -6.42 -4.89 19.80
N ARG B 234 -7.00 -3.74 20.17
CA ARG B 234 -7.44 -2.76 19.20
C ARG B 234 -7.63 -1.36 19.77
N ALA B 235 -8.65 -1.16 20.61
CA ALA B 235 -9.13 0.19 20.94
C ALA B 235 -8.54 0.77 22.23
N LEU B 236 -7.83 0.00 23.05
CA LEU B 236 -7.44 0.52 24.35
C LEU B 236 -5.91 0.59 24.48
N PRO B 237 -5.38 1.64 25.09
CA PRO B 237 -3.93 1.77 25.18
C PRO B 237 -3.37 0.90 26.28
N ASP B 238 -2.12 0.53 26.10
CA ASP B 238 -1.37 -0.11 27.18
C ASP B 238 -0.89 0.96 28.15
N VAL B 239 -1.01 0.67 29.45
CA VAL B 239 -0.65 1.68 30.46
C VAL B 239 0.84 2.00 30.43
N ARG B 240 1.65 1.06 29.92
CA ARG B 240 3.11 1.19 30.03
C ARG B 240 3.69 2.10 28.95
N ASP B 241 3.25 1.97 27.70
CA ASP B 241 3.82 2.79 26.64
C ASP B 241 2.79 3.70 25.97
N GLY B 242 1.54 3.66 26.43
CA GLY B 242 0.50 4.56 25.94
C GLY B 242 -0.08 4.22 24.58
N LEU B 243 0.32 3.11 23.97
CA LEU B 243 -0.03 2.82 22.59
C LEU B 243 -1.08 1.73 22.48
N LYS B 244 -1.89 1.84 21.44
CA LYS B 244 -2.71 0.79 20.87
C LYS B 244 -1.89 -0.04 19.91
N PRO B 245 -2.32 -1.26 19.61
CA PRO B 245 -1.52 -2.11 18.71
C PRO B 245 -1.20 -1.48 17.37
N VAL B 246 -2.15 -0.82 16.72
CA VAL B 246 -1.84 -0.28 15.39
C VAL B 246 -0.71 0.74 15.49
N HIS B 247 -0.73 1.62 16.50
CA HIS B 247 0.31 2.63 16.68
C HIS B 247 1.66 2.03 17.02
N ARG B 248 1.67 1.00 17.88
CA ARG B 248 2.92 0.36 18.22
C ARG B 248 3.58 -0.26 16.98
N ARG B 249 2.77 -0.90 16.14
CA ARG B 249 3.31 -1.63 14.99
C ARG B 249 3.84 -0.66 13.93
N ILE B 250 3.13 0.44 13.71
CA ILE B 250 3.63 1.52 12.85
C ILE B 250 4.99 1.97 13.33
N LEU B 251 5.07 2.39 14.59
CA LEU B 251 6.30 2.97 15.13
C LEU B 251 7.42 1.94 15.17
N TYR B 252 7.10 0.70 15.59
CA TYR B 252 8.08 -0.37 15.48
C TYR B 252 8.49 -0.56 14.02
N GLY B 253 7.52 -0.44 13.10
CA GLY B 253 7.82 -0.60 11.69
C GLY B 253 8.80 0.44 11.18
N LEU B 254 8.56 1.71 11.52
CA LEU B 254 9.52 2.75 11.16
C LEU B 254 10.90 2.44 11.75
N ASN B 255 10.94 1.86 12.95
CA ASN B 255 12.26 1.67 13.57
C ASN B 255 13.01 0.51 12.94
N GLU B 256 12.29 -0.55 12.56
CA GLU B 256 12.89 -1.70 11.89
C GLU B 256 13.39 -1.38 10.50
N GLN B 257 12.99 -0.26 9.93
CA GLN B 257 13.50 0.16 8.63
C GLN B 257 14.37 1.40 8.74
N GLY B 258 14.75 1.77 9.95
CA GLY B 258 15.68 2.88 10.14
C GLY B 258 15.18 4.19 9.57
N MET B 259 13.89 4.47 9.72
CA MET B 259 13.32 5.73 9.26
C MET B 259 13.39 6.77 10.38
N THR B 260 14.62 7.07 10.75
CA THR B 260 14.94 7.92 11.87
C THR B 260 14.93 9.38 11.45
N PRO B 261 14.86 10.31 12.41
CA PRO B 261 14.81 11.74 12.03
C PRO B 261 15.95 12.20 11.14
N ASP B 262 17.14 11.63 11.30
CA ASP B 262 18.29 12.05 10.49
C ASP B 262 18.18 11.56 9.05
N LYS B 263 17.47 10.47 8.80
CA LYS B 263 17.30 9.98 7.44
C LYS B 263 16.17 10.72 6.75
N SER B 264 16.14 10.62 5.41
CA SER B 264 15.10 11.31 4.67
C SER B 264 13.73 10.69 4.96
N TYR B 265 12.69 11.41 4.53
CA TYR B 265 11.33 10.90 4.61
C TYR B 265 11.17 9.66 3.72
N LYS B 266 10.25 8.78 4.12
CA LYS B 266 9.94 7.60 3.35
C LYS B 266 8.48 7.66 2.91
N LYS B 267 8.19 7.00 1.79
CA LYS B 267 6.87 7.07 1.19
C LYS B 267 5.84 6.41 2.12
N SER B 268 4.77 7.14 2.43
CA SER B 268 3.73 6.63 3.32
C SER B 268 3.17 5.29 2.85
N ALA B 269 3.08 5.09 1.53
CA ALA B 269 2.50 3.86 1.00
C ALA B 269 3.41 2.66 1.25
N ARG B 270 4.73 2.85 1.16
CA ARG B 270 5.65 1.76 1.50
C ARG B 270 5.50 1.38 2.96
N ILE B 271 5.46 2.39 3.84
CA ILE B 271 5.31 2.17 5.28
C ILE B 271 4.06 1.36 5.57
N VAL B 272 2.93 1.81 5.01
CA VAL B 272 1.64 1.16 5.27
C VAL B 272 1.64 -0.27 4.72
N GLY B 273 1.98 -0.44 3.45
CA GLY B 273 2.10 -1.79 2.92
C GLY B 273 3.03 -2.67 3.75
N ASP B 274 4.14 -2.09 4.22
CA ASP B 274 5.08 -2.85 5.03
C ASP B 274 4.48 -3.26 6.37
N VAL B 275 3.80 -2.33 7.05
CA VAL B 275 3.26 -2.61 8.38
C VAL B 275 2.13 -3.62 8.29
N MET B 276 1.32 -3.53 7.23
CA MET B 276 0.19 -4.43 7.07
C MET B 276 0.64 -5.84 6.78
N GLY B 277 1.65 -6.00 5.92
CA GLY B 277 2.11 -7.35 5.63
C GLY B 277 2.78 -7.98 6.84
N LYS B 278 3.61 -7.20 7.53
CA LYS B 278 4.44 -7.70 8.62
C LYS B 278 3.66 -7.88 9.92
N TYR B 279 2.94 -6.85 10.37
CA TYR B 279 2.41 -6.88 11.72
C TYR B 279 0.92 -6.56 11.87
N HIS B 280 0.28 -5.89 10.92
CA HIS B 280 -1.07 -5.39 11.16
C HIS B 280 -2.04 -5.80 10.06
N PRO B 281 -2.62 -7.00 10.17
CA PRO B 281 -3.44 -7.57 9.08
C PRO B 281 -4.86 -7.00 9.04
N HIS B 282 -4.94 -5.71 8.70
CA HIS B 282 -6.20 -4.98 8.69
C HIS B 282 -6.18 -4.03 7.51
N GLY B 283 -7.25 -3.24 7.37
CA GLY B 283 -7.37 -2.37 6.23
C GLY B 283 -6.25 -1.34 6.23
N ASP B 284 -5.88 -0.87 5.03
CA ASP B 284 -4.85 0.16 4.93
C ASP B 284 -5.35 1.53 5.38
N SER B 285 -6.66 1.76 5.38
CA SER B 285 -7.16 3.05 5.87
C SER B 285 -6.97 3.20 7.37
N SER B 286 -7.13 2.11 8.13
CA SER B 286 -6.87 2.18 9.58
C SER B 286 -5.39 2.40 9.89
N ILE B 287 -4.50 1.75 9.13
CA ILE B 287 -3.07 1.96 9.35
C ILE B 287 -2.68 3.40 9.00
N TYR B 288 -3.07 3.86 7.81
CA TYR B 288 -2.65 5.18 7.34
C TYR B 288 -3.22 6.30 8.22
N GLU B 289 -4.53 6.24 8.50
CA GLU B 289 -5.12 7.23 9.39
C GLU B 289 -4.49 7.23 10.79
N ALA B 290 -4.14 6.06 11.31
CA ALA B 290 -3.44 6.06 12.60
C ALA B 290 -2.08 6.76 12.49
N MET B 291 -1.32 6.49 11.42
CA MET B 291 -0.04 7.18 11.29
C MET B 291 -0.25 8.68 11.09
N VAL B 292 -1.30 9.06 10.36
CA VAL B 292 -1.57 10.47 10.12
C VAL B 292 -1.79 11.20 11.44
N ARG B 293 -2.63 10.66 12.32
CA ARG B 293 -2.94 11.38 13.56
C ARG B 293 -1.69 11.57 14.40
N MET B 294 -0.83 10.53 14.46
CA MET B 294 0.43 10.67 15.21
C MET B 294 1.27 11.84 14.67
N ALA B 295 1.02 12.28 13.44
CA ALA B 295 1.78 13.35 12.83
C ALA B 295 1.11 14.71 12.95
N GLN B 296 -0.07 14.81 13.57
CA GLN B 296 -0.82 16.05 13.63
C GLN B 296 -0.52 16.80 14.90
N ASP B 297 0.04 18.00 14.78
CA ASP B 297 0.37 18.75 15.98
C ASP B 297 -0.87 19.32 16.68
N PHE B 298 -2.07 19.20 16.07
CA PHE B 298 -3.29 19.53 16.79
C PHE B 298 -3.96 18.31 17.43
N SER B 299 -3.50 17.10 17.11
CA SER B 299 -3.96 15.87 17.76
C SER B 299 -2.99 15.36 18.83
N TYR B 300 -1.69 15.37 18.57
CA TYR B 300 -0.70 14.82 19.49
C TYR B 300 0.03 15.95 20.21
N ARG B 301 -0.05 15.94 21.54
CA ARG B 301 0.74 16.88 22.33
C ARG B 301 2.23 16.76 22.03
N TYR B 302 2.71 15.55 21.79
CA TYR B 302 4.10 15.29 21.41
C TYR B 302 4.03 14.37 20.20
N PRO B 303 3.99 14.93 18.99
CA PRO B 303 3.85 14.12 17.78
C PRO B 303 4.94 13.07 17.71
N LEU B 304 4.52 11.84 17.39
CA LEU B 304 5.37 10.67 17.22
C LEU B 304 5.76 10.42 15.77
N VAL B 305 5.08 11.04 14.83
CA VAL B 305 5.39 10.88 13.42
C VAL B 305 5.64 12.24 12.81
N ASP B 306 6.68 12.31 12.00
CA ASP B 306 7.07 13.51 11.29
C ASP B 306 6.61 13.35 9.86
N GLY B 307 5.59 14.12 9.48
CA GLY B 307 4.96 14.00 8.17
C GLY B 307 5.41 15.05 7.16
N GLN B 308 5.37 14.64 5.89
CA GLN B 308 5.71 15.47 4.74
C GLN B 308 4.50 15.51 3.81
N GLY B 309 3.83 16.65 3.76
CA GLY B 309 2.72 16.89 2.87
C GLY B 309 1.46 17.20 3.64
N ASN B 310 0.33 17.15 2.93
CA ASN B 310 -0.96 17.44 3.56
C ASN B 310 -1.31 16.30 4.52
N PHE B 311 -1.16 16.55 5.82
CA PHE B 311 -1.56 15.59 6.83
C PHE B 311 -2.83 16.01 7.57
N GLY B 312 -3.73 16.69 6.87
CA GLY B 312 -5.00 17.11 7.44
C GLY B 312 -4.90 18.43 8.18
N SER B 313 -6.06 18.91 8.65
CA SER B 313 -6.12 20.18 9.35
C SER B 313 -7.19 20.10 10.45
N MET B 314 -7.29 21.18 11.23
CA MET B 314 -8.30 21.31 12.28
C MET B 314 -9.70 21.51 11.75
N ASP B 315 -9.87 21.79 10.46
CA ASP B 315 -11.19 21.83 9.83
C ASP B 315 -11.70 20.44 9.47
N GLY B 316 -11.04 19.38 9.93
CA GLY B 316 -11.49 18.06 9.56
C GLY B 316 -11.17 17.67 8.15
N ASP B 317 -10.39 18.48 7.43
CA ASP B 317 -9.78 18.01 6.18
C ASP B 317 -8.96 16.76 6.46
N GLY B 318 -9.19 15.73 5.67
CA GLY B 318 -8.35 14.56 5.77
C GLY B 318 -6.96 14.84 5.20
N ALA B 319 -6.06 13.90 5.49
CA ALA B 319 -4.73 13.96 4.94
C ALA B 319 -4.78 13.68 3.44
N ALA B 320 -3.73 14.11 2.74
CA ALA B 320 -3.57 13.69 1.36
C ALA B 320 -3.52 12.16 1.31
N ALA B 321 -3.90 11.60 0.16
CA ALA B 321 -3.89 10.15 0.04
C ALA B 321 -2.47 9.63 0.18
N MET B 322 -2.34 8.37 0.63
CA MET B 322 -1.04 7.87 1.06
C MET B 322 -0.02 7.84 -0.09
N ARG B 323 -0.47 7.85 -1.35
CA ARG B 323 0.49 7.90 -2.44
C ARG B 323 1.20 9.23 -2.53
N PHE B 324 0.75 10.25 -1.81
CA PHE B 324 1.34 11.59 -1.90
C PHE B 324 2.25 11.94 -0.74
N THR B 325 1.97 11.42 0.45
CA THR B 325 2.63 11.87 1.67
C THR B 325 3.85 11.03 1.99
N GLU B 326 4.71 11.57 2.84
CA GLU B 326 5.93 10.89 3.28
C GLU B 326 6.05 11.04 4.79
N ALA B 327 6.69 10.08 5.45
CA ALA B 327 6.76 10.10 6.90
C ALA B 327 8.08 9.51 7.40
N ARG B 328 8.45 9.92 8.62
CA ARG B 328 9.52 9.31 9.40
C ARG B 328 9.21 9.54 10.87
N MET B 329 10.11 9.07 11.73
CA MET B 329 10.02 9.29 13.17
C MET B 329 10.35 10.74 13.55
N THR B 330 9.69 11.22 14.61
CA THR B 330 10.13 12.40 15.33
C THR B 330 11.24 12.01 16.29
N LYS B 331 11.97 13.02 16.78
CA LYS B 331 13.04 12.76 17.72
C LYS B 331 12.52 12.20 19.04
N ILE B 332 11.33 12.64 19.49
CA ILE B 332 10.84 12.14 20.76
C ILE B 332 10.45 10.67 20.64
N THR B 333 10.16 10.21 19.43
CA THR B 333 9.83 8.80 19.22
C THR B 333 11.05 7.91 19.41
N LEU B 334 12.24 8.42 19.15
CA LEU B 334 13.45 7.67 19.48
C LEU B 334 13.48 7.28 20.97
N GLU B 335 12.84 8.07 21.84
CA GLU B 335 12.82 7.73 23.26
C GLU B 335 11.83 6.63 23.58
N LEU B 336 10.74 6.53 22.81
CA LEU B 336 9.84 5.38 22.93
C LEU B 336 10.55 4.09 22.56
N LEU B 337 11.48 4.17 21.62
CA LEU B 337 12.15 3.00 21.09
C LEU B 337 13.49 2.75 21.74
N ARG B 338 14.04 3.73 22.43
CA ARG B 338 15.33 3.62 23.09
C ARG B 338 15.43 2.33 23.90
N ASP B 339 16.47 1.54 23.60
CA ASP B 339 16.84 0.30 24.30
C ASP B 339 16.01 -0.89 23.87
N ILE B 340 15.27 -0.82 22.77
CA ILE B 340 14.38 -1.92 22.40
C ILE B 340 15.17 -3.17 22.03
N ASN B 341 16.41 -2.99 21.58
CA ASN B 341 17.29 -4.09 21.19
C ASN B 341 18.15 -4.58 22.33
N LYS B 342 17.85 -4.21 23.56
CA LYS B 342 18.67 -4.66 24.68
C LYS B 342 17.84 -5.51 25.65
N ASP B 343 16.96 -6.34 25.09
CA ASP B 343 16.19 -7.31 25.89
C ASP B 343 15.46 -6.62 27.04
N THR B 344 14.90 -5.44 26.78
CA THR B 344 14.19 -4.71 27.81
C THR B 344 12.69 -5.00 27.79
N ILE B 345 12.14 -5.42 26.66
CA ILE B 345 10.72 -5.72 26.55
C ILE B 345 10.56 -7.07 25.85
N ASP B 346 9.45 -7.76 26.14
CA ASP B 346 9.23 -9.11 25.60
C ASP B 346 8.69 -9.04 24.17
N PHE B 347 9.41 -9.67 23.26
CA PHE B 347 8.93 -9.84 21.89
C PHE B 347 8.01 -11.05 21.79
N ILE B 348 7.05 -10.98 20.86
CA ILE B 348 6.09 -12.05 20.64
C ILE B 348 6.05 -12.36 19.14
N ASP B 349 5.45 -13.52 18.82
CA ASP B 349 5.22 -13.88 17.43
C ASP B 349 4.16 -12.96 16.81
N ASN B 350 4.29 -12.72 15.50
CA ASN B 350 3.32 -11.88 14.82
C ASN B 350 2.08 -12.72 14.46
N TYR B 351 1.13 -12.13 13.72
CA TYR B 351 -0.14 -12.80 13.46
C TYR B 351 0.01 -14.11 12.71
N ASP B 352 1.03 -14.25 11.86
CA ASP B 352 1.17 -15.47 11.07
C ASP B 352 2.40 -16.28 11.43
N GLY B 353 3.13 -15.92 12.49
CA GLY B 353 4.33 -16.62 12.92
C GLY B 353 5.57 -16.37 12.08
N ASN B 354 5.47 -15.58 11.02
CA ASN B 354 6.61 -15.26 10.16
C ASN B 354 7.46 -14.12 10.70
N GLU B 355 7.03 -13.40 11.73
CA GLU B 355 7.78 -12.28 12.25
C GLU B 355 7.66 -12.25 13.77
N ARG B 356 8.54 -11.47 14.37
CA ARG B 356 8.47 -11.12 15.79
C ARG B 356 8.15 -9.63 15.88
N GLU B 357 7.37 -9.27 16.89
CA GLU B 357 7.00 -7.88 17.13
C GLU B 357 7.06 -7.63 18.63
N PRO B 358 7.25 -6.39 19.07
CA PRO B 358 7.29 -6.12 20.51
C PRO B 358 5.90 -6.18 21.12
N SER B 359 5.83 -6.74 22.33
CA SER B 359 4.57 -6.68 23.04
C SER B 359 4.34 -5.30 23.62
N VAL B 360 5.41 -4.58 23.92
CA VAL B 360 5.34 -3.23 24.48
C VAL B 360 6.63 -2.50 24.12
N LEU B 361 6.56 -1.18 24.06
CA LEU B 361 7.81 -0.45 23.79
C LEU B 361 8.49 -0.05 25.08
N PRO B 362 9.80 0.22 25.06
CA PRO B 362 10.46 0.66 26.30
C PRO B 362 9.91 1.98 26.86
N ALA B 363 9.47 2.90 26.00
CA ALA B 363 8.77 4.13 26.39
C ALA B 363 9.51 4.89 27.51
N ARG B 364 10.59 5.54 27.13
CA ARG B 364 11.41 6.22 28.13
C ARG B 364 10.83 7.55 28.57
N PHE B 365 9.67 7.97 28.04
CA PHE B 365 8.89 9.04 28.62
C PHE B 365 7.44 8.60 28.81
N PRO B 366 6.70 9.20 29.79
CA PRO B 366 5.35 8.69 30.13
C PRO B 366 4.28 9.00 29.10
N ASN B 367 4.29 8.23 28.01
CA ASN B 367 3.55 8.63 26.82
C ASN B 367 2.04 8.42 26.93
N LEU B 368 1.57 7.50 27.79
CA LEU B 368 0.12 7.37 27.93
C LEU B 368 -0.51 8.71 28.30
N LEU B 369 0.02 9.34 29.34
CA LEU B 369 -0.56 10.60 29.82
C LEU B 369 -0.12 11.78 28.98
N ALA B 370 1.12 11.75 28.44
CA ALA B 370 1.63 12.88 27.66
C ALA B 370 0.77 13.11 26.41
N ASN B 371 0.46 12.05 25.69
CA ASN B 371 -0.26 12.21 24.43
C ASN B 371 -1.73 11.86 24.55
N GLY B 372 -2.14 11.24 25.63
CA GLY B 372 -3.53 10.91 25.80
C GLY B 372 -3.94 9.71 24.97
N ALA B 373 -5.25 9.43 25.00
CA ALA B 373 -5.87 8.41 24.19
C ALA B 373 -7.37 8.62 24.20
N SER B 374 -8.00 8.32 23.08
CA SER B 374 -9.44 8.09 23.02
C SER B 374 -9.70 6.81 22.26
N GLY B 375 -10.62 6.00 22.80
CA GLY B 375 -10.95 4.73 22.19
C GLY B 375 -12.33 4.26 22.56
N ILE B 376 -13.06 3.76 21.58
CA ILE B 376 -14.33 3.07 21.78
C ILE B 376 -14.08 1.59 21.63
N ALA B 377 -14.32 0.83 22.71
CA ALA B 377 -14.14 -0.62 22.65
C ALA B 377 -15.47 -1.33 22.60
N VAL B 378 -15.61 -2.41 23.36
CA VAL B 378 -16.90 -3.09 23.51
C VAL B 378 -17.17 -3.21 25.01
N GLY B 379 -18.34 -2.73 25.42
CA GLY B 379 -18.69 -2.68 26.83
C GLY B 379 -17.98 -1.62 27.63
N MET B 380 -17.21 -0.74 27.00
CA MET B 380 -16.40 0.23 27.72
C MET B 380 -15.70 1.07 26.66
N ALA B 381 -15.26 2.25 27.07
CA ALA B 381 -14.45 3.12 26.23
C ALA B 381 -13.36 3.75 27.09
N THR B 382 -12.50 4.56 26.45
CA THR B 382 -11.42 5.22 27.16
C THR B 382 -11.28 6.64 26.65
N ASN B 383 -11.04 7.58 27.57
CA ASN B 383 -10.80 8.97 27.20
C ASN B 383 -9.74 9.55 28.14
N ILE B 384 -8.50 9.58 27.68
CA ILE B 384 -7.39 10.09 28.48
C ILE B 384 -6.89 11.38 27.82
N PRO B 385 -6.88 12.51 28.51
CA PRO B 385 -6.41 13.77 27.91
C PRO B 385 -4.90 13.88 27.99
N PRO B 386 -4.30 14.67 27.12
CA PRO B 386 -2.84 14.83 27.14
C PRO B 386 -2.36 15.77 28.23
N HIS B 387 -1.06 15.71 28.50
CA HIS B 387 -0.43 16.38 29.63
C HIS B 387 0.93 16.95 29.23
N ASN B 388 1.39 17.90 30.03
CA ASN B 388 2.66 18.54 29.78
C ASN B 388 3.80 17.61 30.19
N LEU B 389 4.74 17.38 29.28
CA LEU B 389 5.83 16.45 29.51
C LEU B 389 6.64 16.83 30.74
N THR B 390 6.89 18.13 30.93
CA THR B 390 7.72 18.56 32.06
C THR B 390 7.04 18.25 33.37
N GLU B 391 5.77 18.60 33.49
CA GLU B 391 4.99 18.31 34.69
C GLU B 391 4.93 16.81 34.96
N LEU B 392 4.62 16.00 33.94
CA LEU B 392 4.55 14.55 34.14
C LEU B 392 5.83 14.01 34.75
N ILE B 393 6.98 14.39 34.17
CA ILE B 393 8.24 13.82 34.63
C ILE B 393 8.56 14.27 36.05
N ASN B 394 8.29 15.55 36.38
CA ASN B 394 8.43 15.97 37.77
C ASN B 394 7.49 15.20 38.68
N GLY B 395 6.29 14.89 38.19
CA GLY B 395 5.38 14.00 38.88
C GLY B 395 6.00 12.64 39.13
N VAL B 396 6.48 11.98 38.07
CA VAL B 396 7.09 10.67 38.23
C VAL B 396 8.27 10.76 39.20
N LEU B 397 9.03 11.85 39.13
CA LEU B 397 10.19 12.02 40.01
C LEU B 397 9.76 12.13 41.47
N SER B 398 8.73 12.94 41.74
CA SER B 398 8.23 13.05 43.11
C SER B 398 7.75 11.70 43.63
N LEU B 399 6.95 10.99 42.82
CA LEU B 399 6.50 9.64 43.17
C LEU B 399 7.67 8.74 43.55
N SER B 400 8.72 8.74 42.71
CA SER B 400 9.87 7.86 42.95
C SER B 400 10.56 8.14 44.27
N LYS B 401 10.40 9.35 44.82
CA LYS B 401 10.98 9.67 46.11
C LYS B 401 10.02 9.41 47.26
N ASN B 402 8.83 8.88 46.98
CA ASN B 402 7.79 8.85 48.01
C ASN B 402 6.62 7.98 47.56
N PRO B 403 6.70 6.67 47.79
CA PRO B 403 5.60 5.78 47.38
C PRO B 403 4.25 6.16 47.99
N ASP B 404 4.24 6.93 49.08
CA ASP B 404 3.02 7.27 49.79
C ASP B 404 2.43 8.62 49.36
N ILE B 405 2.90 9.16 48.23
CA ILE B 405 2.52 10.51 47.84
C ILE B 405 1.04 10.56 47.48
N SER B 406 0.37 11.65 47.85
CA SER B 406 -1.06 11.79 47.65
C SER B 406 -1.36 12.40 46.29
N ILE B 407 -2.63 12.39 45.90
CA ILE B 407 -3.01 12.98 44.61
C ILE B 407 -2.85 14.49 44.65
N ALA B 408 -3.28 15.13 45.75
CA ALA B 408 -3.10 16.58 45.90
C ALA B 408 -1.64 17.00 45.76
N GLU B 409 -0.71 16.17 46.26
CA GLU B 409 0.71 16.49 46.15
C GLU B 409 1.24 16.26 44.74
N LEU B 410 0.75 15.24 44.04
CA LEU B 410 1.14 15.09 42.64
C LEU B 410 0.63 16.24 41.80
N MET B 411 -0.51 16.81 42.18
CA MET B 411 -1.02 17.96 41.45
C MET B 411 -0.22 19.24 41.69
N GLU B 412 0.71 19.25 42.66
CA GLU B 412 1.63 20.37 42.71
C GLU B 412 2.54 20.35 41.48
N ASP B 413 2.87 19.16 40.96
CA ASP B 413 3.63 18.95 39.72
C ASP B 413 2.72 18.96 38.49
N ILE B 414 1.68 18.14 38.52
CA ILE B 414 0.80 17.92 37.37
C ILE B 414 -0.46 18.73 37.61
N GLU B 415 -0.53 19.94 37.05
CA GLU B 415 -1.65 20.84 37.36
C GLU B 415 -2.94 20.41 36.69
N GLY B 416 -2.84 19.67 35.59
CA GLY B 416 -4.00 19.27 34.85
C GLY B 416 -3.60 18.97 33.42
N PRO B 417 -4.56 18.60 32.59
CA PRO B 417 -4.25 18.35 31.18
C PRO B 417 -3.59 19.56 30.52
N ASP B 418 -2.91 19.30 29.40
CA ASP B 418 -2.26 20.34 28.59
C ASP B 418 -2.51 19.95 27.14
N PHE B 419 -3.49 20.58 26.51
CA PHE B 419 -3.87 20.20 25.16
C PHE B 419 -2.88 20.76 24.12
N PRO B 420 -2.67 20.08 23.00
CA PRO B 420 -1.80 20.67 21.96
C PRO B 420 -2.38 21.93 21.42
N THR B 421 -3.72 22.05 21.48
CA THR B 421 -4.50 23.18 21.00
C THR B 421 -4.57 24.31 22.02
N ALA B 422 -3.84 24.20 23.14
CA ALA B 422 -3.78 25.22 24.19
C ALA B 422 -5.18 25.44 24.76
N GLY B 423 -5.77 26.63 24.66
CA GLY B 423 -7.10 26.87 25.21
C GLY B 423 -7.06 27.13 26.71
N LEU B 424 -8.25 27.04 27.31
CA LEU B 424 -8.39 27.28 28.73
C LEU B 424 -9.21 26.15 29.36
N ILE B 425 -8.97 25.90 30.64
CA ILE B 425 -9.78 24.98 31.43
C ILE B 425 -10.45 25.78 32.52
N LEU B 426 -11.75 25.56 32.71
CA LEU B 426 -12.51 26.27 33.73
C LEU B 426 -12.45 25.49 35.03
N GLY B 427 -11.55 25.88 35.93
CA GLY B 427 -11.57 25.39 37.29
C GLY B 427 -10.82 24.08 37.50
N LYS B 428 -10.75 23.71 38.78
CA LYS B 428 -9.95 22.58 39.23
C LYS B 428 -10.75 21.41 39.74
N SER B 429 -12.07 21.56 39.95
CA SER B 429 -12.80 20.49 40.60
C SER B 429 -12.95 19.29 39.67
N GLY B 430 -13.12 19.53 38.38
CA GLY B 430 -13.22 18.42 37.45
C GLY B 430 -11.89 17.73 37.27
N ILE B 431 -10.81 18.51 37.18
CA ILE B 431 -9.47 17.91 37.14
C ILE B 431 -9.24 17.05 38.37
N ARG B 432 -9.55 17.59 39.55
CA ARG B 432 -9.27 16.86 40.79
C ARG B 432 -10.02 15.54 40.83
N ARG B 433 -11.30 15.55 40.42
CA ARG B 433 -12.08 14.31 40.43
C ARG B 433 -11.52 13.30 39.44
N ALA B 434 -11.07 13.77 38.28
CA ALA B 434 -10.50 12.85 37.30
C ALA B 434 -9.22 12.19 37.82
N TYR B 435 -8.38 12.94 38.52
CA TYR B 435 -7.11 12.38 39.00
C TYR B 435 -7.28 11.47 40.21
N GLU B 436 -8.34 11.67 41.00
CA GLU B 436 -8.60 10.85 42.17
C GLU B 436 -9.28 9.53 41.81
N THR B 437 -10.21 9.57 40.86
CA THR B 437 -11.07 8.43 40.57
C THR B 437 -10.91 7.90 39.16
N GLY B 438 -10.24 8.63 38.26
CA GLY B 438 -10.17 8.21 36.88
C GLY B 438 -11.28 8.71 35.98
N ARG B 439 -12.28 9.41 36.54
CA ARG B 439 -13.40 9.93 35.78
C ARG B 439 -13.74 11.33 36.26
N GLY B 440 -14.08 12.19 35.33
CA GLY B 440 -14.48 13.54 35.70
C GLY B 440 -14.64 14.46 34.49
N SER B 441 -15.48 15.46 34.60
CA SER B 441 -15.74 16.33 33.47
C SER B 441 -14.93 17.60 33.61
N ILE B 442 -14.14 17.91 32.58
CA ILE B 442 -13.26 19.07 32.54
C ILE B 442 -13.77 20.01 31.47
N GLN B 443 -14.08 21.25 31.85
CA GLN B 443 -14.63 22.22 30.91
C GLN B 443 -13.49 22.91 30.17
N MET B 444 -13.49 22.80 28.84
CA MET B 444 -12.50 23.46 27.99
C MET B 444 -13.13 24.69 27.34
N ARG B 445 -12.38 25.78 27.30
CA ARG B 445 -12.85 27.03 26.72
C ARG B 445 -11.87 27.51 25.66
N SER B 446 -12.40 27.96 24.53
CA SER B 446 -11.58 28.71 23.58
C SER B 446 -10.93 29.90 24.27
N ARG B 447 -9.78 30.30 23.75
CA ARG B 447 -9.19 31.59 24.10
C ARG B 447 -9.83 32.65 23.23
N ALA B 448 -10.52 33.61 23.85
CA ALA B 448 -11.35 34.56 23.15
C ALA B 448 -11.21 35.93 23.80
N VAL B 449 -11.02 36.98 22.99
CA VAL B 449 -11.01 38.33 23.54
C VAL B 449 -12.00 39.19 22.76
N ILE B 450 -12.39 40.29 23.39
CA ILE B 450 -13.22 41.31 22.76
C ILE B 450 -12.32 42.49 22.45
N GLU B 451 -12.36 42.98 21.20
CA GLU B 451 -11.50 44.08 20.79
C GLU B 451 -12.27 45.01 19.86
N GLU B 452 -11.79 46.26 19.75
CA GLU B 452 -12.43 47.24 18.87
C GLU B 452 -12.01 47.01 17.42
N ARG B 453 -12.92 47.37 16.49
CA ARG B 453 -12.64 47.22 15.06
C ARG B 453 -12.86 48.50 14.27
N GLY B 454 -13.06 49.62 14.94
CA GLY B 454 -13.22 50.90 14.26
C GLY B 454 -14.68 51.32 14.19
N GLY B 455 -14.89 52.63 14.11
CA GLY B 455 -16.24 53.16 14.01
C GLY B 455 -17.11 52.87 15.21
N GLY B 456 -16.52 52.75 16.40
CA GLY B 456 -17.25 52.45 17.61
C GLY B 456 -17.74 51.01 17.75
N ARG B 457 -17.37 50.12 16.83
CA ARG B 457 -17.84 48.75 16.85
C ARG B 457 -16.77 47.81 17.41
N GLN B 458 -17.20 46.60 17.80
CA GLN B 458 -16.33 45.63 18.44
C GLN B 458 -16.41 44.31 17.70
N ARG B 459 -15.54 43.39 18.10
CA ARG B 459 -15.61 42.01 17.66
C ARG B 459 -15.03 41.11 18.74
N ILE B 460 -15.41 39.86 18.66
CA ILE B 460 -14.80 38.78 19.41
C ILE B 460 -13.77 38.13 18.50
N VAL B 461 -12.57 37.90 19.02
CA VAL B 461 -11.50 37.22 18.28
C VAL B 461 -11.11 35.97 19.03
N VAL B 462 -11.25 34.81 18.38
CA VAL B 462 -10.88 33.52 18.95
C VAL B 462 -9.57 33.09 18.31
N THR B 463 -8.58 32.78 19.13
CA THR B 463 -7.28 32.34 18.61
C THR B 463 -6.91 30.94 19.04
N GLU B 464 -7.68 30.32 19.92
CA GLU B 464 -7.45 28.96 20.32
C GLU B 464 -8.80 28.29 20.48
N ILE B 465 -8.93 27.07 19.98
CA ILE B 465 -10.19 26.31 20.10
C ILE B 465 -9.98 25.14 21.06
N PRO B 466 -11.04 24.53 21.57
CA PRO B 466 -10.84 23.39 22.47
C PRO B 466 -10.31 22.16 21.73
N PHE B 467 -9.67 21.28 22.50
CA PHE B 467 -9.10 20.03 21.97
C PHE B 467 -10.17 19.21 21.27
N GLN B 468 -9.83 18.73 20.09
CA GLN B 468 -10.68 17.83 19.30
C GLN B 468 -11.96 18.51 18.79
N VAL B 469 -12.05 19.84 18.84
CA VAL B 469 -13.18 20.54 18.23
C VAL B 469 -12.82 20.88 16.79
N ASN B 470 -13.71 20.56 15.88
CA ASN B 470 -13.49 20.89 14.48
C ASN B 470 -13.84 22.36 14.27
N LYS B 471 -12.83 23.15 13.90
CA LYS B 471 -13.00 24.60 13.77
C LYS B 471 -14.07 24.96 12.75
N ALA B 472 -13.99 24.39 11.53
CA ALA B 472 -14.97 24.74 10.50
C ALA B 472 -16.37 24.35 10.92
N ARG B 473 -16.50 23.24 11.64
CA ARG B 473 -17.82 22.83 12.10
C ARG B 473 -18.33 23.77 13.18
N MET B 474 -17.44 24.17 14.11
CA MET B 474 -17.80 25.17 15.11
C MET B 474 -18.32 26.46 14.46
N ILE B 475 -17.63 26.92 13.42
CA ILE B 475 -18.02 28.17 12.76
C ILE B 475 -19.40 28.05 12.15
N GLU B 476 -19.66 26.95 11.43
CA GLU B 476 -20.96 26.79 10.81
C GLU B 476 -22.06 26.61 11.84
N LYS B 477 -21.75 26.08 13.02
CA LYS B 477 -22.76 26.05 14.06
C LYS B 477 -23.13 27.47 14.48
N ILE B 478 -22.12 28.30 14.69
CA ILE B 478 -22.39 29.70 15.03
C ILE B 478 -23.18 30.37 13.92
N ALA B 479 -22.72 30.22 12.68
CA ALA B 479 -23.47 30.78 11.56
C ALA B 479 -24.91 30.28 11.58
N GLU B 480 -25.10 29.02 11.94
CA GLU B 480 -26.45 28.47 11.98
C GLU B 480 -27.28 29.12 13.07
N LEU B 481 -26.70 29.36 14.24
CA LEU B 481 -27.42 30.07 15.29
C LEU B 481 -27.80 31.48 14.85
N VAL B 482 -26.94 32.14 14.06
CA VAL B 482 -27.27 33.50 13.64
C VAL B 482 -28.41 33.49 12.61
N ARG B 483 -28.33 32.60 11.61
CA ARG B 483 -29.35 32.59 10.57
C ARG B 483 -30.69 32.09 11.08
N ASP B 484 -30.69 31.23 12.10
CA ASP B 484 -31.91 30.75 12.73
C ASP B 484 -32.35 31.63 13.89
N LYS B 485 -31.79 32.84 13.99
CA LYS B 485 -32.07 33.82 15.04
C LYS B 485 -32.25 33.14 16.41
N LYS B 486 -31.22 32.39 16.79
CA LYS B 486 -31.11 31.84 18.12
C LYS B 486 -30.09 32.56 18.98
N ILE B 487 -29.33 33.49 18.43
CA ILE B 487 -28.39 34.29 19.19
C ILE B 487 -28.49 35.73 18.71
N ASP B 488 -28.67 36.65 19.64
CA ASP B 488 -28.73 38.06 19.29
C ASP B 488 -27.33 38.66 19.20
N GLY B 489 -27.16 39.60 18.28
CA GLY B 489 -26.08 40.56 18.31
C GLY B 489 -24.86 40.27 17.47
N ILE B 490 -24.84 39.18 16.70
CA ILE B 490 -23.72 38.87 15.81
C ILE B 490 -24.07 39.36 14.41
N THR B 491 -23.25 40.26 13.85
CA THR B 491 -23.50 40.79 12.51
C THR B 491 -22.67 40.12 11.42
N ASP B 492 -21.62 39.38 11.76
CA ASP B 492 -20.68 38.88 10.76
C ASP B 492 -19.71 37.91 11.42
N LEU B 493 -19.18 36.97 10.64
CA LEU B 493 -18.33 35.91 11.19
C LEU B 493 -17.42 35.40 10.09
N ARG B 494 -16.11 35.38 10.35
CA ARG B 494 -15.10 35.01 9.37
C ARG B 494 -14.03 34.13 10.02
N ASP B 495 -13.45 33.25 9.22
CA ASP B 495 -12.28 32.48 9.63
C ASP B 495 -11.07 33.13 8.98
N GLU B 496 -10.25 33.83 9.75
CA GLU B 496 -9.05 34.48 9.24
C GLU B 496 -7.79 33.67 9.50
N THR B 497 -7.94 32.40 9.87
CA THR B 497 -6.78 31.57 10.15
C THR B 497 -5.83 31.53 8.97
N SER B 498 -4.53 31.55 9.27
CA SER B 498 -3.51 31.41 8.26
C SER B 498 -2.22 30.95 8.93
N LEU B 499 -1.29 30.44 8.11
CA LEU B 499 -0.01 29.98 8.61
C LEU B 499 0.76 31.08 9.30
N ARG B 500 0.61 32.32 8.82
CA ARG B 500 1.33 33.43 9.41
C ARG B 500 0.62 33.97 10.65
N THR B 501 -0.71 33.86 10.68
CA THR B 501 -1.57 34.39 11.73
C THR B 501 -1.83 33.38 12.85
N GLY B 502 -1.82 32.09 12.56
CA GLY B 502 -2.41 31.13 13.47
C GLY B 502 -3.92 31.12 13.39
N VAL B 503 -4.53 30.28 14.22
CA VAL B 503 -5.97 30.27 14.36
C VAL B 503 -6.45 31.68 14.69
N ARG B 504 -7.48 32.13 13.98
CA ARG B 504 -8.04 33.46 14.22
C ARG B 504 -9.46 33.48 13.63
N VAL B 505 -10.46 33.30 14.48
CA VAL B 505 -11.84 33.41 14.05
C VAL B 505 -12.40 34.73 14.58
N VAL B 506 -13.03 35.50 13.69
CA VAL B 506 -13.52 36.82 14.00
C VAL B 506 -15.04 36.77 14.04
N ILE B 507 -15.63 37.39 15.05
CA ILE B 507 -17.08 37.46 15.17
C ILE B 507 -17.42 38.91 15.37
N ASP B 508 -18.10 39.50 14.39
CA ASP B 508 -18.42 40.92 14.47
C ASP B 508 -19.67 41.11 15.30
N VAL B 509 -19.67 42.17 16.10
CA VAL B 509 -20.73 42.45 17.05
C VAL B 509 -21.47 43.69 16.58
N ARG B 510 -22.80 43.65 16.64
CA ARG B 510 -23.59 44.83 16.27
C ARG B 510 -23.23 45.98 17.20
N LYS B 511 -23.20 47.18 16.62
CA LYS B 511 -22.89 48.38 17.41
C LYS B 511 -23.85 48.52 18.57
N ASP B 512 -23.29 48.81 19.75
CA ASP B 512 -23.98 48.98 21.04
C ASP B 512 -24.24 47.66 21.77
N ALA B 513 -24.17 46.53 21.08
CA ALA B 513 -24.40 45.26 21.75
C ALA B 513 -23.28 44.98 22.76
N ASN B 514 -23.63 44.27 23.83
CA ASN B 514 -22.64 43.87 24.83
C ASN B 514 -21.94 42.61 24.33
N ALA B 515 -20.71 42.78 23.86
CA ALA B 515 -20.00 41.64 23.29
C ALA B 515 -19.69 40.57 24.33
N SER B 516 -19.70 40.92 25.62
CA SER B 516 -19.43 39.90 26.63
C SER B 516 -20.64 39.01 26.86
N VAL B 517 -21.84 39.55 26.72
CA VAL B 517 -23.03 38.72 26.75
C VAL B 517 -23.04 37.76 25.58
N ILE B 518 -22.78 38.28 24.37
CA ILE B 518 -22.72 37.45 23.17
C ILE B 518 -21.71 36.33 23.37
N LEU B 519 -20.51 36.68 23.85
CA LEU B 519 -19.49 35.68 24.10
C LEU B 519 -20.02 34.58 25.00
N ASN B 520 -20.58 34.97 26.16
CA ASN B 520 -21.07 33.96 27.10
C ASN B 520 -22.19 33.11 26.49
N ASN B 521 -23.03 33.73 25.65
CA ASN B 521 -24.04 32.92 24.98
C ASN B 521 -23.41 31.93 24.02
N LEU B 522 -22.29 32.30 23.40
CA LEU B 522 -21.62 31.42 22.44
C LEU B 522 -21.01 30.20 23.13
N TYR B 523 -20.47 30.37 24.34
CA TYR B 523 -19.96 29.23 25.11
C TYR B 523 -21.09 28.25 25.42
N LYS B 524 -22.25 28.78 25.79
CA LYS B 524 -23.38 27.93 26.08
C LYS B 524 -23.82 27.15 24.85
N GLN B 525 -23.94 27.82 23.72
CA GLN B 525 -24.72 27.29 22.60
C GLN B 525 -23.88 26.62 21.53
N THR B 526 -22.55 26.67 21.63
CA THR B 526 -21.67 26.20 20.58
C THR B 526 -20.52 25.42 21.19
N PRO B 527 -19.68 24.77 20.36
CA PRO B 527 -18.45 24.14 20.87
C PRO B 527 -17.37 25.12 21.30
N LEU B 528 -17.60 26.44 21.20
CA LEU B 528 -16.62 27.39 21.73
C LEU B 528 -16.24 27.03 23.17
N GLN B 529 -17.19 26.50 23.94
CA GLN B 529 -16.92 25.77 25.18
C GLN B 529 -17.39 24.33 25.01
N THR B 530 -16.54 23.40 25.44
CA THR B 530 -16.74 21.98 25.21
C THR B 530 -16.22 21.19 26.41
N SER B 531 -16.95 20.17 26.80
CA SER B 531 -16.50 19.32 27.89
C SER B 531 -15.58 18.21 27.39
N PHE B 532 -14.59 17.87 28.21
CA PHE B 532 -13.78 16.66 28.01
C PHE B 532 -14.12 15.71 29.15
N GLY B 533 -14.80 14.61 28.82
CA GLY B 533 -15.18 13.64 29.83
C GLY B 533 -14.06 12.63 30.03
N VAL B 534 -13.37 12.67 31.18
CA VAL B 534 -12.24 11.80 31.41
C VAL B 534 -12.72 10.44 31.87
N ASN B 535 -12.07 9.41 31.37
CA ASN B 535 -12.45 8.05 31.64
C ASN B 535 -11.20 7.21 31.41
N MET B 536 -10.33 7.16 32.41
CA MET B 536 -8.98 6.66 32.21
C MET B 536 -8.99 5.14 32.33
N ILE B 537 -9.36 4.49 31.23
CA ILE B 537 -9.28 3.05 31.12
C ILE B 537 -8.07 2.69 30.28
N ALA B 538 -7.22 1.80 30.80
CA ALA B 538 -6.06 1.35 30.05
C ALA B 538 -5.84 -0.12 30.35
N LEU B 539 -4.94 -0.73 29.57
CA LEU B 539 -4.59 -2.14 29.81
C LEU B 539 -3.53 -2.21 30.89
N VAL B 540 -3.87 -2.91 31.98
CA VAL B 540 -2.98 -3.19 33.11
C VAL B 540 -2.85 -4.70 33.20
N ASN B 541 -1.65 -5.22 32.90
CA ASN B 541 -1.41 -6.67 32.87
C ASN B 541 -2.34 -7.35 31.88
N GLY B 542 -2.49 -6.74 30.72
CA GLY B 542 -3.31 -7.35 29.69
C GLY B 542 -4.80 -7.30 29.96
N ARG B 543 -5.25 -6.55 30.97
CA ARG B 543 -6.66 -6.43 31.32
C ARG B 543 -7.05 -4.96 31.38
N PRO B 544 -8.26 -4.60 30.96
CA PRO B 544 -8.69 -3.20 30.99
C PRO B 544 -9.02 -2.80 32.41
N LYS B 545 -8.63 -1.59 32.79
CA LYS B 545 -8.79 -1.15 34.16
C LYS B 545 -8.95 0.35 34.17
N LEU B 546 -9.92 0.82 34.96
CA LEU B 546 -10.07 2.23 35.27
C LEU B 546 -9.05 2.59 36.33
N ILE B 547 -8.15 3.54 36.02
CA ILE B 547 -7.04 3.87 36.91
C ILE B 547 -7.03 5.37 37.16
N ASN B 548 -6.59 5.76 38.36
CA ASN B 548 -6.52 7.19 38.66
C ASN B 548 -5.12 7.70 38.29
N LEU B 549 -4.82 8.96 38.60
CA LEU B 549 -3.54 9.52 38.16
C LEU B 549 -2.36 8.80 38.80
N LYS B 550 -2.41 8.51 40.11
CA LYS B 550 -1.24 7.90 40.75
C LYS B 550 -1.00 6.49 40.25
N GLU B 551 -2.06 5.69 40.12
CA GLU B 551 -1.89 4.35 39.59
C GLU B 551 -1.28 4.40 38.20
N ALA B 552 -1.72 5.34 37.37
CA ALA B 552 -1.11 5.50 36.04
C ALA B 552 0.37 5.84 36.15
N LEU B 553 0.74 6.67 37.14
CA LEU B 553 2.14 7.00 37.28
C LEU B 553 2.94 5.84 37.86
N VAL B 554 2.33 5.12 38.81
CA VAL B 554 2.99 3.97 39.44
C VAL B 554 3.30 2.90 38.38
N HIS B 555 2.33 2.58 37.54
CA HIS B 555 2.57 1.56 36.53
C HIS B 555 3.68 1.99 35.57
N TYR B 556 3.72 3.28 35.22
CA TYR B 556 4.74 3.75 34.30
C TYR B 556 6.12 3.66 34.96
N LEU B 557 6.23 4.11 36.21
CA LEU B 557 7.52 4.03 36.90
C LEU B 557 7.96 2.58 37.04
N GLU B 558 7.03 1.68 37.35
CA GLU B 558 7.41 0.28 37.49
C GLU B 558 7.88 -0.28 36.16
N HIS B 559 7.31 0.19 35.05
CA HIS B 559 7.86 -0.15 33.73
C HIS B 559 9.29 0.35 33.58
N GLN B 560 9.56 1.61 33.97
CA GLN B 560 10.90 2.15 33.77
C GLN B 560 11.93 1.41 34.61
N LYS B 561 11.53 0.88 35.75
CA LYS B 561 12.47 0.12 36.57
C LYS B 561 12.82 -1.19 35.90
N THR B 562 11.82 -1.87 35.33
CA THR B 562 12.05 -3.15 34.67
C THR B 562 12.93 -2.96 33.43
N VAL B 563 12.60 -1.96 32.61
CA VAL B 563 13.38 -1.65 31.42
C VAL B 563 14.85 -1.38 31.77
N VAL B 564 15.10 -0.50 32.74
CA VAL B 564 16.49 -0.16 33.04
C VAL B 564 17.20 -1.36 33.67
N ARG B 565 16.47 -2.20 34.44
CA ARG B 565 17.10 -3.36 35.06
C ARG B 565 17.46 -4.42 34.03
N ARG B 566 16.55 -4.67 33.07
CA ARG B 566 16.81 -5.64 32.01
C ARG B 566 17.87 -5.14 31.03
N ARG B 567 17.86 -3.84 30.75
CA ARG B 567 18.92 -3.28 29.92
C ARG B 567 20.27 -3.50 30.59
N THR B 568 20.34 -3.18 31.88
CA THR B 568 21.58 -3.37 32.63
C THR B 568 21.99 -4.83 32.67
N GLN B 569 21.02 -5.75 32.83
CA GLN B 569 21.36 -7.17 32.83
C GLN B 569 21.83 -7.63 31.45
N TYR B 570 21.27 -7.04 30.38
CA TYR B 570 21.66 -7.43 29.01
C TYR B 570 23.08 -7.00 28.70
N ASN B 571 23.42 -5.75 29.06
CA ASN B 571 24.76 -5.22 28.89
C ASN B 571 25.77 -5.97 29.75
N LEU B 572 25.33 -6.46 30.92
CA LEU B 572 26.21 -7.29 31.74
C LEU B 572 26.47 -8.63 31.08
N ARG B 573 25.42 -9.36 30.72
CA ARG B 573 25.61 -10.58 29.93
C ARG B 573 26.53 -10.32 28.75
N LYS B 574 26.28 -9.22 28.04
CA LYS B 574 26.99 -8.96 26.79
C LYS B 574 28.44 -8.61 27.06
N ALA B 575 28.69 -7.78 28.08
CA ALA B 575 30.06 -7.39 28.42
C ALA B 575 30.88 -8.57 28.93
N LYS B 576 30.24 -9.54 29.58
CA LYS B 576 30.96 -10.73 30.04
C LYS B 576 31.29 -11.67 28.89
N ASP B 577 30.37 -11.82 27.91
CA ASP B 577 30.70 -12.62 26.73
C ASP B 577 31.91 -12.03 26.01
N ARG B 578 31.95 -10.69 25.92
CA ARG B 578 33.03 -10.02 25.19
C ARG B 578 34.37 -10.18 25.92
N ALA B 579 34.41 -9.82 27.21
CA ALA B 579 35.64 -10.03 27.98
C ALA B 579 36.16 -11.46 27.80
N HIS B 580 35.24 -12.45 27.84
CA HIS B 580 35.58 -13.84 27.56
C HIS B 580 36.26 -14.00 26.20
N ILE B 581 35.71 -13.35 25.16
CA ILE B 581 36.34 -13.44 23.84
C ILE B 581 37.71 -12.76 23.88
N LEU B 582 37.81 -11.62 24.56
CA LEU B 582 39.09 -10.94 24.65
C LEU B 582 40.13 -11.81 25.31
N GLU B 583 39.73 -12.63 26.29
CA GLU B 583 40.67 -13.50 26.98
C GLU B 583 41.19 -14.58 26.05
N GLY B 584 40.33 -15.11 25.18
CA GLY B 584 40.79 -16.10 24.23
C GLY B 584 41.70 -15.51 23.17
N LEU B 585 41.39 -14.29 22.71
CA LEU B 585 42.24 -13.65 21.71
C LEU B 585 43.58 -13.25 22.31
N ARG B 586 43.58 -12.80 23.57
CA ARG B 586 44.84 -12.50 24.24
C ARG B 586 45.77 -13.70 24.21
N ILE B 587 45.23 -14.87 24.55
CA ILE B 587 46.00 -16.10 24.57
C ILE B 587 46.53 -16.43 23.19
N ALA B 588 45.71 -16.26 22.16
CA ALA B 588 46.14 -16.49 20.79
C ALA B 588 47.28 -15.56 20.43
N LEU B 589 47.10 -14.25 20.67
CA LEU B 589 48.16 -13.31 20.33
C LEU B 589 49.45 -13.57 21.09
N ASP B 590 49.39 -14.29 22.22
CA ASP B 590 50.58 -14.61 22.99
C ASP B 590 51.28 -15.87 22.52
N HIS B 591 50.57 -16.74 21.80
CA HIS B 591 51.11 -17.99 21.29
C HIS B 591 50.83 -18.08 19.80
N ILE B 592 50.96 -16.96 19.10
CA ILE B 592 50.40 -16.88 17.76
C ILE B 592 51.10 -17.85 16.82
N ASP B 593 52.39 -18.11 17.01
CA ASP B 593 53.09 -19.07 16.16
C ASP B 593 52.52 -20.47 16.33
N GLU B 594 52.29 -20.90 17.56
CA GLU B 594 51.74 -22.24 17.79
C GLU B 594 50.26 -22.32 17.45
N ILE B 595 49.51 -21.21 17.62
CA ILE B 595 48.14 -21.16 17.11
C ILE B 595 48.12 -21.42 15.61
N ILE B 596 48.98 -20.72 14.87
CA ILE B 596 48.98 -20.88 13.41
C ILE B 596 49.33 -22.31 13.04
N SER B 597 50.38 -22.87 13.66
CA SER B 597 50.79 -24.23 13.33
C SER B 597 49.67 -25.22 13.66
N THR B 598 49.18 -25.18 14.89
CA THR B 598 48.00 -25.96 15.28
C THR B 598 46.93 -25.96 14.19
N ILE B 599 46.61 -24.77 13.67
CA ILE B 599 45.55 -24.66 12.66
C ILE B 599 45.99 -25.30 11.35
N ARG B 600 47.23 -25.03 10.92
CA ARG B 600 47.66 -25.48 9.59
C ARG B 600 47.69 -26.99 9.47
N GLU B 601 48.03 -27.70 10.54
CA GLU B 601 48.05 -29.14 10.48
C GLU B 601 46.71 -29.78 10.78
N SER B 602 45.61 -28.99 10.75
CA SER B 602 44.27 -29.51 11.01
C SER B 602 43.51 -29.60 9.69
N ASP B 603 43.06 -30.81 9.34
CA ASP B 603 42.37 -31.01 8.07
C ASP B 603 41.06 -30.22 8.04
N THR B 604 40.33 -30.19 9.16
CA THR B 604 39.03 -29.54 9.24
C THR B 604 39.01 -28.50 10.35
N ASP B 605 37.99 -27.65 10.31
CA ASP B 605 37.82 -26.63 11.35
C ASP B 605 37.48 -27.26 12.69
N LYS B 606 36.76 -28.39 12.69
CA LYS B 606 36.43 -29.05 13.94
C LYS B 606 37.70 -29.53 14.64
N VAL B 607 38.57 -30.22 13.90
CA VAL B 607 39.84 -30.67 14.47
C VAL B 607 40.63 -29.49 15.00
N ALA B 608 40.61 -28.36 14.27
CA ALA B 608 41.25 -27.15 14.74
C ALA B 608 40.63 -26.66 16.04
N MET B 609 39.29 -26.53 16.05
CA MET B 609 38.58 -26.18 17.26
C MET B 609 38.96 -27.09 18.41
N GLU B 610 38.86 -28.40 18.20
CA GLU B 610 39.22 -29.36 19.24
C GLU B 610 40.65 -29.16 19.70
N SER B 611 41.56 -28.85 18.78
CA SER B 611 42.96 -28.73 19.19
C SER B 611 43.18 -27.48 20.02
N LEU B 612 42.68 -26.33 19.55
CA LEU B 612 42.90 -25.09 20.27
C LEU B 612 42.37 -25.18 21.69
N GLN B 613 41.18 -25.77 21.86
CA GLN B 613 40.57 -25.87 23.18
C GLN B 613 41.43 -26.69 24.14
N GLN B 614 41.98 -27.81 23.68
CA GLN B 614 42.71 -28.68 24.60
C GLN B 614 44.11 -28.17 24.87
N ARG B 615 44.67 -27.36 23.97
CA ARG B 615 46.04 -26.87 24.09
C ARG B 615 46.12 -25.63 24.96
N PHE B 616 45.18 -24.70 24.78
CA PHE B 616 45.17 -23.40 25.44
C PHE B 616 43.97 -23.22 26.38
N LYS B 617 43.28 -24.30 26.74
CA LYS B 617 42.19 -24.27 27.72
C LYS B 617 41.11 -23.26 27.33
N LEU B 618 40.59 -23.39 26.11
CA LEU B 618 39.68 -22.40 25.56
C LEU B 618 38.27 -22.97 25.45
N SER B 619 37.28 -22.10 25.60
CA SER B 619 35.91 -22.50 25.35
C SER B 619 35.68 -22.65 23.85
N GLU B 620 34.50 -23.17 23.51
CA GLU B 620 34.12 -23.26 22.10
C GLU B 620 34.08 -21.90 21.44
N LYS B 621 33.37 -20.94 22.07
CA LYS B 621 33.27 -19.61 21.47
C LYS B 621 34.62 -18.91 21.36
N GLN B 622 35.53 -19.16 22.30
CA GLN B 622 36.85 -18.54 22.22
C GLN B 622 37.63 -19.09 21.04
N ALA B 623 37.66 -20.42 20.91
CA ALA B 623 38.37 -21.02 19.79
C ALA B 623 37.71 -20.66 18.47
N GLN B 624 36.40 -20.42 18.47
CA GLN B 624 35.72 -20.02 17.23
C GLN B 624 36.09 -18.59 16.84
N ALA B 625 36.23 -17.71 17.84
CA ALA B 625 36.68 -16.34 17.61
C ALA B 625 38.11 -16.29 17.06
N ILE B 626 38.98 -17.18 17.55
CA ILE B 626 40.35 -17.23 17.03
C ILE B 626 40.34 -17.68 15.57
N LEU B 627 39.61 -18.75 15.27
CA LEU B 627 39.52 -19.22 13.89
C LEU B 627 38.85 -18.22 12.97
N ASP B 628 37.96 -17.37 13.51
CA ASP B 628 37.30 -16.31 12.76
C ASP B 628 38.15 -15.04 12.62
N MET B 629 39.22 -14.91 13.41
CA MET B 629 40.10 -13.75 13.35
C MET B 629 40.73 -13.58 11.97
N ARG B 630 40.76 -12.35 11.48
CA ARG B 630 41.41 -12.06 10.22
C ARG B 630 42.89 -11.78 10.46
N LEU B 631 43.67 -11.93 9.38
CA LEU B 631 45.13 -11.75 9.45
C LEU B 631 45.51 -10.34 9.90
N ARG B 632 44.79 -9.32 9.41
CA ARG B 632 45.11 -7.94 9.76
C ARG B 632 45.08 -7.70 11.26
N ARG B 633 44.49 -8.58 12.04
CA ARG B 633 44.46 -8.44 13.49
CA ARG B 633 44.47 -8.39 13.49
C ARG B 633 45.78 -8.83 14.15
N LEU B 634 46.78 -9.23 13.38
CA LEU B 634 48.06 -9.57 13.94
C LEU B 634 49.01 -8.38 13.96
N THR B 635 48.55 -7.19 13.62
CA THR B 635 49.45 -6.05 13.65
C THR B 635 49.75 -5.69 15.10
N GLY B 636 50.94 -5.12 15.29
CA GLY B 636 51.65 -5.15 16.57
C GLY B 636 51.08 -4.31 17.68
N LEU B 637 50.04 -3.52 17.41
CA LEU B 637 49.42 -2.73 18.46
C LEU B 637 48.06 -3.28 18.88
N GLU B 638 47.61 -4.36 18.25
CA GLU B 638 46.29 -4.91 18.58
C GLU B 638 46.31 -5.56 19.96
N ARG B 639 47.39 -6.26 20.28
CA ARG B 639 47.54 -6.85 21.60
C ARG B 639 47.28 -5.82 22.70
N ASP B 640 47.85 -4.62 22.55
CA ASP B 640 47.58 -3.55 23.50
C ASP B 640 46.21 -2.95 23.28
N LYS B 641 45.76 -2.89 22.02
CA LYS B 641 44.40 -2.47 21.72
C LYS B 641 43.38 -3.45 22.31
N ILE B 642 43.68 -4.75 22.24
CA ILE B 642 42.82 -5.75 22.86
C ILE B 642 42.87 -5.65 24.37
N GLU B 643 44.08 -5.50 24.91
CA GLU B 643 44.22 -5.30 26.35
C GLU B 643 43.52 -4.01 26.79
N ALA B 644 43.56 -2.98 25.95
CA ALA B 644 42.89 -1.73 26.29
C ALA B 644 41.40 -1.94 26.49
N GLU B 645 40.75 -2.63 25.55
CA GLU B 645 39.31 -2.85 25.66
C GLU B 645 38.96 -3.72 26.85
N TYR B 646 39.81 -4.72 27.15
CA TYR B 646 39.51 -5.65 28.23
C TYR B 646 39.44 -4.93 29.56
N ASN B 647 40.32 -3.96 29.80
CA ASN B 647 40.35 -3.33 31.11
C ASN B 647 39.28 -2.26 31.26
N GLU B 648 38.82 -1.65 30.18
CA GLU B 648 37.61 -0.82 30.28
C GLU B 648 36.38 -1.69 30.48
N LEU B 649 36.28 -2.79 29.72
CA LEU B 649 35.16 -3.71 29.89
C LEU B 649 35.03 -4.16 31.33
N LEU B 650 36.16 -4.42 31.99
CA LEU B 650 36.17 -4.85 33.38
C LEU B 650 35.74 -3.73 34.32
N ASN B 651 36.13 -2.51 34.01
CA ASN B 651 35.58 -1.36 34.71
C ASN B 651 34.09 -1.24 34.42
N TYR B 652 33.68 -1.56 33.20
CA TYR B 652 32.26 -1.46 32.82
C TYR B 652 31.42 -2.54 33.47
N ILE B 653 31.97 -3.75 33.63
CA ILE B 653 31.20 -4.84 34.21
C ILE B 653 30.87 -4.56 35.68
N SER B 654 31.81 -3.97 36.41
CA SER B 654 31.56 -3.66 37.83
C SER B 654 30.60 -2.50 37.98
N GLU B 655 30.68 -1.50 37.08
CA GLU B 655 29.68 -0.43 37.06
C GLU B 655 28.28 -1.02 36.96
N LEU B 656 28.07 -1.91 35.98
CA LEU B 656 26.78 -2.56 35.81
C LEU B 656 26.40 -3.38 37.04
N GLU B 657 27.33 -4.19 37.54
CA GLU B 657 27.04 -5.05 38.69
C GLU B 657 26.67 -4.23 39.91
N THR B 658 27.23 -3.03 40.03
CA THR B 658 26.89 -2.13 41.13
C THR B 658 25.44 -1.68 41.02
N ILE B 659 24.99 -1.40 39.80
CA ILE B 659 23.60 -1.01 39.61
C ILE B 659 22.67 -2.16 39.99
N LEU B 660 22.98 -3.37 39.53
CA LEU B 660 22.10 -4.50 39.82
C LEU B 660 22.17 -4.93 41.28
N ALA B 661 23.24 -4.55 41.99
CA ALA B 661 23.37 -4.91 43.39
C ALA B 661 22.58 -4.01 44.33
N ASP B 662 22.25 -2.80 43.90
CA ASP B 662 21.61 -1.83 44.79
C ASP B 662 20.41 -1.21 44.09
N GLU B 663 19.23 -1.42 44.66
CA GLU B 663 18.02 -0.90 44.03
C GLU B 663 17.94 0.61 44.10
N GLU B 664 18.49 1.22 45.13
CA GLU B 664 18.51 2.67 45.18
C GLU B 664 19.35 3.25 44.05
N VAL B 665 20.48 2.60 43.73
CA VAL B 665 21.28 3.08 42.61
C VAL B 665 20.50 2.93 41.30
N LEU B 666 19.85 1.78 41.10
CA LEU B 666 19.02 1.58 39.91
C LEU B 666 17.94 2.64 39.82
N LEU B 667 17.31 2.95 40.96
CA LEU B 667 16.26 3.97 40.97
C LEU B 667 16.82 5.34 40.61
N GLN B 668 18.00 5.66 41.15
CA GLN B 668 18.64 6.93 40.84
C GLN B 668 18.99 7.01 39.36
N LEU B 669 19.43 5.89 38.78
CA LEU B 669 19.71 5.88 37.34
C LEU B 669 18.43 6.13 36.53
N VAL B 670 17.29 5.62 37.00
CA VAL B 670 16.03 5.92 36.35
C VAL B 670 15.70 7.41 36.47
N ARG B 671 15.88 7.99 37.66
CA ARG B 671 15.60 9.42 37.79
C ARG B 671 16.50 10.23 36.87
N ASP B 672 17.78 9.86 36.78
CA ASP B 672 18.74 10.63 36.00
C ASP B 672 18.38 10.63 34.51
N GLU B 673 18.00 9.47 33.97
CA GLU B 673 17.64 9.41 32.57
C GLU B 673 16.30 10.09 32.30
N LEU B 674 15.38 10.07 33.28
CA LEU B 674 14.12 10.80 33.14
C LEU B 674 14.37 12.31 33.18
N THR B 675 15.22 12.77 34.09
CA THR B 675 15.53 14.19 34.19
C THR B 675 16.15 14.69 32.88
N GLU B 676 16.96 13.86 32.22
CA GLU B 676 17.61 14.28 30.98
C GLU B 676 16.61 14.33 29.82
N ILE B 677 15.66 13.39 29.79
CA ILE B 677 14.56 13.46 28.84
C ILE B 677 13.75 14.72 29.07
N ARG B 678 13.48 15.05 30.33
CA ARG B 678 12.73 16.27 30.65
C ARG B 678 13.47 17.51 30.16
N ASP B 679 14.80 17.53 30.27
CA ASP B 679 15.57 18.69 29.88
C ASP B 679 15.66 18.84 28.35
N ARG B 680 15.66 17.72 27.61
CA ARG B 680 15.80 17.76 26.16
C ARG B 680 14.48 17.97 25.44
N PHE B 681 13.38 17.43 25.96
CA PHE B 681 12.07 17.50 25.31
C PHE B 681 11.01 18.22 26.12
N GLY B 682 11.26 18.55 27.38
CA GLY B 682 10.26 19.27 28.17
C GLY B 682 10.01 20.66 27.62
N ASP B 683 8.74 21.06 27.63
CA ASP B 683 8.32 22.34 27.08
C ASP B 683 7.27 22.99 27.97
N ASP B 684 6.96 24.25 27.65
CA ASP B 684 6.06 25.06 28.46
C ASP B 684 4.61 24.58 28.35
N ARG B 685 3.83 24.89 29.39
CA ARG B 685 2.41 24.61 29.39
C ARG B 685 1.70 25.50 28.37
N ARG B 686 0.74 24.94 27.62
CA ARG B 686 -0.05 25.68 26.63
C ARG B 686 -1.45 26.02 27.11
N THR B 687 -2.13 25.06 27.73
CA THR B 687 -3.47 25.29 28.22
C THR B 687 -3.40 25.99 29.58
N GLU B 688 -4.12 27.11 29.69
CA GLU B 688 -4.21 27.87 30.92
C GLU B 688 -5.40 27.36 31.74
N ILE B 689 -5.14 27.00 32.99
CA ILE B 689 -6.19 26.59 33.92
C ILE B 689 -6.58 27.82 34.73
N GLN B 690 -7.81 28.32 34.54
CA GLN B 690 -8.33 29.41 35.33
C GLN B 690 -9.28 28.89 36.40
N LEU B 691 -9.36 29.62 37.51
CA LEU B 691 -9.78 29.06 38.79
C LEU B 691 -11.28 28.82 38.88
N GLY B 692 -11.63 27.72 39.56
CA GLY B 692 -13.00 27.27 39.74
C GLY B 692 -12.97 25.94 40.49
#